data_7MLV
#
_entry.id   7MLV
#
loop_
_entity.id
_entity.type
_entity.pdbx_description
1 polymer '3D1 Fab Light Chain'
2 polymer '3D1 Fab Heavy Chain'
3 polymer 'Glycine receptor alpha 1'
4 branched alpha-D-mannopyranose-(1-3)-[alpha-D-mannopyranose-(1-6)]beta-D-mannopyranose-(1-4)-2-acetamido-2-deoxy-beta-D-glucopyranose-(1-4)-2-acetamido-2-deoxy-beta-D-glucopyranose
5 branched alpha-D-mannopyranose-(1-3)-beta-D-mannopyranose-(1-4)-2-acetamido-2-deoxy-beta-D-glucopyranose-(1-4)-2-acetamido-2-deoxy-beta-D-glucopyranose
6 branched alpha-D-mannopyranose-(1-2)-alpha-D-mannopyranose-(1-6)-alpha-D-mannopyranose-(1-6)-beta-D-mannopyranose-(1-4)-2-acetamido-2-deoxy-beta-D-glucopyranose-(1-4)-2-acetamido-2-deoxy-beta-D-glucopyranose
7 non-polymer alpha-D-mannopyranose
8 non-polymer beta-D-mannopyranose
9 non-polymer 2-acetamido-2-deoxy-beta-D-glucopyranose
#
loop_
_entity_poly.entity_id
_entity_poly.type
_entity_poly.pdbx_seq_one_letter_code
_entity_poly.pdbx_strand_id
1 'polypeptide(L)'
;DIVMTQSHKFMSTSVGDRVSITCKASQDVSTAVAWYQQKPGQSPKLLIYWASTRHTGVPGRFTGSGSGTDYTLTISSVQA
EDLSLYYCQQHYSTPRTFGGGTKLEIK
;
J,K,M,I
2 'polypeptide(L)'
;QVQLQQSGAELMKPGAAVKISCKATGHTISRYWIDWLKQRPGHGLEWIGEILPGSGSTNYNEKFKGKATFTAEKSSNTAY
MQLSSLTSEDSAVYYCAMGVRGNYFDYWGQGTTLTVSS
;
G,F,L,H
3 'polypeptide(L)'
;MYRFNTLRLYLWETIVFFSLAASKEAEAARSASKPMSPSDFLDKLMGRTSGYDARIRPNFKGPPVNVSCNIFINSFGSIA
ETTMDYRVNIFLRQQWNDPRLAYNEYPDDSLDLDPSMLDSIWKPDLFFANEKGAHFHEITTDNKLLRISRNGNVLYSIRI
TLTLACPMDLKNFPMDVQTCIMQLESFGYTMNDLIFEWQEQGAVQVADGLTLPQFILKEEKDLRYCTKHYNTGKFTCIEA
RFHLERQMGYYLIQMYIPSLLIVILSWISFWINMDAAPARVGLGITTVLTMTTQSSGSRASLPKVSYVKAIDIWMAVCLL
FVFSALLEYAAVNFVSRQHKELLRFRRKRRHHKSPMLNLFQEDEAGEGRFNFSAYGMGPACLQAKDGISVKGANNTTTNP
PPAPSKSPEEMRKLFIQRAKKIDKISRIGFPMAFLIFNMFYWIIYKIVRREDVHNQ
;
D,A,B,C
#
loop_
_chem_comp.id
_chem_comp.type
_chem_comp.name
_chem_comp.formula
BMA D-saccharide, beta linking beta-D-mannopyranose 'C6 H12 O6'
MAN D-saccharide, alpha linking alpha-D-mannopyranose 'C6 H12 O6'
NAG D-saccharide, beta linking 2-acetamido-2-deoxy-beta-D-glucopyranose 'C8 H15 N O6'
#
# COMPACT_ATOMS: atom_id res chain seq x y z
N ILE A 2 -31.41 27.56 11.64
CA ILE A 2 -32.60 27.06 12.33
C ILE A 2 -32.35 27.02 13.84
N VAL A 3 -33.39 27.31 14.62
CA VAL A 3 -33.29 27.30 16.07
C VAL A 3 -34.22 26.22 16.61
N MET A 4 -33.91 25.76 17.83
CA MET A 4 -34.69 24.76 18.52
C MET A 4 -35.43 25.42 19.68
N THR A 5 -36.74 25.60 19.51
CA THR A 5 -37.57 26.29 20.50
C THR A 5 -38.68 25.37 20.95
N GLN A 6 -38.93 25.35 22.26
CA GLN A 6 -40.08 24.62 22.80
C GLN A 6 -41.36 25.41 22.54
N SER A 7 -42.48 24.68 22.46
CA SER A 7 -43.77 25.33 22.22
C SER A 7 -44.27 26.04 23.47
N HIS A 8 -44.41 25.31 24.57
CA HIS A 8 -44.91 25.86 25.83
C HIS A 8 -43.77 25.94 26.84
N LYS A 9 -43.76 27.02 27.63
CA LYS A 9 -42.64 27.28 28.52
C LYS A 9 -42.74 26.49 29.81
N PHE A 10 -43.95 26.36 30.38
CA PHE A 10 -44.13 25.73 31.69
C PHE A 10 -45.36 24.83 31.64
N MET A 11 -45.14 23.55 31.36
CA MET A 11 -46.17 22.53 31.44
C MET A 11 -45.93 21.66 32.67
N SER A 12 -47.00 21.31 33.37
CA SER A 12 -46.90 20.52 34.59
C SER A 12 -48.14 19.66 34.74
N THR A 13 -47.95 18.47 35.29
CA THR A 13 -49.04 17.54 35.57
C THR A 13 -48.76 16.89 36.93
N SER A 14 -49.62 15.94 37.32
CA SER A 14 -49.45 15.26 38.59
C SER A 14 -48.42 14.14 38.47
N VAL A 15 -48.33 13.31 39.51
CA VAL A 15 -47.30 12.28 39.57
C VAL A 15 -47.68 11.11 38.69
N GLY A 16 -46.81 10.79 37.73
CA GLY A 16 -47.00 9.63 36.87
C GLY A 16 -48.08 9.79 35.83
N ASP A 17 -47.99 10.84 35.02
CA ASP A 17 -48.96 11.09 33.96
C ASP A 17 -48.23 11.32 32.65
N ARG A 18 -49.01 11.34 31.56
CA ARG A 18 -48.46 11.57 30.24
C ARG A 18 -48.08 13.04 30.08
N VAL A 19 -46.98 13.29 29.34
CA VAL A 19 -46.56 14.63 28.99
C VAL A 19 -46.15 14.60 27.52
N SER A 20 -46.31 15.74 26.85
CA SER A 20 -46.00 15.87 25.41
C SER A 20 -45.04 17.04 25.25
N ILE A 21 -43.74 16.75 25.33
CA ILE A 21 -42.73 17.78 25.14
C ILE A 21 -42.54 18.05 23.66
N THR A 22 -42.88 19.26 23.23
CA THR A 22 -42.80 19.66 21.84
C THR A 22 -41.54 20.49 21.62
N CYS A 23 -40.79 20.12 20.57
CA CYS A 23 -39.58 20.86 20.20
C CYS A 23 -39.77 21.30 18.73
N LYS A 24 -40.13 22.57 18.56
CA LYS A 24 -40.63 23.05 17.28
C LYS A 24 -39.48 23.34 16.32
N ALA A 25 -39.58 22.77 15.11
CA ALA A 25 -38.68 23.07 14.01
C ALA A 25 -39.51 23.28 12.75
N SER A 26 -39.00 24.12 11.85
CA SER A 26 -39.77 24.45 10.65
C SER A 26 -39.61 23.41 9.55
N GLN A 27 -38.54 22.61 9.59
CA GLN A 27 -38.30 21.61 8.56
C GLN A 27 -37.89 20.29 9.21
N ASP A 28 -37.79 19.25 8.39
CA ASP A 28 -37.34 17.93 8.82
C ASP A 28 -35.97 17.68 8.21
N VAL A 29 -34.93 17.64 9.05
CA VAL A 29 -33.58 17.42 8.56
C VAL A 29 -33.09 16.03 8.98
N SER A 30 -33.35 15.64 10.23
CA SER A 30 -32.89 14.36 10.76
C SER A 30 -33.63 14.01 12.04
N THR A 31 -33.20 12.93 12.71
CA THR A 31 -33.65 12.57 14.04
C THR A 31 -32.54 12.78 15.06
N ALA A 32 -31.53 13.53 14.68
CA ALA A 32 -30.31 13.72 15.48
C ALA A 32 -30.55 14.81 16.53
N VAL A 33 -31.34 14.47 17.55
CA VAL A 33 -31.71 15.40 18.61
C VAL A 33 -31.47 14.75 19.96
N ALA A 34 -30.68 15.41 20.82
CA ALA A 34 -30.44 14.98 22.18
C ALA A 34 -31.37 15.73 23.13
N TRP A 35 -31.38 15.30 24.39
CA TRP A 35 -32.26 15.88 25.40
C TRP A 35 -31.49 16.02 26.71
N TYR A 36 -31.91 16.99 27.53
CA TYR A 36 -31.19 17.33 28.75
C TYR A 36 -32.17 17.66 29.86
N GLN A 37 -31.71 17.54 31.10
CA GLN A 37 -32.36 18.14 32.25
C GLN A 37 -31.34 18.97 33.01
N GLN A 38 -31.78 20.09 33.57
CA GLN A 38 -30.92 20.96 34.38
C GLN A 38 -31.60 21.19 35.72
N LYS A 39 -31.15 20.46 36.74
CA LYS A 39 -31.66 20.70 38.09
C LYS A 39 -31.09 22.02 38.62
N PRO A 40 -31.83 22.72 39.50
CA PRO A 40 -31.34 24.01 39.99
C PRO A 40 -30.15 23.87 40.93
N GLY A 41 -28.97 24.25 40.46
CA GLY A 41 -27.76 24.24 41.27
C GLY A 41 -26.63 23.38 40.73
N GLN A 42 -26.88 22.47 39.78
CA GLN A 42 -25.85 21.59 39.27
C GLN A 42 -25.82 21.67 37.75
N SER A 43 -25.06 20.77 37.14
CA SER A 43 -24.81 20.85 35.71
C SER A 43 -25.88 20.09 34.93
N PRO A 44 -26.16 20.50 33.69
CA PRO A 44 -27.07 19.73 32.83
C PRO A 44 -26.45 18.40 32.41
N LYS A 45 -27.21 17.33 32.56
CA LYS A 45 -26.75 16.00 32.21
C LYS A 45 -27.50 15.47 30.98
N LEU A 46 -26.90 14.47 30.34
CA LEU A 46 -27.42 13.90 29.10
C LEU A 46 -28.34 12.74 29.40
N LEU A 47 -29.45 12.66 28.67
CA LEU A 47 -30.43 11.59 28.82
C LEU A 47 -30.54 10.73 27.57
N ILE A 48 -30.88 11.32 26.43
CA ILE A 48 -31.12 10.58 25.19
C ILE A 48 -30.15 11.13 24.15
N TYR A 49 -29.65 10.25 23.28
CA TYR A 49 -28.81 10.68 22.19
C TYR A 49 -29.28 10.04 20.88
N TRP A 50 -29.34 10.87 19.83
CA TRP A 50 -30.01 10.57 18.55
C TRP A 50 -31.47 10.15 18.74
N ALA A 51 -32.13 10.69 19.78
CA ALA A 51 -33.57 10.62 20.04
C ALA A 51 -34.15 9.22 20.21
N SER A 52 -33.31 8.18 20.26
CA SER A 52 -33.82 6.82 20.41
C SER A 52 -33.11 6.06 21.52
N THR A 53 -31.81 6.27 21.67
CA THR A 53 -30.99 5.42 22.52
C THR A 53 -30.72 6.11 23.85
N ARG A 54 -30.90 5.38 24.95
CA ARG A 54 -30.72 5.95 26.28
C ARG A 54 -29.25 5.94 26.66
N HIS A 55 -28.89 6.88 27.54
CA HIS A 55 -27.53 6.98 28.06
C HIS A 55 -27.33 5.96 29.20
N THR A 56 -26.07 5.56 29.41
CA THR A 56 -25.72 4.65 30.48
C THR A 56 -25.92 5.34 31.83
N GLY A 57 -26.98 4.94 32.54
CA GLY A 57 -27.36 5.58 33.78
C GLY A 57 -28.76 6.16 33.79
N VAL A 58 -29.47 6.15 32.67
CA VAL A 58 -30.83 6.66 32.59
C VAL A 58 -31.79 5.61 33.13
N PRO A 59 -32.59 5.92 34.16
CA PRO A 59 -33.42 4.89 34.79
C PRO A 59 -34.73 4.60 34.06
N GLY A 60 -34.66 3.85 32.97
CA GLY A 60 -35.88 3.26 32.42
C GLY A 60 -36.77 4.19 31.61
N ARG A 61 -37.87 4.63 32.23
CA ARG A 61 -39.04 5.25 31.61
C ARG A 61 -38.78 6.48 30.73
N PHE A 62 -37.60 7.09 30.85
CA PHE A 62 -37.26 8.24 30.00
C PHE A 62 -37.04 7.75 28.57
N THR A 63 -38.05 7.94 27.72
CA THR A 63 -38.06 7.41 26.35
C THR A 63 -38.26 8.57 25.38
N GLY A 64 -37.30 8.76 24.49
CA GLY A 64 -37.41 9.79 23.48
C GLY A 64 -37.92 9.23 22.15
N SER A 65 -38.45 10.14 21.33
CA SER A 65 -38.97 9.81 20.01
C SER A 65 -38.92 11.08 19.16
N GLY A 66 -39.60 11.04 18.01
CA GLY A 66 -39.67 12.21 17.15
C GLY A 66 -39.48 11.91 15.67
N SER A 67 -40.43 12.36 14.86
CA SER A 67 -40.36 12.20 13.41
C SER A 67 -41.18 13.29 12.75
N GLY A 68 -40.74 13.70 11.56
CA GLY A 68 -41.40 14.76 10.82
C GLY A 68 -40.79 16.12 11.10
N THR A 69 -41.54 17.15 10.69
CA THR A 69 -41.08 18.51 10.91
C THR A 69 -41.19 18.94 12.36
N ASP A 70 -42.17 18.41 13.09
CA ASP A 70 -42.36 18.69 14.50
C ASP A 70 -42.11 17.42 15.31
N TYR A 71 -41.60 17.60 16.53
CA TYR A 71 -41.14 16.51 17.37
C TYR A 71 -42.05 16.37 18.59
N THR A 72 -42.10 15.16 19.14
CA THR A 72 -42.88 14.86 20.33
C THR A 72 -42.29 13.64 21.01
N LEU A 73 -42.61 13.48 22.29
CA LEU A 73 -42.19 12.33 23.08
C LEU A 73 -43.19 12.14 24.22
N THR A 74 -42.91 11.20 25.11
CA THR A 74 -43.72 10.98 26.29
C THR A 74 -42.86 10.45 27.43
N ILE A 75 -43.21 10.88 28.64
CA ILE A 75 -42.59 10.39 29.88
C ILE A 75 -43.73 9.85 30.73
N SER A 76 -43.76 8.53 30.92
CA SER A 76 -44.94 7.89 31.51
C SER A 76 -44.99 8.11 33.02
N SER A 77 -44.00 7.60 33.75
CA SER A 77 -44.00 7.69 35.22
C SER A 77 -43.10 8.85 35.66
N VAL A 78 -43.73 10.01 35.79
CA VAL A 78 -43.02 11.21 36.20
C VAL A 78 -42.91 11.23 37.73
N GLN A 79 -41.68 11.31 38.23
CA GLN A 79 -41.48 11.43 39.67
C GLN A 79 -41.78 12.85 40.14
N ALA A 80 -42.10 12.98 41.43
CA ALA A 80 -42.45 14.29 41.97
C ALA A 80 -41.20 15.13 42.26
N GLU A 81 -40.04 14.49 42.39
CA GLU A 81 -38.81 15.19 42.74
C GLU A 81 -37.93 15.49 41.52
N ASP A 82 -38.38 15.17 40.31
CA ASP A 82 -37.55 15.31 39.12
C ASP A 82 -38.27 16.16 38.07
N LEU A 83 -38.83 17.28 38.50
CA LEU A 83 -39.45 18.25 37.60
C LEU A 83 -38.55 19.48 37.53
N SER A 84 -37.92 19.68 36.37
CA SER A 84 -36.96 20.77 36.21
C SER A 84 -36.95 21.20 34.75
N LEU A 85 -35.94 21.97 34.38
CA LEU A 85 -35.83 22.56 33.05
C LEU A 85 -35.41 21.50 32.04
N TYR A 86 -36.15 21.40 30.93
CA TYR A 86 -35.88 20.43 29.87
C TYR A 86 -35.53 21.21 28.60
N TYR A 87 -34.42 20.84 27.97
CA TYR A 87 -33.87 21.61 26.85
C TYR A 87 -33.81 20.77 25.59
N CYS A 88 -33.86 21.46 24.45
CA CYS A 88 -33.68 20.83 23.15
C CYS A 88 -32.20 20.81 22.77
N GLN A 89 -31.88 20.18 21.64
CA GLN A 89 -30.52 20.07 21.15
C GLN A 89 -30.58 19.77 19.65
N GLN A 90 -29.61 20.27 18.90
CA GLN A 90 -29.60 20.09 17.45
C GLN A 90 -28.13 20.09 16.99
N HIS A 91 -27.66 18.92 16.57
CA HIS A 91 -26.28 18.79 16.09
C HIS A 91 -26.21 18.32 14.65
N TYR A 92 -27.18 18.72 13.82
CA TYR A 92 -27.21 18.37 12.42
C TYR A 92 -26.88 19.55 11.51
N SER A 93 -26.47 20.67 12.10
CA SER A 93 -26.11 21.87 11.33
C SER A 93 -25.05 22.64 12.11
N THR A 94 -24.56 23.73 11.52
CA THR A 94 -23.53 24.55 12.15
C THR A 94 -24.01 25.40 13.35
N PRO A 95 -25.28 25.91 13.43
CA PRO A 95 -25.73 26.39 14.76
C PRO A 95 -26.12 25.25 15.68
N ARG A 96 -25.31 24.99 16.70
CA ARG A 96 -25.56 23.92 17.66
C ARG A 96 -26.35 24.49 18.84
N THR A 97 -27.56 24.94 18.53
CA THR A 97 -28.37 25.68 19.50
C THR A 97 -29.11 24.71 20.43
N PHE A 98 -29.38 25.18 21.65
CA PHE A 98 -30.17 24.43 22.61
C PHE A 98 -31.60 24.99 22.61
N GLY A 99 -32.39 24.57 23.60
CA GLY A 99 -33.75 25.04 23.76
C GLY A 99 -33.86 26.12 24.82
N GLY A 100 -35.10 26.62 24.97
CA GLY A 100 -35.35 27.67 25.96
C GLY A 100 -35.45 27.12 27.36
N GLY A 101 -36.14 26.00 27.53
CA GLY A 101 -36.28 25.38 28.83
C GLY A 101 -37.72 25.15 29.26
N THR A 102 -37.97 23.96 29.83
CA THR A 102 -39.31 23.62 30.31
C THR A 102 -39.23 22.80 31.58
N VAL B 2 -16.80 10.39 32.44
CA VAL B 2 -15.44 10.87 32.67
C VAL B 2 -15.50 12.22 33.40
N GLN B 3 -14.76 12.31 34.50
CA GLN B 3 -14.83 13.47 35.38
C GLN B 3 -14.08 14.65 34.76
N LEU B 4 -14.65 15.85 34.91
CA LEU B 4 -14.02 17.09 34.49
C LEU B 4 -14.11 18.09 35.63
N GLN B 5 -12.99 18.73 35.95
CA GLN B 5 -12.89 19.64 37.08
C GLN B 5 -12.55 21.04 36.57
N GLN B 6 -13.35 22.03 36.96
CA GLN B 6 -13.14 23.40 36.55
C GLN B 6 -12.54 24.21 37.70
N SER B 7 -12.44 25.52 37.52
CA SER B 7 -11.99 26.43 38.56
C SER B 7 -13.18 26.89 39.41
N GLY B 8 -12.87 27.59 40.49
CA GLY B 8 -13.89 28.06 41.42
C GLY B 8 -14.55 29.35 40.96
N ALA B 9 -15.17 30.03 41.92
CA ALA B 9 -15.81 31.31 41.64
C ALA B 9 -14.76 32.39 41.40
N GLU B 10 -15.02 33.27 40.45
CA GLU B 10 -14.05 34.26 40.02
C GLU B 10 -14.78 35.46 39.46
N LEU B 11 -14.20 36.65 39.70
CA LEU B 11 -14.82 37.91 39.32
C LEU B 11 -13.77 38.79 38.65
N MET B 12 -14.20 39.55 37.64
CA MET B 12 -13.31 40.46 36.91
C MET B 12 -14.01 41.79 36.67
N LYS B 13 -13.20 42.81 36.37
CA LYS B 13 -13.67 44.13 36.03
C LYS B 13 -14.23 44.16 34.61
N PRO B 14 -15.11 45.12 34.28
CA PRO B 14 -15.59 45.24 32.90
C PRO B 14 -14.48 45.68 31.95
N GLY B 15 -14.47 45.08 30.76
CA GLY B 15 -13.48 45.37 29.75
C GLY B 15 -12.20 44.55 29.85
N ALA B 16 -12.08 43.69 30.85
CA ALA B 16 -10.87 42.89 31.06
C ALA B 16 -11.02 41.54 30.36
N ALA B 17 -10.14 40.60 30.68
CA ALA B 17 -10.18 39.25 30.13
C ALA B 17 -10.39 38.24 31.25
N VAL B 18 -10.99 37.11 30.90
CA VAL B 18 -11.30 36.04 31.85
C VAL B 18 -10.54 34.79 31.42
N LYS B 19 -9.82 34.19 32.36
CA LYS B 19 -9.07 32.95 32.11
C LYS B 19 -9.58 31.88 33.08
N ILE B 20 -10.17 30.82 32.53
CA ILE B 20 -10.63 29.68 33.31
C ILE B 20 -9.98 28.42 32.75
N SER B 21 -9.89 27.38 33.57
CA SER B 21 -9.20 26.14 33.22
C SER B 21 -10.11 24.95 33.50
N CYS B 22 -10.33 24.11 32.49
CA CYS B 22 -11.07 22.86 32.65
C CYS B 22 -10.08 21.70 32.75
N LYS B 23 -9.73 21.37 33.99
CA LYS B 23 -8.81 20.27 34.26
C LYS B 23 -9.45 18.94 33.93
N ALA B 24 -8.78 18.16 33.09
CA ALA B 24 -9.28 16.86 32.63
C ALA B 24 -8.46 15.76 33.30
N THR B 25 -9.04 15.13 34.31
CA THR B 25 -8.37 14.05 35.02
C THR B 25 -8.84 12.70 34.53
N GLY B 26 -7.88 11.79 34.32
CA GLY B 26 -8.21 10.44 33.91
C GLY B 26 -7.77 10.08 32.51
N HIS B 27 -7.91 11.02 31.57
CA HIS B 27 -7.61 10.76 30.17
C HIS B 27 -6.62 11.79 29.64
N THR B 28 -6.11 11.52 28.44
CA THR B 28 -5.14 12.41 27.81
C THR B 28 -5.83 13.63 27.22
N ILE B 29 -5.18 14.79 27.33
CA ILE B 29 -5.80 16.04 26.92
C ILE B 29 -5.72 16.20 25.40
N SER B 30 -4.79 15.51 24.75
CA SER B 30 -4.49 15.75 23.35
C SER B 30 -5.30 14.89 22.39
N ARG B 31 -6.37 14.23 22.86
CA ARG B 31 -7.13 13.32 22.00
C ARG B 31 -8.57 13.77 21.79
N TYR B 32 -9.31 14.01 22.87
CA TYR B 32 -10.74 14.26 22.78
C TYR B 32 -11.02 15.74 22.57
N TRP B 33 -12.15 16.02 21.91
CA TRP B 33 -12.60 17.40 21.74
C TRP B 33 -13.10 17.96 23.07
N ILE B 34 -12.92 19.27 23.24
CA ILE B 34 -13.47 20.02 24.36
C ILE B 34 -14.26 21.17 23.77
N ASP B 35 -15.58 21.09 23.85
CA ASP B 35 -16.48 22.14 23.37
C ASP B 35 -17.05 22.89 24.57
N TRP B 36 -17.20 24.20 24.40
CA TRP B 36 -17.52 25.11 25.49
C TRP B 36 -18.91 25.69 25.27
N LEU B 37 -19.69 25.79 26.35
CA LEU B 37 -21.05 26.29 26.29
C LEU B 37 -21.21 27.50 27.20
N LYS B 38 -22.22 28.32 26.90
CA LYS B 38 -22.52 29.52 27.67
C LYS B 38 -23.97 29.43 28.14
N GLN B 39 -24.17 29.30 29.45
CA GLN B 39 -25.49 29.09 30.03
C GLN B 39 -25.91 30.37 30.75
N ARG B 40 -26.63 31.24 30.04
CA ARG B 40 -27.11 32.48 30.59
C ARG B 40 -28.58 32.36 30.95
N PRO B 41 -29.00 32.78 32.16
CA PRO B 41 -30.43 32.69 32.51
C PRO B 41 -31.28 33.73 31.81
N GLY B 42 -32.60 33.62 31.96
CA GLY B 42 -33.52 34.53 31.29
C GLY B 42 -33.89 34.03 29.91
N HIS B 43 -32.93 34.05 28.99
CA HIS B 43 -33.12 33.53 27.64
C HIS B 43 -32.72 32.06 27.59
N GLY B 44 -32.79 31.50 26.39
CA GLY B 44 -32.38 30.13 26.19
C GLY B 44 -30.87 29.98 26.18
N LEU B 45 -30.43 28.71 26.18
CA LEU B 45 -29.01 28.41 26.19
C LEU B 45 -28.42 28.66 24.79
N GLU B 46 -27.11 28.86 24.73
CA GLU B 46 -26.47 29.19 23.46
C GLU B 46 -25.09 28.55 23.41
N TRP B 47 -24.52 28.52 22.21
CA TRP B 47 -23.32 27.76 21.90
C TRP B 47 -22.18 28.70 21.50
N ILE B 48 -20.95 28.28 21.80
CA ILE B 48 -19.79 29.13 21.56
C ILE B 48 -18.94 28.60 20.40
N GLY B 49 -18.37 27.41 20.54
CA GLY B 49 -17.51 26.84 19.53
C GLY B 49 -16.53 25.84 20.13
N GLU B 50 -16.12 24.87 19.31
CA GLU B 50 -15.32 23.74 19.76
C GLU B 50 -13.87 23.93 19.33
N ILE B 51 -12.97 23.19 20.01
CA ILE B 51 -11.54 23.16 19.70
C ILE B 51 -10.99 21.77 19.95
N LEU B 52 -9.96 21.42 19.16
CA LEU B 52 -9.09 20.28 19.43
C LEU B 52 -7.82 20.75 20.13
N PRO B 53 -7.45 20.17 21.27
CA PRO B 53 -6.27 20.63 22.01
C PRO B 53 -4.92 20.21 21.42
N GLY B 54 -4.87 19.70 20.19
CA GLY B 54 -3.61 19.33 19.58
C GLY B 54 -3.34 20.04 18.27
N SER B 55 -4.36 20.70 17.72
CA SER B 55 -4.21 21.41 16.46
C SER B 55 -4.74 22.84 16.52
N GLY B 56 -5.69 23.13 17.39
CA GLY B 56 -6.24 24.47 17.50
C GLY B 56 -7.29 24.79 16.44
N SER B 57 -7.77 23.77 15.75
CA SER B 57 -8.84 23.95 14.78
C SER B 57 -10.16 24.23 15.48
N THR B 58 -10.99 25.06 14.85
CA THR B 58 -12.19 25.57 15.50
C THR B 58 -13.23 25.94 14.45
N ASN B 59 -14.49 26.01 14.91
CA ASN B 59 -15.64 26.43 14.11
C ASN B 59 -16.53 27.27 15.02
N TYR B 60 -16.37 28.59 14.95
CA TYR B 60 -17.12 29.47 15.83
C TYR B 60 -18.56 29.64 15.35
N ASN B 61 -19.39 30.18 16.24
CA ASN B 61 -20.69 30.69 15.83
C ASN B 61 -20.49 31.95 15.01
N GLU B 62 -21.44 32.22 14.10
CA GLU B 62 -21.28 33.34 13.17
C GLU B 62 -21.43 34.68 13.88
N LYS B 63 -22.36 34.77 14.84
CA LYS B 63 -22.55 36.02 15.57
C LYS B 63 -21.59 36.18 16.74
N PHE B 64 -20.79 35.15 17.04
CA PHE B 64 -19.93 35.15 18.22
C PHE B 64 -18.44 35.15 17.86
N LYS B 65 -18.08 35.60 16.66
CA LYS B 65 -16.67 35.65 16.28
C LYS B 65 -16.01 36.89 16.88
N GLY B 66 -14.74 36.73 17.24
CA GLY B 66 -13.98 37.82 17.83
C GLY B 66 -14.02 37.84 19.35
N LYS B 67 -15.19 37.55 19.92
CA LYS B 67 -15.33 37.52 21.37
C LYS B 67 -14.65 36.32 21.98
N ALA B 68 -14.68 35.18 21.31
CA ALA B 68 -14.15 33.92 21.83
C ALA B 68 -12.82 33.60 21.15
N THR B 69 -11.78 33.42 21.96
CA THR B 69 -10.50 32.90 21.50
C THR B 69 -10.08 31.78 22.44
N PHE B 70 -9.38 30.78 21.91
CA PHE B 70 -9.02 29.60 22.68
C PHE B 70 -7.50 29.44 22.76
N THR B 71 -7.08 28.65 23.74
CA THR B 71 -5.66 28.39 24.00
C THR B 71 -5.54 27.00 24.62
N ALA B 72 -4.67 26.18 24.07
CA ALA B 72 -4.42 24.84 24.59
C ALA B 72 -3.07 24.76 25.28
N GLU B 73 -2.95 23.83 26.20
CA GLU B 73 -1.71 23.61 26.93
C GLU B 73 -1.62 22.13 27.30
N LYS B 74 -0.62 21.44 26.78
CA LYS B 74 -0.48 20.01 27.03
C LYS B 74 0.14 19.71 28.39
N SER B 75 0.95 20.62 28.92
CA SER B 75 1.62 20.39 30.20
C SER B 75 0.68 20.54 31.38
N SER B 76 -0.44 21.26 31.24
CA SER B 76 -1.38 21.44 32.32
C SER B 76 -2.62 20.56 32.20
N ASN B 77 -2.79 19.88 31.06
CA ASN B 77 -3.94 19.01 30.76
C ASN B 77 -5.27 19.75 30.87
N THR B 78 -5.30 21.00 30.40
CA THR B 78 -6.46 21.87 30.50
C THR B 78 -6.80 22.44 29.13
N ALA B 79 -7.87 23.23 29.10
CA ALA B 79 -8.26 24.02 27.94
C ALA B 79 -8.71 25.39 28.45
N TYR B 80 -8.31 26.45 27.74
CA TYR B 80 -8.47 27.81 28.22
C TYR B 80 -9.53 28.54 27.42
N MET B 81 -10.49 29.14 28.13
CA MET B 81 -11.45 30.06 27.54
C MET B 81 -10.95 31.49 27.76
N GLN B 82 -10.91 32.27 26.68
CA GLN B 82 -10.43 33.64 26.74
C GLN B 82 -11.48 34.58 26.16
N LEU B 83 -11.65 35.74 26.81
CA LEU B 83 -12.60 36.75 26.38
C LEU B 83 -11.90 38.10 26.26
N SER B 84 -12.66 39.10 25.83
CA SER B 84 -12.19 40.47 25.68
C SER B 84 -13.40 41.39 25.61
N SER B 85 -13.24 42.59 26.19
CA SER B 85 -14.25 43.66 26.24
C SER B 85 -15.54 43.16 26.91
N LEU B 86 -15.41 42.89 28.20
CA LEU B 86 -16.50 42.35 29.01
C LEU B 86 -17.60 43.40 29.15
N THR B 87 -18.72 43.16 28.45
CA THR B 87 -19.90 44.00 28.56
C THR B 87 -20.84 43.47 29.62
N SER B 88 -22.08 43.96 29.65
CA SER B 88 -23.04 43.56 30.69
C SER B 88 -23.71 42.23 30.41
N GLU B 89 -23.37 41.55 29.31
CA GLU B 89 -23.95 40.25 28.96
C GLU B 89 -23.09 39.08 29.43
N ASP B 90 -22.37 39.26 30.54
CA ASP B 90 -21.53 38.20 31.09
C ASP B 90 -22.25 37.41 32.19
N SER B 91 -23.53 37.68 32.40
CA SER B 91 -24.31 36.96 33.41
C SER B 91 -24.64 35.57 32.87
N ALA B 92 -23.69 34.65 33.05
CA ALA B 92 -23.81 33.31 32.50
C ALA B 92 -22.93 32.37 33.32
N VAL B 93 -23.12 31.08 33.10
CA VAL B 93 -22.30 30.04 33.72
C VAL B 93 -21.59 29.28 32.62
N TYR B 94 -20.27 29.20 32.72
CA TYR B 94 -19.41 28.63 31.69
C TYR B 94 -19.19 27.16 31.97
N TYR B 95 -19.33 26.34 30.93
CA TYR B 95 -19.17 24.89 31.04
C TYR B 95 -18.17 24.40 30.00
N CYS B 96 -17.55 23.25 30.30
CA CYS B 96 -16.69 22.54 29.37
C CYS B 96 -17.29 21.16 29.15
N ALA B 97 -17.76 20.92 27.92
CA ALA B 97 -18.50 19.70 27.59
C ALA B 97 -17.68 18.86 26.63
N MET B 98 -17.34 17.64 27.05
CA MET B 98 -16.54 16.72 26.24
C MET B 98 -17.45 15.67 25.61
N GLY B 99 -17.87 15.93 24.38
CA GLY B 99 -18.62 14.96 23.61
C GLY B 99 -17.69 13.98 22.92
N VAL B 100 -17.61 12.76 23.43
CA VAL B 100 -16.58 11.82 22.99
C VAL B 100 -17.08 10.93 21.85
N ARG B 101 -18.31 10.43 21.94
CA ARG B 101 -18.86 9.53 20.93
C ARG B 101 -19.92 10.20 20.06
N GLY B 102 -19.92 11.52 20.00
CA GLY B 102 -20.89 12.23 19.20
C GLY B 102 -20.72 13.73 19.41
N ASN B 103 -21.40 14.49 18.56
CA ASN B 103 -21.42 15.95 18.70
C ASN B 103 -22.57 16.41 19.58
N TYR B 104 -23.15 15.49 20.35
CA TYR B 104 -23.90 15.85 21.54
C TYR B 104 -22.94 15.89 22.73
N PHE B 105 -23.47 16.16 23.92
CA PHE B 105 -22.62 16.40 25.08
C PHE B 105 -23.13 15.60 26.27
N ASP B 106 -22.23 14.82 26.88
CA ASP B 106 -22.58 13.98 28.02
C ASP B 106 -21.67 14.24 29.21
N TYR B 107 -20.41 14.60 28.95
CA TYR B 107 -19.39 14.74 29.98
C TYR B 107 -19.15 16.23 30.21
N TRP B 108 -19.65 16.74 31.33
CA TRP B 108 -19.70 18.17 31.62
C TRP B 108 -18.75 18.51 32.77
N GLY B 109 -18.69 19.81 33.08
CA GLY B 109 -18.01 20.30 34.25
C GLY B 109 -19.02 20.77 35.30
N GLN B 110 -18.49 21.13 36.48
CA GLN B 110 -19.38 21.48 37.58
C GLN B 110 -19.96 22.88 37.43
N GLY B 111 -19.34 23.72 36.62
CA GLY B 111 -19.83 25.08 36.41
C GLY B 111 -18.89 26.12 36.97
N THR B 112 -18.78 27.24 36.25
CA THR B 112 -17.91 28.34 36.63
C THR B 112 -18.74 29.63 36.60
N THR B 113 -18.72 30.38 37.70
CA THR B 113 -19.60 31.53 37.89
C THR B 113 -18.85 32.81 37.53
N LEU B 114 -19.24 33.42 36.42
CA LEU B 114 -18.76 34.73 36.02
C LEU B 114 -19.94 35.66 35.82
N THR B 115 -19.73 36.94 36.14
CA THR B 115 -20.74 37.97 35.93
C THR B 115 -20.05 39.33 35.84
N VAL B 116 -20.69 40.26 35.14
CA VAL B 116 -20.24 41.64 35.05
C VAL B 116 -21.41 42.58 35.32
N ILE C 2 11.43 1.19 -56.44
CA ILE C 2 11.87 2.56 -56.69
C ILE C 2 13.10 2.55 -57.57
N VAL C 3 12.93 2.89 -58.86
CA VAL C 3 14.07 3.03 -59.75
C VAL C 3 14.74 4.37 -59.52
N MET C 4 16.07 4.36 -59.43
CA MET C 4 16.85 5.56 -59.09
C MET C 4 18.06 5.63 -60.00
N THR C 5 18.02 6.53 -60.98
CA THR C 5 19.17 6.78 -61.86
C THR C 5 19.09 8.21 -62.36
N GLN C 6 20.21 8.70 -62.88
CA GLN C 6 20.34 10.06 -63.36
C GLN C 6 20.79 10.06 -64.81
N SER C 7 20.20 10.95 -65.62
CA SER C 7 20.53 11.01 -67.04
C SER C 7 21.88 11.66 -67.28
N HIS C 8 22.08 12.87 -66.76
CA HIS C 8 23.30 13.62 -66.98
C HIS C 8 24.46 13.01 -66.19
N LYS C 9 25.66 13.16 -66.73
CA LYS C 9 26.81 12.39 -66.25
C LYS C 9 28.00 13.24 -65.82
N PHE C 10 28.25 14.36 -66.49
CA PHE C 10 29.48 15.10 -66.24
C PHE C 10 29.22 16.59 -66.34
N MET C 11 29.92 17.36 -65.50
CA MET C 11 29.86 18.82 -65.50
C MET C 11 31.28 19.35 -65.31
N SER C 12 31.65 20.30 -66.18
CA SER C 12 33.00 20.86 -66.16
C SER C 12 33.04 22.07 -65.24
N THR C 13 33.98 22.06 -64.28
CA THR C 13 34.16 23.17 -63.36
C THR C 13 35.61 23.21 -62.89
N SER C 14 35.92 24.21 -62.08
CA SER C 14 37.25 24.40 -61.50
C SER C 14 37.14 24.49 -59.99
N VAL C 15 38.29 24.66 -59.34
CA VAL C 15 38.33 24.73 -57.88
C VAL C 15 37.78 26.08 -57.43
N GLY C 16 36.71 26.04 -56.64
CA GLY C 16 36.10 27.25 -56.11
C GLY C 16 34.69 27.54 -56.58
N ASP C 17 34.06 26.63 -57.32
CA ASP C 17 32.72 26.81 -57.82
C ASP C 17 31.81 25.70 -57.27
N ARG C 18 30.52 26.00 -57.19
CA ARG C 18 29.55 25.10 -56.60
C ARG C 18 29.02 24.10 -57.64
N VAL C 19 28.77 22.87 -57.20
CA VAL C 19 28.12 21.85 -58.02
C VAL C 19 27.01 21.20 -57.20
N SER C 20 25.85 21.05 -57.84
CA SER C 20 24.69 20.43 -57.21
C SER C 20 23.71 19.91 -58.26
N ILE C 21 23.52 18.59 -58.32
CA ILE C 21 22.60 17.97 -59.26
C ILE C 21 21.63 17.11 -58.44
N THR C 22 20.33 17.37 -58.63
CA THR C 22 19.29 16.68 -57.85
C THR C 22 18.81 15.46 -58.62
N CYS C 23 17.75 14.82 -58.10
CA CYS C 23 17.15 13.66 -58.75
C CYS C 23 15.66 13.66 -58.44
N LYS C 24 14.94 12.74 -59.08
CA LYS C 24 13.48 12.66 -58.97
C LYS C 24 13.10 11.23 -58.62
N ALA C 25 12.60 11.03 -57.41
CA ALA C 25 12.08 9.74 -56.97
C ALA C 25 10.58 9.71 -57.24
N SER C 26 9.89 8.68 -56.75
CA SER C 26 8.45 8.55 -56.95
C SER C 26 7.67 8.22 -55.68
N GLN C 27 8.31 7.65 -54.67
CA GLN C 27 7.65 7.25 -53.44
C GLN C 27 8.24 7.99 -52.25
N ASP C 28 7.77 7.64 -51.05
CA ASP C 28 8.12 8.36 -49.83
C ASP C 28 9.40 7.80 -49.20
N VAL C 29 10.49 8.54 -49.36
CA VAL C 29 11.78 8.21 -48.76
C VAL C 29 12.27 9.43 -47.98
N SER C 30 11.33 10.20 -47.43
CA SER C 30 11.43 11.57 -46.93
C SER C 30 12.72 11.97 -46.22
N THR C 31 13.09 11.22 -45.17
CA THR C 31 14.37 11.44 -44.52
C THR C 31 15.08 10.10 -44.32
N ALA C 32 15.13 9.29 -45.38
CA ALA C 32 15.86 8.03 -45.42
C ALA C 32 16.83 7.99 -46.59
N VAL C 33 17.60 9.06 -46.78
CA VAL C 33 18.52 9.19 -47.90
C VAL C 33 19.94 9.32 -47.37
N ALA C 34 20.85 8.49 -47.88
CA ALA C 34 22.26 8.55 -47.51
C ALA C 34 23.07 8.29 -48.78
N TRP C 35 23.51 9.38 -49.43
CA TRP C 35 24.30 9.25 -50.64
C TRP C 35 25.73 8.87 -50.30
N TYR C 36 26.26 7.86 -51.00
CA TYR C 36 27.56 7.29 -50.71
C TYR C 36 28.61 7.80 -51.69
N GLN C 37 29.81 7.23 -51.59
CA GLN C 37 30.94 7.60 -52.44
C GLN C 37 31.95 6.47 -52.41
N GLN C 38 32.18 5.83 -53.56
CA GLN C 38 33.24 4.84 -53.68
C GLN C 38 34.30 5.32 -54.66
N LYS C 39 35.55 4.97 -54.39
CA LYS C 39 36.69 5.37 -55.18
C LYS C 39 37.48 4.14 -55.61
N PRO C 40 38.20 4.19 -56.74
CA PRO C 40 39.05 3.05 -57.12
C PRO C 40 40.23 2.90 -56.16
N GLY C 41 40.41 1.68 -55.68
CA GLY C 41 41.44 1.39 -54.71
C GLY C 41 41.05 1.62 -53.26
N GLN C 42 39.83 2.09 -53.00
CA GLN C 42 39.38 2.32 -51.64
C GLN C 42 38.03 1.65 -51.38
N SER C 43 37.44 1.93 -50.23
CA SER C 43 36.16 1.39 -49.82
C SER C 43 35.04 2.39 -50.10
N PRO C 44 33.80 1.91 -50.29
CA PRO C 44 32.68 2.85 -50.43
C PRO C 44 32.38 3.56 -49.12
N LYS C 45 32.57 4.88 -49.12
CA LYS C 45 32.35 5.69 -47.94
C LYS C 45 31.08 6.51 -48.11
N LEU C 46 30.58 7.04 -47.00
CA LEU C 46 29.39 7.87 -47.02
C LEU C 46 29.77 9.34 -46.87
N LEU C 47 29.01 10.20 -47.57
CA LEU C 47 29.15 11.63 -47.42
C LEU C 47 28.04 12.25 -46.58
N ILE C 48 26.95 11.51 -46.38
CA ILE C 48 25.82 11.96 -45.57
C ILE C 48 25.04 10.73 -45.13
N TYR C 49 24.35 10.85 -43.99
CA TYR C 49 23.39 9.84 -43.57
C TYR C 49 22.26 10.53 -42.82
N TRP C 50 21.06 9.94 -42.93
CA TRP C 50 19.78 10.53 -42.49
C TRP C 50 19.52 11.91 -43.11
N ALA C 51 20.09 12.14 -44.30
CA ALA C 51 19.91 13.32 -45.16
C ALA C 51 20.32 14.66 -44.53
N SER C 52 20.91 14.65 -43.32
CA SER C 52 21.24 15.92 -42.67
C SER C 52 22.59 15.95 -41.96
N THR C 53 23.24 14.84 -41.67
CA THR C 53 24.41 14.85 -40.80
C THR C 53 25.53 13.96 -41.35
N ARG C 54 26.64 13.94 -40.60
CA ARG C 54 27.89 13.32 -41.03
C ARG C 54 28.57 12.68 -39.83
N HIS C 55 29.26 11.57 -40.07
CA HIS C 55 29.93 10.84 -38.99
C HIS C 55 31.14 11.61 -38.49
N THR C 56 31.44 11.45 -37.20
CA THR C 56 32.47 12.24 -36.54
C THR C 56 33.84 11.65 -36.81
N GLY C 57 34.82 12.53 -37.04
CA GLY C 57 36.21 12.17 -37.25
C GLY C 57 36.78 12.87 -38.47
N VAL C 58 36.00 12.91 -39.55
CA VAL C 58 36.16 13.90 -40.62
C VAL C 58 34.74 14.41 -40.90
N PRO C 59 34.24 15.40 -40.15
CA PRO C 59 32.93 15.98 -40.50
C PRO C 59 32.98 16.74 -41.81
N GLY C 60 33.83 17.77 -41.89
CA GLY C 60 34.24 18.39 -43.14
C GLY C 60 33.19 18.97 -44.05
N ARG C 61 32.86 18.22 -45.11
CA ARG C 61 32.33 18.74 -46.35
C ARG C 61 30.79 18.67 -46.40
N PHE C 62 30.16 18.26 -45.30
CA PHE C 62 28.74 17.90 -45.34
C PHE C 62 27.84 19.12 -45.46
N THR C 63 26.94 19.09 -46.43
CA THR C 63 25.81 20.01 -46.54
C THR C 63 24.77 19.36 -47.43
N GLY C 64 23.58 19.10 -46.91
CA GLY C 64 22.56 18.41 -47.67
C GLY C 64 21.20 18.56 -47.06
N SER C 65 20.18 18.44 -47.89
CA SER C 65 18.78 18.57 -47.47
C SER C 65 17.93 17.82 -48.49
N GLY C 66 16.61 18.06 -48.44
CA GLY C 66 15.70 17.42 -49.37
C GLY C 66 14.40 16.98 -48.73
N SER C 67 13.35 16.84 -49.55
CA SER C 67 12.04 16.45 -49.04
C SER C 67 11.25 15.79 -50.17
N GLY C 68 10.51 14.75 -49.81
CA GLY C 68 9.67 14.04 -50.76
C GLY C 68 10.45 13.25 -51.79
N THR C 69 10.43 13.70 -53.04
CA THR C 69 11.14 13.03 -54.13
C THR C 69 12.31 13.83 -54.66
N ASP C 70 12.50 15.07 -54.20
CA ASP C 70 13.59 15.93 -54.65
C ASP C 70 14.65 16.00 -53.55
N TYR C 71 15.90 15.74 -53.90
CA TYR C 71 16.97 15.73 -52.93
C TYR C 71 18.21 16.40 -53.50
N THR C 72 18.74 17.36 -52.75
CA THR C 72 19.96 18.06 -53.12
C THR C 72 21.05 17.75 -52.10
N LEU C 73 22.28 18.07 -52.48
CA LEU C 73 23.43 17.90 -51.58
C LEU C 73 24.47 18.92 -52.05
N THR C 74 24.58 20.02 -51.32
CA THR C 74 25.34 21.18 -51.77
C THR C 74 26.84 20.93 -51.62
N ILE C 75 27.55 20.99 -52.75
CA ILE C 75 28.99 20.86 -52.83
C ILE C 75 29.51 22.19 -53.34
N SER C 76 29.90 23.08 -52.42
CA SER C 76 30.09 24.50 -52.75
C SER C 76 31.56 24.86 -53.03
N SER C 77 32.45 24.68 -52.05
CA SER C 77 33.87 25.07 -52.17
C SER C 77 34.69 23.81 -52.44
N VAL C 78 34.81 23.46 -53.72
CA VAL C 78 35.32 22.15 -54.12
C VAL C 78 36.84 22.08 -54.04
N GLN C 79 37.37 20.86 -54.13
CA GLN C 79 38.80 20.61 -54.26
C GLN C 79 38.96 19.43 -55.23
N ALA C 80 40.20 18.98 -55.43
CA ALA C 80 40.54 18.13 -56.57
C ALA C 80 40.96 16.73 -56.14
N GLU C 81 40.22 16.11 -55.21
CA GLU C 81 40.55 14.74 -54.81
C GLU C 81 39.74 13.71 -55.59
N ASP C 82 38.46 13.98 -55.83
CA ASP C 82 37.55 12.99 -56.41
C ASP C 82 37.00 13.44 -57.76
N LEU C 83 37.14 12.57 -58.77
CA LEU C 83 36.59 12.81 -60.11
C LEU C 83 36.03 11.48 -60.62
N SER C 84 34.71 11.35 -60.63
CA SER C 84 34.05 10.13 -61.08
C SER C 84 32.63 10.47 -61.55
N LEU C 85 31.78 9.46 -61.67
CA LEU C 85 30.43 9.61 -62.22
C LEU C 85 29.42 9.55 -61.08
N TYR C 86 28.46 10.48 -61.09
CA TYR C 86 27.48 10.60 -60.01
C TYR C 86 26.22 9.79 -60.35
N TYR C 87 25.15 10.01 -59.59
CA TYR C 87 24.03 9.06 -59.47
C TYR C 87 22.92 9.74 -58.67
N CYS C 88 21.87 8.98 -58.38
CA CYS C 88 20.91 9.27 -57.32
C CYS C 88 20.35 7.95 -56.84
N GLN C 89 20.02 7.88 -55.54
CA GLN C 89 19.68 6.60 -54.95
C GLN C 89 18.67 6.77 -53.82
N GLN C 90 18.26 5.64 -53.26
CA GLN C 90 17.51 5.55 -52.02
C GLN C 90 17.79 4.18 -51.40
N HIS C 91 17.72 4.12 -50.07
CA HIS C 91 17.97 2.87 -49.36
C HIS C 91 16.87 2.50 -48.38
N TYR C 92 15.68 3.12 -48.49
CA TYR C 92 14.60 2.82 -47.57
C TYR C 92 13.89 1.53 -47.96
N SER C 93 13.48 1.42 -49.22
CA SER C 93 12.71 0.28 -49.70
C SER C 93 13.64 -0.87 -50.08
N THR C 94 13.09 -1.87 -50.77
CA THR C 94 13.89 -3.04 -51.14
C THR C 94 14.97 -2.76 -52.20
N PRO C 95 14.71 -2.03 -53.35
CA PRO C 95 15.84 -1.74 -54.24
C PRO C 95 16.82 -0.72 -53.67
N ARG C 96 18.05 -1.15 -53.39
CA ARG C 96 19.07 -0.32 -52.79
C ARG C 96 20.28 -0.29 -53.72
N THR C 97 20.53 0.86 -54.35
CA THR C 97 21.70 1.06 -55.18
C THR C 97 22.62 2.09 -54.53
N PHE C 98 23.90 2.05 -54.91
CA PHE C 98 24.92 2.90 -54.31
C PHE C 98 25.51 3.91 -55.27
N GLY C 99 25.65 3.57 -56.55
CA GLY C 99 25.91 4.54 -57.60
C GLY C 99 27.34 4.90 -57.93
N GLY C 100 27.99 5.70 -57.09
CA GLY C 100 29.24 6.31 -57.47
C GLY C 100 29.50 7.64 -56.77
N GLY C 101 29.68 8.70 -57.55
CA GLY C 101 29.79 10.05 -57.00
C GLY C 101 30.64 10.95 -57.87
N THR C 102 30.54 12.27 -57.68
CA THR C 102 31.31 13.20 -58.49
C THR C 102 31.67 14.43 -57.68
N LYS C 103 32.97 14.69 -57.54
CA LYS C 103 33.53 15.91 -56.95
C LYS C 103 33.04 16.21 -55.53
N VAL D 2 36.42 -0.70 -33.59
CA VAL D 2 35.72 -1.57 -34.52
C VAL D 2 36.35 -1.47 -35.90
N GLN D 3 37.00 -2.57 -36.31
CA GLN D 3 37.66 -2.64 -37.62
C GLN D 3 37.28 -3.94 -38.30
N LEU D 4 37.27 -3.90 -39.64
CA LEU D 4 36.94 -5.05 -40.46
C LEU D 4 38.17 -5.46 -41.28
N GLN D 5 38.37 -6.77 -41.41
CA GLN D 5 39.50 -7.33 -42.15
C GLN D 5 38.97 -8.44 -43.06
N GLN D 6 38.96 -8.19 -44.36
CA GLN D 6 38.44 -9.16 -45.30
C GLN D 6 39.53 -10.12 -45.77
N SER D 7 39.10 -11.20 -46.41
CA SER D 7 40.00 -12.28 -46.82
C SER D 7 40.64 -11.95 -48.17
N GLY D 8 41.33 -12.93 -48.75
CA GLY D 8 42.03 -12.75 -49.99
C GLY D 8 41.25 -13.21 -51.20
N ALA D 9 41.85 -13.04 -52.37
CA ALA D 9 41.21 -13.39 -53.64
C ALA D 9 41.23 -14.90 -53.85
N GLU D 10 40.46 -15.36 -54.83
CA GLU D 10 40.34 -16.77 -55.15
C GLU D 10 39.87 -16.89 -56.59
N LEU D 11 40.38 -17.92 -57.28
CA LEU D 11 40.03 -18.20 -58.66
C LEU D 11 39.27 -19.52 -58.70
N MET D 12 37.98 -19.44 -58.97
CA MET D 12 37.09 -20.60 -59.00
C MET D 12 36.70 -20.93 -60.44
N LYS D 13 35.89 -21.97 -60.56
CA LYS D 13 35.35 -22.48 -61.82
C LYS D 13 33.89 -22.07 -61.98
N PRO D 14 33.38 -22.04 -63.21
CA PRO D 14 31.93 -21.80 -63.38
C PRO D 14 31.12 -22.97 -62.85
N GLY D 15 30.40 -22.73 -61.76
CA GLY D 15 29.66 -23.77 -61.07
C GLY D 15 30.29 -24.23 -59.78
N ALA D 16 31.33 -23.56 -59.29
CA ALA D 16 32.01 -23.94 -58.07
C ALA D 16 31.40 -23.18 -56.89
N ALA D 17 32.04 -23.23 -55.72
CA ALA D 17 31.56 -22.56 -54.53
C ALA D 17 32.50 -21.42 -54.15
N VAL D 18 31.98 -20.50 -53.34
CA VAL D 18 32.70 -19.32 -52.87
C VAL D 18 32.74 -19.38 -51.35
N LYS D 19 33.93 -19.12 -50.78
CA LYS D 19 34.06 -19.04 -49.33
C LYS D 19 35.04 -17.93 -48.98
N ILE D 20 34.52 -16.86 -48.35
CA ILE D 20 35.33 -15.73 -47.91
C ILE D 20 34.99 -15.44 -46.45
N SER D 21 35.80 -14.58 -45.83
CA SER D 21 35.67 -14.25 -44.42
C SER D 21 35.93 -12.77 -44.21
N CYS D 22 35.16 -12.15 -43.32
CA CYS D 22 35.34 -10.76 -42.90
C CYS D 22 35.65 -10.78 -41.40
N LYS D 23 36.94 -10.66 -41.07
CA LYS D 23 37.39 -10.70 -39.69
C LYS D 23 37.00 -9.40 -38.98
N ALA D 24 36.26 -9.53 -37.88
CA ALA D 24 35.82 -8.38 -37.08
C ALA D 24 36.61 -8.37 -35.78
N THR D 25 37.52 -7.41 -35.65
CA THR D 25 38.37 -7.27 -34.47
C THR D 25 37.90 -6.07 -33.67
N GLY D 26 37.38 -6.33 -32.46
CA GLY D 26 36.92 -5.26 -31.60
C GLY D 26 35.57 -5.54 -30.97
N HIS D 27 34.77 -6.41 -31.60
CA HIS D 27 33.44 -6.73 -31.11
C HIS D 27 33.13 -8.18 -31.46
N THR D 28 32.08 -8.71 -30.81
CA THR D 28 31.67 -10.08 -31.05
C THR D 28 30.92 -10.18 -32.38
N ILE D 29 31.07 -11.34 -33.03
CA ILE D 29 30.44 -11.55 -34.34
C ILE D 29 28.94 -11.82 -34.20
N SER D 30 28.49 -12.25 -33.02
CA SER D 30 27.09 -12.59 -32.80
C SER D 30 26.26 -11.41 -32.31
N ARG D 31 26.65 -10.19 -32.62
CA ARG D 31 26.00 -8.99 -32.08
C ARG D 31 25.39 -8.09 -33.14
N TYR D 32 26.14 -7.77 -34.19
CA TYR D 32 25.72 -6.80 -35.19
C TYR D 32 25.37 -7.50 -36.50
N TRP D 33 24.42 -6.92 -37.23
CA TRP D 33 24.02 -7.47 -38.52
C TRP D 33 25.06 -7.13 -39.58
N ILE D 34 25.38 -8.11 -40.42
CA ILE D 34 26.32 -7.96 -41.52
C ILE D 34 25.60 -8.31 -42.81
N ASP D 35 25.60 -7.38 -43.76
CA ASP D 35 24.98 -7.58 -45.06
C ASP D 35 26.06 -7.68 -46.13
N TRP D 36 25.82 -8.55 -47.11
CA TRP D 36 26.74 -8.74 -48.23
C TRP D 36 26.10 -8.16 -49.48
N LEU D 37 26.84 -7.26 -50.15
CA LEU D 37 26.36 -6.60 -51.35
C LEU D 37 27.25 -6.99 -52.52
N LYS D 38 26.63 -7.30 -53.65
CA LYS D 38 27.34 -7.67 -54.87
C LYS D 38 27.61 -6.40 -55.67
N GLN D 39 28.83 -5.88 -55.57
CA GLN D 39 29.19 -4.62 -56.23
C GLN D 39 29.68 -4.93 -57.63
N ARG D 40 28.73 -5.04 -58.57
CA ARG D 40 29.05 -5.33 -59.96
C ARG D 40 29.17 -4.03 -60.74
N PRO D 41 30.29 -3.75 -61.38
CA PRO D 41 30.42 -2.51 -62.15
C PRO D 41 29.63 -2.56 -63.45
N GLY D 42 29.30 -1.39 -63.96
CA GLY D 42 28.53 -1.27 -65.19
C GLY D 42 27.03 -1.25 -65.03
N HIS D 43 26.48 -2.20 -64.27
CA HIS D 43 25.05 -2.28 -64.03
C HIS D 43 24.71 -1.65 -62.67
N GLY D 44 23.44 -1.74 -62.31
CA GLY D 44 22.98 -1.21 -61.03
C GLY D 44 23.28 -2.16 -59.87
N LEU D 45 22.90 -1.71 -58.69
CA LEU D 45 23.10 -2.48 -57.46
C LEU D 45 21.76 -2.71 -56.77
N GLU D 46 21.65 -3.83 -56.07
CA GLU D 46 20.38 -4.23 -55.49
C GLU D 46 20.61 -5.10 -54.27
N TRP D 47 19.56 -5.22 -53.45
CA TRP D 47 19.65 -5.86 -52.14
C TRP D 47 19.74 -7.38 -52.27
N ILE D 48 20.62 -7.99 -51.48
CA ILE D 48 20.86 -9.42 -51.54
C ILE D 48 20.17 -10.12 -50.37
N GLY D 49 20.57 -9.78 -49.16
CA GLY D 49 20.05 -10.41 -47.95
C GLY D 49 21.13 -10.47 -46.89
N GLU D 50 20.71 -10.39 -45.64
CA GLU D 50 21.62 -10.31 -44.50
C GLU D 50 21.22 -11.33 -43.45
N ILE D 51 22.15 -11.62 -42.54
CA ILE D 51 21.95 -12.53 -41.42
C ILE D 51 22.57 -11.96 -40.16
N LEU D 52 22.02 -12.36 -39.02
CA LEU D 52 22.73 -12.23 -37.75
C LEU D 52 23.51 -13.52 -37.48
N PRO D 53 24.83 -13.42 -37.28
CA PRO D 53 25.64 -14.64 -37.08
C PRO D 53 25.45 -15.34 -35.73
N GLY D 54 24.54 -14.87 -34.88
CA GLY D 54 24.28 -15.53 -33.61
C GLY D 54 22.98 -16.30 -33.56
N SER D 55 21.94 -15.76 -34.19
CA SER D 55 20.62 -16.37 -34.18
C SER D 55 20.27 -17.07 -35.47
N GLY D 56 20.93 -16.73 -36.58
CA GLY D 56 20.63 -17.36 -37.86
C GLY D 56 19.38 -16.86 -38.55
N SER D 57 18.82 -15.74 -38.11
CA SER D 57 17.65 -15.16 -38.77
C SER D 57 18.05 -14.52 -40.08
N THR D 58 17.22 -14.73 -41.11
CA THR D 58 17.55 -14.30 -42.45
C THR D 58 16.36 -13.61 -43.10
N ASN D 59 16.65 -12.82 -44.13
CA ASN D 59 15.65 -12.10 -44.92
C ASN D 59 16.20 -12.04 -46.35
N TYR D 60 15.70 -12.92 -47.22
CA TYR D 60 16.16 -12.98 -48.59
C TYR D 60 15.27 -12.15 -49.52
N ASN D 61 15.74 -11.97 -50.74
CA ASN D 61 14.94 -11.43 -51.83
C ASN D 61 14.24 -12.59 -52.53
N GLU D 62 13.11 -12.27 -53.18
CA GLU D 62 12.34 -13.31 -53.87
C GLU D 62 13.07 -13.84 -55.09
N LYS D 63 13.80 -12.97 -55.80
CA LYS D 63 14.56 -13.41 -56.96
C LYS D 63 15.89 -14.04 -56.58
N PHE D 64 16.28 -14.00 -55.30
CA PHE D 64 17.59 -14.44 -54.87
C PHE D 64 17.53 -15.63 -53.91
N LYS D 65 16.42 -16.36 -53.90
CA LYS D 65 16.33 -17.55 -53.05
C LYS D 65 17.08 -18.71 -53.69
N GLY D 66 17.84 -19.42 -52.87
CA GLY D 66 18.64 -20.54 -53.36
C GLY D 66 20.05 -20.18 -53.81
N LYS D 67 20.22 -19.02 -54.43
CA LYS D 67 21.55 -18.60 -54.86
C LYS D 67 22.40 -18.15 -53.68
N ALA D 68 21.81 -17.39 -52.75
CA ALA D 68 22.53 -16.88 -51.59
C ALA D 68 22.32 -17.81 -50.40
N THR D 69 23.42 -18.33 -49.87
CA THR D 69 23.41 -19.14 -48.65
C THR D 69 24.48 -18.62 -47.71
N PHE D 70 24.26 -18.81 -46.41
CA PHE D 70 25.12 -18.24 -45.39
C PHE D 70 25.67 -19.35 -44.48
N THR D 71 26.71 -18.99 -43.71
CA THR D 71 27.32 -19.89 -42.74
C THR D 71 27.90 -19.04 -41.63
N ALA D 72 27.51 -19.33 -40.39
CA ALA D 72 27.93 -18.55 -39.24
C ALA D 72 28.92 -19.33 -38.38
N GLU D 73 29.81 -18.60 -37.72
CA GLU D 73 30.78 -19.19 -36.80
C GLU D 73 31.10 -18.17 -35.71
N LYS D 74 31.06 -18.62 -34.45
CA LYS D 74 31.24 -17.70 -33.34
C LYS D 74 32.71 -17.53 -32.95
N SER D 75 33.48 -18.62 -33.00
CA SER D 75 34.85 -18.61 -32.48
C SER D 75 35.88 -18.08 -33.46
N SER D 76 35.47 -17.58 -34.62
CA SER D 76 36.40 -17.06 -35.62
C SER D 76 36.22 -15.58 -35.89
N ASN D 77 35.14 -14.96 -35.37
CA ASN D 77 34.80 -13.54 -35.58
C ASN D 77 34.65 -13.19 -37.06
N THR D 78 34.18 -14.14 -37.87
CA THR D 78 34.02 -13.94 -39.30
C THR D 78 32.60 -14.30 -39.71
N ALA D 79 32.25 -13.91 -40.94
CA ALA D 79 30.98 -14.27 -41.56
C ALA D 79 31.27 -14.91 -42.91
N TYR D 80 30.79 -16.13 -43.10
CA TYR D 80 31.09 -16.91 -44.30
C TYR D 80 29.95 -16.78 -45.30
N MET D 81 30.28 -16.28 -46.48
CA MET D 81 29.35 -16.20 -47.60
C MET D 81 29.57 -17.39 -48.53
N GLN D 82 28.48 -18.08 -48.86
CA GLN D 82 28.53 -19.27 -49.69
C GLN D 82 27.68 -19.08 -50.93
N LEU D 83 28.21 -19.49 -52.08
CA LEU D 83 27.50 -19.40 -53.35
C LEU D 83 27.50 -20.76 -54.03
N SER D 84 26.70 -20.87 -55.09
CA SER D 84 26.59 -22.10 -55.86
C SER D 84 26.12 -21.75 -57.26
N SER D 85 26.52 -22.59 -58.23
CA SER D 85 26.23 -22.44 -59.66
C SER D 85 26.69 -21.07 -60.18
N LEU D 86 28.01 -20.88 -60.16
CA LEU D 86 28.61 -19.61 -60.56
C LEU D 86 28.51 -19.41 -62.06
N THR D 87 27.90 -18.29 -62.46
CA THR D 87 27.76 -17.94 -63.86
C THR D 87 28.95 -17.08 -64.28
N SER D 88 28.85 -16.46 -65.46
CA SER D 88 29.92 -15.60 -65.99
C SER D 88 29.83 -14.16 -65.51
N GLU D 89 29.07 -13.88 -64.46
CA GLU D 89 28.91 -12.54 -63.92
C GLU D 89 29.39 -12.47 -62.47
N ASP D 90 30.43 -13.22 -62.15
CA ASP D 90 31.02 -13.19 -60.81
C ASP D 90 32.08 -12.11 -60.67
N SER D 91 32.30 -11.30 -61.71
CA SER D 91 33.28 -10.23 -61.66
C SER D 91 32.77 -9.08 -60.80
N ALA D 92 32.88 -9.21 -59.48
CA ALA D 92 32.39 -8.21 -58.56
C ALA D 92 33.21 -8.29 -57.27
N VAL D 93 33.25 -7.17 -56.55
CA VAL D 93 34.00 -7.07 -55.30
C VAL D 93 33.02 -7.20 -54.16
N TYR D 94 33.26 -8.18 -53.28
CA TYR D 94 32.37 -8.46 -52.17
C TYR D 94 32.71 -7.59 -50.97
N TYR D 95 31.68 -7.16 -50.25
CA TYR D 95 31.83 -6.25 -49.12
C TYR D 95 31.00 -6.74 -47.94
N CYS D 96 31.62 -6.82 -46.78
CA CYS D 96 30.91 -7.08 -45.53
C CYS D 96 30.37 -5.77 -44.98
N ALA D 97 29.18 -5.38 -45.47
CA ALA D 97 28.56 -4.10 -45.11
C ALA D 97 27.85 -4.26 -43.77
N MET D 98 28.49 -3.76 -42.71
CA MET D 98 27.93 -3.82 -41.36
C MET D 98 27.41 -2.43 -40.99
N GLY D 99 26.15 -2.18 -41.32
CA GLY D 99 25.50 -0.96 -40.92
C GLY D 99 24.97 -1.08 -39.50
N VAL D 100 25.62 -0.39 -38.56
CA VAL D 100 25.33 -0.66 -37.15
C VAL D 100 24.06 0.06 -36.70
N ARG D 101 23.78 1.26 -37.18
CA ARG D 101 22.76 2.11 -36.60
C ARG D 101 21.75 2.57 -37.65
N GLY D 102 21.32 1.64 -38.50
CA GLY D 102 20.25 1.94 -39.44
C GLY D 102 20.28 0.99 -40.61
N ASN D 103 19.33 1.21 -41.51
CA ASN D 103 19.25 0.45 -42.76
C ASN D 103 20.30 0.86 -43.78
N TYR D 104 20.99 1.97 -43.54
CA TYR D 104 22.15 2.36 -44.35
C TYR D 104 23.37 1.61 -43.84
N PHE D 105 24.53 1.85 -44.46
CA PHE D 105 25.73 1.10 -44.12
C PHE D 105 26.90 2.06 -43.99
N ASP D 106 27.68 1.91 -42.92
CA ASP D 106 28.80 2.79 -42.62
C ASP D 106 30.14 2.08 -42.51
N TYR D 107 30.15 0.85 -42.00
CA TYR D 107 31.40 0.12 -41.81
C TYR D 107 31.63 -0.84 -42.97
N TRP D 108 32.86 -0.83 -43.49
CA TRP D 108 33.17 -1.51 -44.74
C TRP D 108 34.54 -2.17 -44.62
N GLY D 109 34.85 -3.01 -45.61
CA GLY D 109 36.13 -3.67 -45.69
C GLY D 109 37.02 -3.10 -46.79
N GLN D 110 38.22 -3.67 -46.89
CA GLN D 110 39.20 -3.18 -47.86
C GLN D 110 38.95 -3.66 -49.28
N GLY D 111 38.07 -4.64 -49.48
CA GLY D 111 37.78 -5.13 -50.82
C GLY D 111 38.13 -6.59 -51.03
N THR D 112 37.16 -7.39 -51.42
CA THR D 112 37.33 -8.82 -51.67
C THR D 112 37.06 -9.06 -53.16
N THR D 113 38.14 -9.08 -53.94
CA THR D 113 38.03 -9.16 -55.40
C THR D 113 37.83 -10.61 -55.83
N LEU D 114 36.66 -10.90 -56.39
CA LEU D 114 36.37 -12.19 -56.98
C LEU D 114 35.99 -12.03 -58.44
N THR D 115 36.39 -13.02 -59.25
CA THR D 115 36.01 -13.08 -60.65
C THR D 115 36.10 -14.53 -61.12
N VAL D 116 35.25 -14.87 -62.09
CA VAL D 116 35.28 -16.19 -62.71
C VAL D 116 35.34 -16.04 -64.23
N ILE E 2 -45.37 -21.80 6.34
CA ILE E 2 -44.52 -22.87 5.83
C ILE E 2 -44.93 -24.19 6.45
N VAL E 3 -45.28 -25.17 5.60
CA VAL E 3 -45.74 -26.47 6.03
C VAL E 3 -45.15 -27.50 5.07
N MET E 4 -45.15 -28.77 5.48
CA MET E 4 -44.64 -29.87 4.64
C MET E 4 -45.67 -30.99 4.76
N THR E 5 -46.64 -30.99 3.85
CA THR E 5 -47.84 -31.82 3.97
C THR E 5 -47.73 -33.04 3.07
N GLN E 6 -48.03 -34.22 3.62
CA GLN E 6 -48.03 -35.46 2.85
C GLN E 6 -49.36 -35.63 2.12
N SER E 7 -49.57 -36.81 1.55
CA SER E 7 -50.78 -37.06 0.76
C SER E 7 -51.96 -37.40 1.64
N HIS E 8 -51.86 -38.48 2.41
CA HIS E 8 -52.97 -38.98 3.21
C HIS E 8 -52.54 -39.22 4.64
N LYS E 9 -53.38 -39.91 5.42
CA LYS E 9 -53.03 -40.31 6.77
C LYS E 9 -52.80 -41.81 6.91
N PHE E 10 -52.98 -42.58 5.84
CA PHE E 10 -52.79 -44.02 5.89
C PHE E 10 -52.43 -44.56 4.51
N MET E 11 -51.48 -45.48 4.47
CA MET E 11 -51.12 -46.26 3.29
C MET E 11 -51.38 -47.74 3.54
N SER E 12 -51.03 -48.55 2.55
CA SER E 12 -51.07 -50.00 2.66
C SER E 12 -49.69 -50.57 2.35
N THR E 13 -49.39 -51.71 2.96
CA THR E 13 -48.09 -52.35 2.80
C THR E 13 -48.26 -53.80 2.34
N SER E 14 -47.22 -54.29 1.65
CA SER E 14 -47.16 -55.67 1.20
C SER E 14 -45.69 -56.04 1.02
N VAL E 15 -45.34 -57.27 1.38
CA VAL E 15 -43.94 -57.70 1.41
C VAL E 15 -43.44 -57.94 -0.01
N GLY E 16 -42.34 -57.27 -0.35
CA GLY E 16 -41.69 -57.48 -1.62
C GLY E 16 -42.22 -56.66 -2.78
N ASP E 17 -42.59 -55.40 -2.53
CA ASP E 17 -43.13 -54.54 -3.58
C ASP E 17 -42.42 -53.18 -3.60
N ARG E 18 -42.96 -52.26 -4.38
CA ARG E 18 -42.44 -50.90 -4.48
C ARG E 18 -43.54 -49.92 -4.09
N VAL E 19 -43.19 -48.94 -3.27
CA VAL E 19 -44.15 -47.94 -2.80
C VAL E 19 -43.91 -46.64 -3.55
N SER E 20 -44.89 -45.74 -3.48
CA SER E 20 -44.76 -44.42 -4.09
C SER E 20 -45.59 -43.46 -3.25
N ILE E 21 -44.93 -42.80 -2.30
CA ILE E 21 -45.55 -41.83 -1.41
C ILE E 21 -45.04 -40.44 -1.79
N THR E 22 -45.92 -39.45 -1.77
CA THR E 22 -45.56 -38.08 -2.09
C THR E 22 -45.66 -37.18 -0.86
N CYS E 23 -44.95 -36.06 -0.92
CA CYS E 23 -44.95 -35.08 0.15
C CYS E 23 -44.78 -33.70 -0.46
N LYS E 24 -45.70 -32.79 -0.15
CA LYS E 24 -45.71 -31.47 -0.74
C LYS E 24 -45.51 -30.42 0.33
N ALA E 25 -45.30 -29.18 -0.11
CA ALA E 25 -45.09 -28.05 0.78
C ALA E 25 -46.18 -27.00 0.54
N SER E 26 -46.05 -25.86 1.23
CA SER E 26 -46.98 -24.77 1.02
C SER E 26 -46.74 -24.07 -0.32
N GLN E 27 -45.47 -24.01 -0.75
CA GLN E 27 -45.15 -23.53 -2.08
C GLN E 27 -44.15 -24.47 -2.75
N ASP E 28 -43.82 -24.21 -4.01
CA ASP E 28 -42.88 -25.04 -4.76
C ASP E 28 -41.48 -24.53 -4.44
N VAL E 29 -40.85 -25.15 -3.45
CA VAL E 29 -39.65 -24.56 -2.85
C VAL E 29 -38.40 -24.93 -3.65
N SER E 30 -38.06 -26.22 -3.66
CA SER E 30 -36.77 -26.69 -4.16
C SER E 30 -36.85 -28.20 -4.33
N THR E 31 -35.69 -28.83 -4.53
CA THR E 31 -35.59 -30.28 -4.62
C THR E 31 -34.80 -30.75 -3.40
N ALA E 32 -35.13 -30.20 -2.24
CA ALA E 32 -34.46 -30.54 -0.98
C ALA E 32 -35.23 -31.64 -0.24
N VAL E 33 -35.23 -32.84 -0.81
CA VAL E 33 -35.97 -33.94 -0.21
C VAL E 33 -35.14 -34.58 0.90
N ALA E 34 -35.77 -34.76 2.06
CA ALA E 34 -35.10 -35.37 3.20
C ALA E 34 -36.06 -36.31 3.91
N TRP E 35 -35.92 -37.61 3.67
CA TRP E 35 -36.67 -38.63 4.39
C TRP E 35 -35.83 -39.12 5.56
N TYR E 36 -36.46 -39.30 6.72
CA TYR E 36 -35.76 -39.67 7.93
C TYR E 36 -36.11 -41.08 8.38
N GLN E 37 -35.06 -41.87 8.67
CA GLN E 37 -35.18 -43.27 9.04
C GLN E 37 -35.40 -43.39 10.55
N GLN E 38 -36.64 -43.65 10.94
CA GLN E 38 -36.95 -43.85 12.35
C GLN E 38 -37.64 -45.19 12.56
N LYS E 39 -37.81 -45.54 13.83
CA LYS E 39 -38.54 -46.73 14.25
C LYS E 39 -39.29 -46.42 15.54
N PRO E 40 -40.41 -47.11 15.80
CA PRO E 40 -41.14 -46.87 17.05
C PRO E 40 -40.39 -47.39 18.26
N GLY E 41 -39.87 -46.47 19.08
CA GLY E 41 -39.18 -46.86 20.29
C GLY E 41 -37.78 -46.27 20.46
N GLN E 42 -37.08 -46.07 19.35
CA GLN E 42 -35.69 -45.62 19.37
C GLN E 42 -35.56 -44.27 18.67
N SER E 43 -34.30 -43.84 18.52
CA SER E 43 -34.03 -42.51 17.98
C SER E 43 -34.04 -42.53 16.45
N PRO E 44 -34.48 -41.44 15.82
CA PRO E 44 -34.48 -41.40 14.35
C PRO E 44 -33.08 -41.24 13.77
N LYS E 45 -32.94 -41.64 12.51
CA LYS E 45 -31.79 -41.37 11.65
C LYS E 45 -32.33 -40.87 10.31
N LEU E 46 -31.46 -40.79 9.31
CA LEU E 46 -31.90 -40.47 7.95
C LEU E 46 -31.68 -41.68 7.04
N LEU E 47 -32.35 -41.65 5.90
CA LEU E 47 -32.04 -42.55 4.80
C LEU E 47 -31.68 -41.83 3.51
N ILE E 48 -32.43 -40.78 3.15
CA ILE E 48 -32.25 -40.08 1.88
C ILE E 48 -32.12 -38.58 2.14
N TYR E 49 -31.07 -37.99 1.57
CA TYR E 49 -30.94 -36.53 1.56
C TYR E 49 -30.64 -36.06 0.14
N TRP E 50 -31.25 -34.92 -0.22
CA TRP E 50 -31.22 -34.32 -1.56
C TRP E 50 -31.71 -35.28 -2.65
N ALA E 51 -32.63 -36.17 -2.28
CA ALA E 51 -33.42 -37.06 -3.15
C ALA E 51 -32.62 -38.13 -3.88
N SER E 52 -31.29 -38.11 -3.80
CA SER E 52 -30.47 -39.13 -4.45
C SER E 52 -29.31 -39.65 -3.62
N THR E 53 -28.81 -38.91 -2.63
CA THR E 53 -27.58 -39.26 -1.95
C THR E 53 -27.93 -39.99 -0.65
N ARG E 54 -26.97 -40.64 0.00
CA ARG E 54 -27.30 -41.57 1.07
C ARG E 54 -26.18 -41.65 2.12
N HIS E 55 -26.57 -41.77 3.39
CA HIS E 55 -25.61 -41.90 4.48
C HIS E 55 -25.01 -43.31 4.50
N THR E 56 -23.78 -43.41 4.99
CA THR E 56 -23.09 -44.68 5.10
C THR E 56 -23.66 -45.52 6.25
N GLY E 57 -23.43 -46.83 6.17
CA GLY E 57 -23.98 -47.76 7.14
C GLY E 57 -25.48 -47.88 6.99
N VAL E 58 -25.93 -48.45 5.89
CA VAL E 58 -27.33 -48.33 5.48
C VAL E 58 -27.76 -49.62 4.78
N PRO E 59 -29.03 -50.02 4.89
CA PRO E 59 -29.57 -50.99 3.93
C PRO E 59 -29.68 -50.37 2.55
N GLY E 60 -29.05 -51.00 1.57
CA GLY E 60 -28.95 -50.47 0.23
C GLY E 60 -30.12 -50.75 -0.69
N ARG E 61 -31.31 -50.95 -0.15
CA ARG E 61 -32.52 -51.22 -0.94
C ARG E 61 -33.32 -49.95 -1.23
N PHE E 62 -32.68 -48.78 -1.26
CA PHE E 62 -33.36 -47.50 -1.33
C PHE E 62 -33.23 -46.91 -2.73
N THR E 63 -34.33 -46.43 -3.28
CA THR E 63 -34.37 -45.77 -4.59
C THR E 63 -35.10 -44.44 -4.44
N GLY E 64 -34.35 -43.38 -4.17
CA GLY E 64 -34.96 -42.07 -4.01
C GLY E 64 -35.16 -41.39 -5.36
N SER E 65 -36.27 -40.68 -5.49
CA SER E 65 -36.60 -39.98 -6.72
C SER E 65 -37.46 -38.77 -6.37
N GLY E 66 -38.12 -38.20 -7.38
CA GLY E 66 -39.02 -37.08 -7.17
C GLY E 66 -38.34 -35.73 -7.22
N SER E 67 -38.98 -34.76 -7.87
CA SER E 67 -38.42 -33.43 -8.02
C SER E 67 -39.54 -32.44 -8.28
N GLY E 68 -39.33 -31.21 -7.82
CA GLY E 68 -40.30 -30.16 -8.09
C GLY E 68 -41.52 -30.27 -7.20
N THR E 69 -42.70 -30.26 -7.83
CA THR E 69 -43.95 -30.34 -7.08
C THR E 69 -44.37 -31.76 -6.76
N ASP E 70 -43.66 -32.76 -7.30
CA ASP E 70 -43.99 -34.16 -7.08
C ASP E 70 -42.76 -34.88 -6.56
N TYR E 71 -42.79 -35.26 -5.28
CA TYR E 71 -41.74 -36.06 -4.67
C TYR E 71 -42.17 -37.52 -4.63
N THR E 72 -41.18 -38.41 -4.64
CA THR E 72 -41.48 -39.84 -4.67
C THR E 72 -40.37 -40.61 -3.96
N LEU E 73 -40.73 -41.30 -2.88
CA LEU E 73 -39.85 -42.22 -2.19
C LEU E 73 -40.26 -43.65 -2.55
N THR E 74 -39.31 -44.42 -3.07
CA THR E 74 -39.61 -45.75 -3.60
C THR E 74 -38.65 -46.76 -2.99
N ILE E 75 -39.21 -47.71 -2.23
CA ILE E 75 -38.44 -48.86 -1.78
C ILE E 75 -38.30 -49.83 -2.95
N SER E 76 -37.17 -50.54 -3.01
CA SER E 76 -36.99 -51.53 -4.06
C SER E 76 -37.73 -52.81 -3.73
N SER E 77 -37.47 -53.38 -2.55
CA SER E 77 -38.19 -54.54 -2.04
C SER E 77 -38.53 -54.28 -0.58
N VAL E 78 -39.78 -54.57 -0.20
CA VAL E 78 -40.24 -54.31 1.16
C VAL E 78 -39.71 -55.39 2.09
N GLN E 79 -38.90 -54.99 3.06
CA GLN E 79 -38.41 -55.92 4.08
C GLN E 79 -39.47 -56.07 5.18
N ALA E 80 -39.21 -56.95 6.13
CA ALA E 80 -40.09 -57.13 7.28
C ALA E 80 -39.52 -56.59 8.57
N GLU E 81 -38.23 -56.24 8.61
CA GLU E 81 -37.59 -55.71 9.80
C GLU E 81 -37.64 -54.19 9.88
N ASP E 82 -38.15 -53.51 8.84
CA ASP E 82 -38.18 -52.06 8.84
C ASP E 82 -39.60 -51.51 8.64
N LEU E 83 -40.59 -52.11 9.28
CA LEU E 83 -41.97 -51.62 9.18
C LEU E 83 -42.10 -50.40 10.09
N SER E 84 -41.93 -49.21 9.49
CA SER E 84 -41.99 -47.96 10.24
C SER E 84 -42.32 -46.82 9.30
N LEU E 85 -42.76 -45.70 9.88
CA LEU E 85 -43.18 -44.54 9.13
C LEU E 85 -42.02 -43.56 8.98
N TYR E 86 -42.05 -42.76 7.91
CA TYR E 86 -40.92 -41.90 7.57
C TYR E 86 -41.34 -40.43 7.50
N TYR E 87 -40.38 -39.51 7.61
CA TYR E 87 -40.67 -38.09 7.80
C TYR E 87 -40.04 -37.30 6.66
N CYS E 88 -40.88 -36.62 5.88
CA CYS E 88 -40.38 -35.80 4.77
C CYS E 88 -40.07 -34.39 5.26
N GLN E 89 -38.93 -33.85 4.80
CA GLN E 89 -38.52 -32.50 5.15
C GLN E 89 -38.09 -31.74 3.89
N GLN E 90 -38.44 -30.45 3.84
CA GLN E 90 -37.76 -29.50 2.97
C GLN E 90 -36.71 -28.76 3.79
N HIS E 91 -35.52 -28.58 3.21
CA HIS E 91 -34.42 -27.93 3.93
C HIS E 91 -33.77 -26.86 3.04
N TYR E 92 -34.60 -26.01 2.44
CA TYR E 92 -34.14 -24.83 1.73
C TYR E 92 -34.57 -23.52 2.38
N SER E 93 -35.79 -23.45 2.91
CA SER E 93 -36.25 -22.26 3.61
C SER E 93 -35.89 -22.36 5.10
N THR E 94 -35.91 -21.22 5.78
CA THR E 94 -35.55 -21.18 7.20
C THR E 94 -36.51 -21.87 8.18
N PRO E 95 -37.82 -22.05 7.92
CA PRO E 95 -38.55 -23.03 8.75
C PRO E 95 -38.27 -24.45 8.28
N ARG E 96 -37.81 -25.29 9.20
CA ARG E 96 -37.46 -26.68 8.90
C ARG E 96 -38.62 -27.57 9.33
N THR E 97 -39.68 -27.55 8.53
CA THR E 97 -40.91 -28.27 8.86
C THR E 97 -40.75 -29.74 8.46
N PHE E 98 -41.11 -30.65 9.36
CA PHE E 98 -41.04 -32.07 9.09
C PHE E 98 -42.35 -32.54 8.48
N GLY E 99 -42.53 -33.86 8.36
CA GLY E 99 -43.70 -34.44 7.75
C GLY E 99 -44.82 -34.70 8.74
N GLY E 100 -46.01 -34.96 8.20
CA GLY E 100 -47.18 -35.21 9.01
C GLY E 100 -47.35 -36.65 9.44
N GLY E 101 -47.39 -37.56 8.46
CA GLY E 101 -47.55 -38.98 8.76
C GLY E 101 -48.65 -39.65 7.95
N THR E 102 -48.29 -40.69 7.22
CA THR E 102 -49.22 -41.46 6.39
C THR E 102 -48.92 -42.93 6.64
N LYS E 103 -49.58 -43.50 7.66
CA LYS E 103 -49.24 -44.80 8.23
C LYS E 103 -49.40 -45.96 7.24
N LEU E 104 -48.29 -46.61 6.91
CA LEU E 104 -48.30 -47.73 5.97
C LEU E 104 -48.85 -48.99 6.63
N VAL F 2 -17.75 -39.99 17.30
CA VAL F 2 -18.70 -38.96 17.71
C VAL F 2 -19.89 -39.58 18.42
N GLN F 3 -20.09 -39.19 19.68
CA GLN F 3 -21.19 -39.67 20.51
C GLN F 3 -21.90 -38.48 21.12
N LEU F 4 -23.22 -38.44 20.97
CA LEU F 4 -24.06 -37.38 21.51
C LEU F 4 -24.80 -37.94 22.73
N GLN F 5 -24.24 -37.68 23.92
CA GLN F 5 -24.79 -38.22 25.16
C GLN F 5 -25.67 -37.16 25.83
N GLN F 6 -26.88 -37.56 26.22
CA GLN F 6 -27.79 -36.68 26.91
C GLN F 6 -27.90 -37.08 28.38
N SER F 7 -28.78 -36.41 29.12
CA SER F 7 -28.99 -36.71 30.53
C SER F 7 -30.11 -37.74 30.68
N GLY F 8 -30.42 -38.08 31.93
CA GLY F 8 -31.44 -39.06 32.23
C GLY F 8 -32.83 -38.46 32.23
N ALA F 9 -33.77 -39.23 32.80
CA ALA F 9 -35.16 -38.80 32.88
C ALA F 9 -35.33 -37.73 33.96
N GLU F 10 -36.32 -36.87 33.76
CA GLU F 10 -36.58 -35.78 34.69
C GLU F 10 -38.05 -35.37 34.57
N LEU F 11 -38.65 -35.09 35.71
CA LEU F 11 -40.05 -34.68 35.76
C LEU F 11 -40.13 -33.33 36.45
N MET F 12 -40.88 -32.40 35.85
CA MET F 12 -40.97 -31.03 36.33
C MET F 12 -42.42 -30.63 36.54
N LYS F 13 -42.61 -29.65 37.42
CA LYS F 13 -43.91 -29.09 37.73
C LYS F 13 -44.35 -28.13 36.62
N PRO F 14 -45.65 -27.88 36.48
CA PRO F 14 -46.10 -26.88 35.51
C PRO F 14 -45.69 -25.47 35.92
N GLY F 15 -45.27 -24.69 34.92
CA GLY F 15 -44.80 -23.35 35.16
C GLY F 15 -43.34 -23.22 35.54
N ALA F 16 -42.61 -24.33 35.58
CA ALA F 16 -41.20 -24.33 35.95
C ALA F 16 -40.33 -24.19 34.70
N ALA F 17 -39.03 -24.43 34.85
CA ALA F 17 -38.10 -24.42 33.74
C ALA F 17 -37.41 -25.78 33.63
N VAL F 18 -36.99 -26.13 32.41
CA VAL F 18 -36.37 -27.41 32.12
C VAL F 18 -34.95 -27.15 31.63
N LYS F 19 -33.98 -27.74 32.30
CA LYS F 19 -32.57 -27.65 31.93
C LYS F 19 -32.05 -29.03 31.57
N ILE F 20 -31.70 -29.23 30.30
CA ILE F 20 -31.13 -30.49 29.82
C ILE F 20 -29.80 -30.21 29.14
N SER F 21 -28.96 -31.22 29.08
CA SER F 21 -27.62 -31.10 28.49
C SER F 21 -27.47 -32.02 27.29
N CYS F 22 -26.33 -31.86 26.60
CA CYS F 22 -25.99 -32.71 25.45
C CYS F 22 -24.46 -32.82 25.40
N LYS F 23 -23.95 -33.91 25.98
CA LYS F 23 -22.51 -34.15 25.99
C LYS F 23 -22.05 -34.68 24.64
N ALA F 24 -21.01 -34.05 24.09
CA ALA F 24 -20.46 -34.43 22.80
C ALA F 24 -19.00 -34.83 23.00
N THR F 25 -18.73 -36.13 22.91
CA THR F 25 -17.39 -36.66 23.10
C THR F 25 -16.73 -36.92 21.75
N GLY F 26 -15.40 -36.78 21.73
CA GLY F 26 -14.65 -37.01 20.51
C GLY F 26 -14.11 -35.74 19.89
N HIS F 27 -14.90 -34.67 19.92
CA HIS F 27 -14.53 -33.39 19.35
C HIS F 27 -14.96 -32.26 20.28
N THR F 28 -14.54 -31.05 19.95
CA THR F 28 -14.84 -29.89 20.77
C THR F 28 -16.31 -29.49 20.66
N ILE F 29 -16.84 -28.86 21.70
CA ILE F 29 -18.27 -28.60 21.77
C ILE F 29 -18.66 -27.45 20.84
N SER F 30 -17.74 -26.53 20.57
CA SER F 30 -18.03 -25.37 19.72
C SER F 30 -17.60 -25.59 18.27
N ARG F 31 -17.50 -26.84 17.83
CA ARG F 31 -16.99 -27.13 16.49
C ARG F 31 -18.10 -27.06 15.45
N TYR F 32 -19.16 -27.84 15.63
CA TYR F 32 -20.25 -27.95 14.66
C TYR F 32 -21.52 -27.34 15.24
N TRP F 33 -22.53 -27.23 14.38
CA TRP F 33 -23.84 -26.75 14.83
C TRP F 33 -24.55 -27.83 15.65
N ILE F 34 -25.08 -27.43 16.80
CA ILE F 34 -25.87 -28.33 17.62
C ILE F 34 -27.32 -27.86 17.60
N ASP F 35 -28.15 -28.50 16.79
CA ASP F 35 -29.55 -28.12 16.69
C ASP F 35 -30.39 -29.05 17.57
N TRP F 36 -31.48 -28.49 18.07
CA TRP F 36 -32.37 -29.17 19.01
C TRP F 36 -33.72 -29.42 18.34
N LEU F 37 -34.24 -30.62 18.52
CA LEU F 37 -35.53 -30.98 17.95
C LEU F 37 -36.45 -31.50 19.05
N LYS F 38 -37.75 -31.34 18.83
CA LYS F 38 -38.78 -31.76 19.78
C LYS F 38 -39.69 -32.78 19.10
N GLN F 39 -39.75 -33.99 19.66
CA GLN F 39 -40.49 -35.10 19.07
C GLN F 39 -41.74 -35.36 19.91
N ARG F 40 -42.85 -34.74 19.51
CA ARG F 40 -44.13 -34.89 20.20
C ARG F 40 -45.06 -35.79 19.42
N PRO F 41 -45.65 -36.81 20.05
CA PRO F 41 -46.57 -37.69 19.32
C PRO F 41 -47.93 -37.08 19.09
N GLY F 42 -48.82 -37.82 18.42
CA GLY F 42 -50.15 -37.34 18.13
C GLY F 42 -50.26 -36.64 16.79
N HIS F 43 -49.43 -35.61 16.60
CA HIS F 43 -49.37 -34.84 15.37
C HIS F 43 -47.97 -34.96 14.78
N GLY F 44 -47.69 -34.11 13.79
CA GLY F 44 -46.36 -34.01 13.20
C GLY F 44 -45.37 -33.34 14.12
N LEU F 45 -44.16 -33.13 13.62
CA LEU F 45 -43.09 -32.59 14.43
C LEU F 45 -42.89 -31.11 14.09
N GLU F 46 -41.86 -30.52 14.69
CA GLU F 46 -41.70 -29.08 14.64
C GLU F 46 -40.22 -28.71 14.86
N TRP F 47 -39.86 -27.53 14.38
CA TRP F 47 -38.49 -27.04 14.41
C TRP F 47 -38.29 -26.04 15.54
N ILE F 48 -37.10 -26.05 16.13
CA ILE F 48 -36.79 -25.19 17.26
C ILE F 48 -35.75 -24.12 16.94
N GLY F 49 -34.58 -24.50 16.42
CA GLY F 49 -33.55 -23.55 16.06
C GLY F 49 -32.17 -24.01 16.51
N GLU F 50 -31.17 -23.65 15.71
CA GLU F 50 -29.80 -24.07 15.93
C GLU F 50 -28.99 -22.92 16.52
N ILE F 51 -27.87 -23.29 17.16
CA ILE F 51 -26.97 -22.33 17.79
C ILE F 51 -25.52 -22.73 17.50
N LEU F 52 -24.66 -21.72 17.41
CA LEU F 52 -23.22 -21.99 17.43
C LEU F 52 -22.69 -21.81 18.84
N PRO F 53 -22.10 -22.85 19.44
CA PRO F 53 -21.66 -22.76 20.84
C PRO F 53 -20.44 -21.87 21.08
N GLY F 54 -19.83 -21.32 20.04
CA GLY F 54 -18.69 -20.44 20.23
C GLY F 54 -19.09 -18.97 20.30
N SER F 55 -20.20 -18.62 19.67
CA SER F 55 -20.69 -17.24 19.66
C SER F 55 -22.03 -17.10 20.36
N GLY F 56 -23.02 -17.90 19.99
CA GLY F 56 -24.35 -17.81 20.57
C GLY F 56 -25.42 -17.27 19.63
N SER F 57 -25.11 -17.10 18.35
CA SER F 57 -26.12 -16.64 17.39
C SER F 57 -27.12 -17.76 17.12
N THR F 58 -28.36 -17.35 16.82
CA THR F 58 -29.45 -18.30 16.73
C THR F 58 -30.42 -17.86 15.64
N ASN F 59 -31.31 -18.78 15.28
CA ASN F 59 -32.42 -18.52 14.35
C ASN F 59 -33.65 -19.17 14.96
N TYR F 60 -34.48 -18.36 15.63
CA TYR F 60 -35.67 -18.89 16.29
C TYR F 60 -36.77 -19.16 15.29
N ASN F 61 -37.71 -20.03 15.69
CA ASN F 61 -38.96 -20.17 14.99
C ASN F 61 -39.86 -18.99 15.36
N GLU F 62 -40.76 -18.63 14.44
CA GLU F 62 -41.63 -17.47 14.66
C GLU F 62 -42.64 -17.73 15.76
N LYS F 63 -43.14 -18.97 15.86
CA LYS F 63 -44.09 -19.29 16.93
C LYS F 63 -43.40 -19.53 18.26
N PHE F 64 -42.08 -19.71 18.25
CA PHE F 64 -41.35 -20.15 19.44
C PHE F 64 -40.39 -19.09 19.97
N LYS F 65 -40.59 -17.82 19.64
CA LYS F 65 -39.76 -16.77 20.22
C LYS F 65 -40.18 -16.51 21.67
N GLY F 66 -39.25 -16.68 22.59
CA GLY F 66 -39.56 -16.58 24.01
C GLY F 66 -39.83 -17.91 24.68
N LYS F 67 -40.45 -18.83 23.94
CA LYS F 67 -40.69 -20.16 24.48
C LYS F 67 -39.41 -20.99 24.54
N ALA F 68 -38.58 -20.88 23.50
CA ALA F 68 -37.35 -21.65 23.40
C ALA F 68 -36.15 -20.71 23.44
N THR F 69 -35.33 -20.84 24.48
CA THR F 69 -34.11 -20.06 24.65
C THR F 69 -32.95 -21.01 24.82
N PHE F 70 -31.75 -20.59 24.40
CA PHE F 70 -30.60 -21.46 24.35
C PHE F 70 -29.47 -20.93 25.25
N THR F 71 -28.60 -21.84 25.66
CA THR F 71 -27.43 -21.53 26.47
C THR F 71 -26.30 -22.46 26.02
N ALA F 72 -25.07 -21.96 26.00
CA ALA F 72 -23.93 -22.79 25.62
C ALA F 72 -22.79 -22.64 26.62
N GLU F 73 -21.83 -23.57 26.61
CA GLU F 73 -20.71 -23.55 27.53
C GLU F 73 -19.56 -24.34 26.93
N LYS F 74 -18.36 -23.78 27.05
CA LYS F 74 -17.15 -24.40 26.52
C LYS F 74 -16.47 -25.32 27.52
N SER F 75 -16.53 -24.98 28.80
CA SER F 75 -15.78 -25.74 29.82
C SER F 75 -16.42 -27.08 30.13
N SER F 76 -17.75 -27.16 30.16
CA SER F 76 -18.43 -28.41 30.47
C SER F 76 -18.57 -29.32 29.27
N ASN F 77 -18.21 -28.84 28.06
CA ASN F 77 -18.31 -29.56 26.79
C ASN F 77 -19.72 -30.07 26.51
N THR F 78 -20.73 -29.29 26.89
CA THR F 78 -22.13 -29.64 26.68
C THR F 78 -22.85 -28.47 26.05
N ALA F 79 -24.09 -28.73 25.62
CA ALA F 79 -24.99 -27.71 25.11
C ALA F 79 -26.27 -27.73 25.92
N TYR F 80 -26.78 -26.56 26.28
CA TYR F 80 -27.88 -26.43 27.22
C TYR F 80 -29.17 -26.07 26.49
N MET F 81 -30.26 -26.05 27.28
CA MET F 81 -31.59 -25.73 26.77
C MET F 81 -32.42 -25.22 27.94
N GLN F 82 -33.11 -24.10 27.74
CA GLN F 82 -33.95 -23.50 28.77
C GLN F 82 -35.37 -23.35 28.25
N LEU F 83 -36.33 -23.62 29.12
CA LEU F 83 -37.74 -23.55 28.76
C LEU F 83 -38.43 -22.59 29.73
N SER F 84 -39.70 -22.26 29.43
CA SER F 84 -40.52 -21.39 30.26
C SER F 84 -41.97 -21.63 29.92
N SER F 85 -42.84 -21.45 30.93
CA SER F 85 -44.30 -21.61 30.84
C SER F 85 -44.68 -23.01 30.37
N LEU F 86 -44.37 -23.98 31.23
CA LEU F 86 -44.58 -25.40 30.93
C LEU F 86 -46.08 -25.70 30.95
N THR F 87 -46.69 -25.71 29.77
CA THR F 87 -48.09 -26.07 29.60
C THR F 87 -48.19 -27.58 29.36
N SER F 88 -49.34 -28.06 28.91
CA SER F 88 -49.56 -29.49 28.73
C SER F 88 -48.95 -30.03 27.43
N GLU F 89 -48.26 -29.19 26.65
CA GLU F 89 -47.63 -29.63 25.40
C GLU F 89 -46.15 -29.98 25.60
N ASP F 90 -45.78 -30.47 26.78
CA ASP F 90 -44.41 -30.85 27.08
C ASP F 90 -44.19 -32.35 26.94
N SER F 91 -45.24 -33.13 26.65
CA SER F 91 -45.14 -34.58 26.51
C SER F 91 -44.47 -34.88 25.18
N ALA F 92 -43.13 -34.88 25.20
CA ALA F 92 -42.34 -35.07 24.00
C ALA F 92 -40.98 -35.65 24.38
N VAL F 93 -40.22 -36.05 23.37
CA VAL F 93 -38.87 -36.56 23.54
C VAL F 93 -37.90 -35.59 22.88
N TYR F 94 -36.92 -35.13 23.64
CA TYR F 94 -36.00 -34.07 23.21
C TYR F 94 -34.76 -34.70 22.60
N TYR F 95 -34.27 -34.10 21.52
CA TYR F 95 -33.10 -34.58 20.81
C TYR F 95 -32.15 -33.43 20.52
N CYS F 96 -30.86 -33.70 20.52
CA CYS F 96 -29.83 -32.73 20.14
C CYS F 96 -29.10 -33.28 18.91
N ALA F 97 -29.51 -32.80 17.72
CA ALA F 97 -28.92 -33.27 16.49
C ALA F 97 -27.70 -32.42 16.12
N MET F 98 -26.80 -33.02 15.35
CA MET F 98 -25.60 -32.34 14.84
C MET F 98 -25.46 -32.72 13.36
N GLY F 99 -26.10 -31.94 12.49
CA GLY F 99 -25.97 -32.14 11.06
C GLY F 99 -24.75 -31.42 10.54
N VAL F 100 -23.70 -32.17 10.18
CA VAL F 100 -22.43 -31.55 9.84
C VAL F 100 -22.43 -30.92 8.45
N ARG F 101 -22.73 -31.70 7.40
CA ARG F 101 -22.58 -31.25 6.02
C ARG F 101 -23.89 -30.78 5.41
N GLY F 102 -24.85 -30.36 6.22
CA GLY F 102 -26.11 -29.85 5.71
C GLY F 102 -27.03 -29.51 6.84
N ASN F 103 -28.12 -28.82 6.49
CA ASN F 103 -29.19 -28.50 7.44
C ASN F 103 -30.16 -29.67 7.66
N TYR F 104 -29.93 -30.80 7.00
CA TYR F 104 -30.50 -32.07 7.41
C TYR F 104 -29.62 -32.63 8.53
N PHE F 105 -30.04 -33.73 9.16
CA PHE F 105 -29.38 -34.18 10.38
C PHE F 105 -29.15 -35.68 10.34
N ASP F 106 -27.90 -36.08 10.57
CA ASP F 106 -27.50 -37.48 10.60
C ASP F 106 -27.19 -37.97 12.00
N TYR F 107 -26.49 -37.17 12.81
CA TYR F 107 -26.20 -37.55 14.18
C TYR F 107 -27.32 -37.10 15.11
N TRP F 108 -27.61 -37.92 16.11
CA TRP F 108 -28.74 -37.70 16.99
C TRP F 108 -28.38 -38.16 18.40
N GLY F 109 -29.25 -37.79 19.36
CA GLY F 109 -29.11 -38.28 20.71
C GLY F 109 -30.06 -39.42 21.01
N GLN F 110 -29.88 -40.02 22.18
CA GLN F 110 -30.71 -41.16 22.57
C GLN F 110 -32.11 -40.75 23.01
N GLY F 111 -32.32 -39.49 23.33
CA GLY F 111 -33.63 -39.01 23.72
C GLY F 111 -33.73 -38.79 25.22
N THR F 112 -34.43 -37.73 25.59
CA THR F 112 -34.68 -37.39 26.99
C THR F 112 -36.17 -37.20 27.20
N THR F 113 -36.73 -37.92 28.17
CA THR F 113 -38.16 -38.01 28.39
C THR F 113 -38.61 -36.86 29.29
N LEU F 114 -39.44 -35.97 28.74
CA LEU F 114 -40.08 -34.91 29.50
C LEU F 114 -41.58 -34.97 29.27
N THR F 115 -42.34 -34.63 30.31
CA THR F 115 -43.79 -34.54 30.23
C THR F 115 -44.29 -33.62 31.34
N VAL F 116 -45.45 -33.01 31.09
CA VAL F 116 -46.15 -32.20 32.08
C VAL F 116 -47.62 -32.58 32.09
N ILE G 2 2.16 42.32 -26.99
CA ILE G 2 1.56 42.42 -25.66
C ILE G 2 1.33 43.88 -25.30
N VAL G 3 0.08 44.24 -25.04
CA VAL G 3 -0.27 45.59 -24.62
C VAL G 3 0.17 45.77 -23.18
N MET G 4 1.18 46.61 -22.96
CA MET G 4 1.77 46.80 -21.63
C MET G 4 2.45 48.15 -21.61
N THR G 5 2.01 49.01 -20.70
CA THR G 5 2.60 50.33 -20.48
C THR G 5 2.19 50.81 -19.08
N GLN G 6 2.88 51.83 -18.60
CA GLN G 6 2.46 52.59 -17.43
C GLN G 6 2.20 54.01 -17.90
N SER G 7 0.93 54.40 -17.98
CA SER G 7 0.55 55.62 -18.68
C SER G 7 0.87 56.89 -17.90
N HIS G 8 1.26 56.78 -16.63
CA HIS G 8 1.57 57.94 -15.81
C HIS G 8 3.00 57.83 -15.29
N LYS G 9 3.73 58.93 -15.37
CA LYS G 9 5.15 58.97 -15.01
C LYS G 9 5.43 59.87 -13.82
N PHE G 10 5.02 61.13 -13.88
CA PHE G 10 5.32 62.12 -12.85
C PHE G 10 4.02 62.57 -12.19
N MET G 11 3.70 61.97 -11.05
CA MET G 11 2.48 62.27 -10.31
C MET G 11 2.80 63.07 -9.05
N SER G 12 1.76 63.70 -8.50
CA SER G 12 1.92 64.50 -7.30
C SER G 12 1.93 63.62 -6.06
N THR G 13 2.61 64.11 -5.02
CA THR G 13 2.73 63.37 -3.77
C THR G 13 3.00 64.34 -2.62
N SER G 14 2.69 63.87 -1.42
CA SER G 14 3.00 64.59 -0.19
C SER G 14 3.06 63.57 0.94
N VAL G 15 3.37 64.04 2.14
CA VAL G 15 3.55 63.17 3.30
C VAL G 15 2.18 62.72 3.78
N GLY G 16 1.86 61.44 3.62
CA GLY G 16 0.64 60.89 4.16
C GLY G 16 -0.53 60.86 3.20
N ASP G 17 -0.33 60.30 2.01
CA ASP G 17 -1.39 60.23 0.99
C ASP G 17 -1.56 58.81 0.50
N ARG G 18 -2.56 58.62 -0.35
CA ARG G 18 -2.83 57.36 -1.03
C ARG G 18 -2.94 57.64 -2.51
N VAL G 19 -2.40 56.74 -3.33
CA VAL G 19 -2.32 56.95 -4.78
C VAL G 19 -2.80 55.69 -5.49
N SER G 20 -3.41 55.88 -6.65
CA SER G 20 -3.85 54.80 -7.51
C SER G 20 -2.91 54.67 -8.69
N ILE G 21 -2.36 53.48 -8.89
CA ILE G 21 -1.33 53.22 -9.88
C ILE G 21 -1.91 52.31 -10.96
N THR G 22 -1.52 52.57 -12.22
CA THR G 22 -2.02 51.80 -13.36
C THR G 22 -0.84 51.20 -14.12
N CYS G 23 -0.62 49.90 -13.96
CA CYS G 23 0.21 49.13 -14.87
C CYS G 23 -0.69 48.58 -15.98
N LYS G 24 -0.83 49.40 -17.01
CA LYS G 24 -1.94 49.27 -17.95
C LYS G 24 -1.77 48.09 -18.90
N ALA G 25 -2.84 47.32 -19.04
CA ALA G 25 -2.94 46.26 -20.02
C ALA G 25 -4.38 46.20 -20.50
N SER G 26 -4.57 45.66 -21.71
CA SER G 26 -5.90 45.57 -22.30
C SER G 26 -6.42 44.14 -22.40
N GLN G 27 -5.56 43.17 -22.70
CA GLN G 27 -5.95 41.77 -22.72
C GLN G 27 -5.72 41.15 -21.35
N ASP G 28 -5.99 39.86 -21.23
CA ASP G 28 -5.78 39.13 -19.99
C ASP G 28 -4.41 38.46 -20.00
N VAL G 29 -3.73 38.52 -18.85
CA VAL G 29 -2.50 37.78 -18.68
C VAL G 29 -2.60 36.81 -17.50
N SER G 30 -2.78 37.35 -16.28
CA SER G 30 -2.95 36.62 -15.03
C SER G 30 -3.24 37.60 -13.90
N THR G 31 -3.58 37.10 -12.72
CA THR G 31 -3.55 37.91 -11.50
C THR G 31 -2.22 37.66 -10.78
N ALA G 32 -1.14 37.97 -11.50
CA ALA G 32 0.24 37.72 -11.04
C ALA G 32 1.12 38.87 -11.50
N VAL G 33 1.26 39.89 -10.64
CA VAL G 33 2.19 40.99 -10.86
C VAL G 33 3.05 41.15 -9.61
N ALA G 34 4.10 41.94 -9.75
CA ALA G 34 5.00 42.23 -8.63
C ALA G 34 5.53 43.65 -8.80
N TRP G 35 5.36 44.45 -7.75
CA TRP G 35 5.77 45.86 -7.76
C TRP G 35 7.15 45.97 -7.14
N TYR G 36 8.14 46.33 -7.96
CA TYR G 36 9.52 46.48 -7.54
C TYR G 36 9.82 47.95 -7.34
N GLN G 37 10.13 48.35 -6.11
CA GLN G 37 10.51 49.72 -5.78
C GLN G 37 12.02 49.86 -5.87
N GLN G 38 12.48 50.81 -6.66
CA GLN G 38 13.91 50.99 -6.94
C GLN G 38 14.33 52.39 -6.54
N LYS G 39 15.21 52.48 -5.55
CA LYS G 39 15.86 53.75 -5.24
C LYS G 39 16.89 54.06 -6.33
N PRO G 40 17.15 55.34 -6.61
CA PRO G 40 18.10 55.69 -7.67
C PRO G 40 19.53 55.28 -7.32
N GLY G 41 20.05 54.33 -8.07
CA GLY G 41 21.39 53.81 -7.83
C GLY G 41 21.45 52.60 -6.93
N GLN G 42 20.35 51.85 -6.84
CA GLN G 42 20.28 50.66 -6.00
C GLN G 42 19.57 49.55 -6.76
N SER G 43 19.19 48.50 -6.05
CA SER G 43 18.52 47.36 -6.65
C SER G 43 17.03 47.43 -6.36
N PRO G 44 16.16 47.05 -7.32
CA PRO G 44 14.72 46.98 -7.03
C PRO G 44 14.39 45.85 -6.08
N LYS G 45 13.81 46.17 -4.92
CA LYS G 45 13.54 45.16 -3.91
C LYS G 45 12.12 44.61 -4.05
N LEU G 46 11.85 43.52 -3.34
CA LEU G 46 10.55 42.87 -3.36
C LEU G 46 9.68 43.45 -2.25
N LEU G 47 8.46 43.86 -2.61
CA LEU G 47 7.52 44.37 -1.62
C LEU G 47 6.17 43.69 -1.68
N ILE G 48 5.77 43.15 -2.84
CA ILE G 48 4.50 42.47 -3.01
C ILE G 48 4.68 41.44 -4.13
N TYR G 49 3.89 40.37 -4.06
CA TYR G 49 3.99 39.31 -5.06
C TYR G 49 2.64 38.60 -5.19
N TRP G 50 2.33 38.22 -6.43
CA TRP G 50 1.00 37.79 -6.89
C TRP G 50 -0.11 38.76 -6.49
N ALA G 51 0.22 40.05 -6.44
CA ALA G 51 -0.68 41.21 -6.28
C ALA G 51 -1.38 41.30 -4.94
N SER G 52 -1.26 40.30 -4.06
CA SER G 52 -1.94 40.35 -2.76
C SER G 52 -1.10 39.91 -1.58
N THR G 53 -0.05 39.11 -1.76
CA THR G 53 0.67 38.51 -0.65
C THR G 53 1.98 39.26 -0.43
N ARG G 54 2.22 39.65 0.83
CA ARG G 54 3.33 40.53 1.19
C ARG G 54 4.50 39.70 1.69
N HIS G 55 5.72 40.15 1.36
CA HIS G 55 6.95 39.48 1.77
C HIS G 55 7.37 39.94 3.16
N THR G 56 8.10 39.08 3.86
CA THR G 56 8.62 39.38 5.20
C THR G 56 9.67 40.49 5.12
N GLY G 57 9.46 41.53 5.94
CA GLY G 57 10.31 42.70 5.91
C GLY G 57 9.68 43.93 5.30
N VAL G 58 8.38 43.91 5.03
CA VAL G 58 7.66 45.03 4.43
C VAL G 58 6.58 45.46 5.41
N PRO G 59 6.44 46.76 5.71
CA PRO G 59 5.37 47.22 6.59
C PRO G 59 3.99 47.09 5.94
N GLY G 60 2.97 47.32 6.76
CA GLY G 60 1.58 47.18 6.36
C GLY G 60 1.04 48.25 5.44
N ARG G 61 1.86 49.23 5.03
CA ARG G 61 1.38 50.27 4.13
C ARG G 61 1.26 49.79 2.70
N PHE G 62 2.24 49.01 2.23
CA PHE G 62 2.28 48.54 0.85
C PHE G 62 1.30 47.38 0.71
N THR G 63 0.07 47.70 0.27
CA THR G 63 -0.98 46.71 0.08
C THR G 63 -1.36 46.70 -1.40
N GLY G 64 -1.05 45.61 -2.09
CA GLY G 64 -1.41 45.50 -3.48
C GLY G 64 -2.88 45.15 -3.69
N SER G 65 -3.38 45.54 -4.85
CA SER G 65 -4.77 45.28 -5.22
C SER G 65 -4.82 45.10 -6.74
N GLY G 66 -6.02 45.12 -7.29
CA GLY G 66 -6.21 44.99 -8.72
C GLY G 66 -6.69 43.60 -9.11
N SER G 67 -7.47 43.55 -10.19
CA SER G 67 -8.01 42.30 -10.69
C SER G 67 -8.30 42.43 -12.17
N GLY G 68 -7.85 41.47 -12.96
CA GLY G 68 -8.12 41.45 -14.38
C GLY G 68 -7.01 42.01 -15.24
N THR G 69 -7.16 43.25 -15.72
CA THR G 69 -6.20 43.86 -16.62
C THR G 69 -5.37 44.95 -15.94
N ASP G 70 -6.03 45.92 -15.31
CA ASP G 70 -5.36 47.05 -14.68
C ASP G 70 -5.16 46.73 -13.20
N TYR G 71 -3.90 46.66 -12.78
CA TYR G 71 -3.56 46.33 -11.41
C TYR G 71 -3.03 47.58 -10.69
N THR G 72 -3.22 47.60 -9.37
CA THR G 72 -2.99 48.83 -8.61
C THR G 72 -2.32 48.49 -7.29
N LEU G 73 -1.15 49.10 -7.05
CA LEU G 73 -0.56 49.10 -5.71
C LEU G 73 -1.14 50.24 -4.91
N THR G 74 -1.67 49.93 -3.73
CA THR G 74 -2.42 50.89 -2.91
C THR G 74 -1.66 51.13 -1.60
N ILE G 75 -0.89 52.21 -1.56
CA ILE G 75 -0.23 52.60 -0.33
C ILE G 75 -1.17 53.47 0.50
N SER G 76 -0.95 53.49 1.81
CA SER G 76 -1.86 54.19 2.72
C SER G 76 -1.28 55.49 3.28
N SER G 77 -0.04 55.48 3.76
CA SER G 77 0.58 56.66 4.34
C SER G 77 1.97 56.82 3.77
N VAL G 78 2.26 58.00 3.22
CA VAL G 78 3.56 58.25 2.61
C VAL G 78 4.49 58.88 3.64
N GLN G 79 5.64 58.26 3.84
CA GLN G 79 6.71 58.80 4.67
C GLN G 79 7.78 59.42 3.78
N ALA G 80 8.92 59.80 4.39
CA ALA G 80 10.04 60.37 3.68
C ALA G 80 11.07 59.32 3.27
N GLU G 81 10.65 58.06 3.13
CA GLU G 81 11.56 56.98 2.75
C GLU G 81 11.02 56.17 1.57
N ASP G 82 10.01 56.67 0.87
CA ASP G 82 9.51 55.93 -0.29
C ASP G 82 9.20 56.82 -1.50
N LEU G 83 9.69 58.06 -1.54
CA LEU G 83 9.50 58.93 -2.70
C LEU G 83 10.57 58.56 -3.72
N SER G 84 10.25 57.61 -4.57
CA SER G 84 11.24 57.06 -5.50
C SER G 84 10.52 56.49 -6.72
N LEU G 85 11.27 55.77 -7.55
CA LEU G 85 10.82 55.15 -8.78
C LEU G 85 10.45 53.69 -8.52
N TYR G 86 9.53 53.17 -9.33
CA TYR G 86 9.08 51.80 -9.16
C TYR G 86 8.59 51.24 -10.49
N TYR G 87 8.50 49.90 -10.54
CA TYR G 87 8.22 49.14 -11.75
C TYR G 87 7.17 48.06 -11.45
N CYS G 88 6.41 47.68 -12.49
CA CYS G 88 5.52 46.51 -12.39
C CYS G 88 6.11 45.35 -13.20
N GLN G 89 5.41 44.22 -13.22
CA GLN G 89 5.99 43.01 -13.81
C GLN G 89 4.89 42.14 -14.39
N GLN G 90 5.19 41.52 -15.53
CA GLN G 90 4.33 40.55 -16.19
C GLN G 90 4.86 39.14 -15.93
N HIS G 91 3.96 38.21 -15.64
CA HIS G 91 4.37 36.88 -15.21
C HIS G 91 3.95 35.76 -16.16
N TYR G 92 2.75 35.84 -16.74
CA TYR G 92 2.14 34.70 -17.44
C TYR G 92 2.50 34.66 -18.92
N SER G 93 3.64 35.24 -19.31
CA SER G 93 4.12 35.16 -20.67
C SER G 93 5.61 34.88 -20.64
N THR G 94 6.14 34.36 -21.75
CA THR G 94 7.56 34.09 -21.83
C THR G 94 8.43 35.36 -21.93
N PRO G 95 8.04 36.49 -22.60
CA PRO G 95 8.82 37.72 -22.39
C PRO G 95 8.49 38.40 -21.06
N ARG G 96 9.14 37.95 -19.98
CA ARG G 96 8.90 38.49 -18.65
C ARG G 96 9.57 39.87 -18.54
N THR G 97 8.92 40.86 -19.13
CA THR G 97 9.44 42.22 -19.19
C THR G 97 8.81 43.09 -18.12
N PHE G 98 9.54 44.12 -17.71
CA PHE G 98 9.09 45.00 -16.63
C PHE G 98 8.32 46.18 -17.19
N GLY G 99 7.71 46.95 -16.30
CA GLY G 99 6.90 48.09 -16.70
C GLY G 99 7.73 49.27 -17.15
N GLY G 100 7.02 50.31 -17.58
CA GLY G 100 7.65 51.52 -18.08
C GLY G 100 8.34 52.33 -17.00
N GLY G 101 7.56 52.88 -16.06
CA GLY G 101 8.12 53.68 -14.99
C GLY G 101 7.17 54.73 -14.47
N THR G 102 7.20 54.97 -13.15
CA THR G 102 6.40 56.03 -12.53
C THR G 102 7.15 56.51 -11.30
N LYS G 103 7.39 57.82 -11.21
CA LYS G 103 8.13 58.42 -10.11
C LYS G 103 7.17 59.22 -9.24
N LEU G 104 7.41 59.19 -7.93
CA LEU G 104 6.62 59.99 -6.99
C LEU G 104 7.01 61.47 -7.09
N VAL H 2 20.90 33.73 2.88
CA VAL H 2 20.96 33.56 1.43
C VAL H 2 21.13 34.92 0.77
N GLN H 3 22.34 35.20 0.28
CA GLN H 3 22.68 36.47 -0.35
C GLN H 3 23.40 36.20 -1.67
N LEU H 4 23.63 37.29 -2.42
CA LEU H 4 24.31 37.21 -3.71
C LEU H 4 25.36 38.32 -3.76
N GLN H 5 26.58 37.96 -4.14
CA GLN H 5 27.70 38.89 -4.22
C GLN H 5 28.31 38.85 -5.61
N GLN H 6 28.67 40.03 -6.12
CA GLN H 6 29.28 40.14 -7.44
C GLN H 6 30.68 40.77 -7.31
N SER H 7 31.34 40.97 -8.45
CA SER H 7 32.69 41.50 -8.48
C SER H 7 32.65 43.02 -8.52
N GLY H 8 33.82 43.65 -8.73
CA GLY H 8 33.94 45.09 -8.75
C GLY H 8 33.70 45.68 -10.13
N ALA H 9 34.04 46.95 -10.26
CA ALA H 9 33.86 47.67 -11.51
C ALA H 9 34.87 47.21 -12.55
N GLU H 10 34.46 47.32 -13.81
CA GLU H 10 35.25 46.76 -14.91
C GLU H 10 34.88 47.52 -16.18
N LEU H 11 35.85 47.65 -17.08
CA LEU H 11 35.68 48.41 -18.32
C LEU H 11 36.39 47.68 -19.45
N MET H 12 35.79 47.71 -20.64
CA MET H 12 36.37 47.09 -21.82
C MET H 12 36.19 47.98 -23.04
N LYS H 13 36.76 47.53 -24.15
CA LYS H 13 36.66 48.19 -25.44
C LYS H 13 35.40 47.76 -26.18
N PRO H 14 34.96 48.52 -27.19
CA PRO H 14 33.84 48.05 -28.02
C PRO H 14 34.22 46.80 -28.82
N GLY H 15 33.27 45.87 -28.92
CA GLY H 15 33.49 44.61 -29.61
C GLY H 15 34.24 43.56 -28.82
N ALA H 16 34.48 43.79 -27.54
CA ALA H 16 35.25 42.87 -26.72
C ALA H 16 34.31 41.94 -25.96
N ALA H 17 34.83 41.16 -25.02
CA ALA H 17 34.04 40.24 -24.22
C ALA H 17 34.16 40.60 -22.75
N VAL H 18 33.03 40.53 -22.03
CA VAL H 18 32.97 40.89 -20.61
C VAL H 18 32.53 39.68 -19.82
N LYS H 19 33.29 39.34 -18.78
CA LYS H 19 32.98 38.23 -17.90
C LYS H 19 32.66 38.75 -16.51
N ILE H 20 31.42 38.53 -16.07
CA ILE H 20 30.98 38.89 -14.72
C ILE H 20 30.46 37.63 -14.04
N SER H 21 30.43 37.67 -12.70
CA SER H 21 30.02 36.54 -11.89
C SER H 21 29.09 37.00 -10.78
N CYS H 22 28.33 36.05 -10.24
CA CYS H 22 27.42 36.27 -9.11
C CYS H 22 27.68 35.18 -8.09
N LYS H 23 28.53 35.48 -7.11
CA LYS H 23 28.91 34.52 -6.08
C LYS H 23 27.75 34.26 -5.13
N ALA H 24 27.50 32.99 -4.84
CA ALA H 24 26.41 32.58 -3.96
C ALA H 24 26.99 32.09 -2.64
N THR H 25 26.95 32.94 -1.62
CA THR H 25 27.46 32.59 -0.30
C THR H 25 26.29 32.34 0.64
N GLY H 26 26.11 31.08 1.03
CA GLY H 26 25.01 30.70 1.90
C GLY H 26 24.24 29.51 1.38
N HIS H 27 24.43 29.21 0.09
CA HIS H 27 23.73 28.10 -0.55
C HIS H 27 24.56 27.65 -1.75
N THR H 28 24.17 26.50 -2.32
CA THR H 28 24.87 25.95 -3.45
C THR H 28 24.34 26.56 -4.75
N ILE H 29 25.21 26.62 -5.77
CA ILE H 29 24.84 27.30 -7.00
C ILE H 29 23.94 26.43 -7.88
N SER H 30 23.95 25.11 -7.68
CA SER H 30 23.28 24.21 -8.61
C SER H 30 21.87 23.87 -8.16
N ARG H 31 21.22 24.76 -7.43
CA ARG H 31 19.88 24.46 -6.95
C ARG H 31 18.83 25.45 -7.41
N TYR H 32 19.12 26.76 -7.36
CA TYR H 32 18.11 27.78 -7.63
C TYR H 32 18.37 28.42 -8.99
N TRP H 33 17.28 28.80 -9.67
CA TRP H 33 17.40 29.50 -10.94
C TRP H 33 17.86 30.93 -10.71
N ILE H 34 18.78 31.41 -11.54
CA ILE H 34 19.25 32.79 -11.50
C ILE H 34 18.99 33.41 -12.86
N ASP H 35 18.20 34.48 -12.88
CA ASP H 35 17.90 35.22 -14.09
C ASP H 35 18.69 36.53 -14.11
N TRP H 36 18.89 37.06 -15.30
CA TRP H 36 19.75 38.23 -15.51
C TRP H 36 18.95 39.30 -16.21
N LEU H 37 19.14 40.55 -15.79
CA LEU H 37 18.42 41.69 -16.36
C LEU H 37 19.42 42.67 -16.94
N LYS H 38 18.90 43.66 -17.67
CA LYS H 38 19.67 44.72 -18.28
C LYS H 38 19.04 46.05 -17.87
N GLN H 39 19.57 46.64 -16.79
CA GLN H 39 19.01 47.88 -16.24
C GLN H 39 19.67 49.08 -16.93
N ARG H 40 19.09 49.47 -18.06
CA ARG H 40 19.59 50.60 -18.83
C ARG H 40 18.76 51.82 -18.50
N PRO H 41 19.37 52.92 -18.04
CA PRO H 41 18.59 54.13 -17.76
C PRO H 41 18.16 54.84 -19.04
N GLY H 42 16.92 55.32 -19.04
CA GLY H 42 16.34 56.00 -20.17
C GLY H 42 15.44 55.14 -21.03
N HIS H 43 15.40 53.83 -20.79
CA HIS H 43 14.57 52.91 -21.55
C HIS H 43 13.86 51.95 -20.61
N GLY H 44 12.76 51.39 -21.08
CA GLY H 44 12.06 50.39 -20.31
C GLY H 44 12.80 49.06 -20.28
N LEU H 45 12.58 48.30 -19.22
CA LEU H 45 13.33 47.06 -19.03
C LEU H 45 12.66 45.91 -19.76
N GLU H 46 13.43 44.85 -19.99
CA GLU H 46 12.98 43.71 -20.79
C GLU H 46 13.83 42.49 -20.46
N TRP H 47 13.25 41.33 -20.71
CA TRP H 47 13.76 40.03 -20.28
C TRP H 47 14.95 39.60 -21.13
N ILE H 48 15.85 38.83 -20.51
CA ILE H 48 17.05 38.33 -21.19
C ILE H 48 17.02 36.81 -21.25
N GLY H 49 17.02 36.16 -20.10
CA GLY H 49 17.00 34.72 -20.04
C GLY H 49 17.78 34.19 -18.86
N GLU H 50 17.44 32.97 -18.46
CA GLU H 50 17.99 32.37 -17.25
C GLU H 50 18.56 30.99 -17.59
N ILE H 51 19.41 30.50 -16.69
CA ILE H 51 20.01 29.17 -16.81
C ILE H 51 20.01 28.51 -15.44
N LEU H 52 20.05 27.19 -15.45
CA LEU H 52 20.36 26.40 -14.25
C LEU H 52 21.80 25.95 -14.32
N PRO H 53 22.61 26.23 -13.28
CA PRO H 53 24.01 25.81 -13.28
C PRO H 53 24.26 24.31 -13.12
N GLY H 54 23.22 23.50 -12.95
CA GLY H 54 23.40 22.06 -12.89
C GLY H 54 23.23 21.39 -14.23
N SER H 55 22.31 21.90 -15.04
CA SER H 55 22.04 21.34 -16.36
C SER H 55 22.55 22.19 -17.50
N GLY H 56 22.60 23.51 -17.32
CA GLY H 56 22.98 24.40 -18.41
C GLY H 56 21.89 24.65 -19.42
N SER H 57 20.64 24.29 -19.12
CA SER H 57 19.54 24.53 -20.03
C SER H 57 19.16 26.01 -20.02
N THR H 58 18.94 26.57 -21.21
CA THR H 58 18.70 27.99 -21.38
C THR H 58 17.34 28.23 -22.03
N ASN H 59 16.82 29.44 -21.79
CA ASN H 59 15.55 29.90 -22.37
C ASN H 59 15.73 31.38 -22.70
N TYR H 60 15.95 31.68 -23.98
CA TYR H 60 16.20 33.06 -24.37
C TYR H 60 14.91 33.75 -24.81
N ASN H 61 15.03 35.06 -25.00
CA ASN H 61 14.00 35.86 -25.65
C ASN H 61 14.30 35.89 -27.15
N GLU H 62 13.23 36.02 -27.95
CA GLU H 62 13.38 36.11 -29.40
C GLU H 62 14.10 37.37 -29.85
N LYS H 63 14.01 38.44 -29.07
CA LYS H 63 14.62 39.71 -29.46
C LYS H 63 16.14 39.68 -29.32
N PHE H 64 16.64 39.01 -28.28
CA PHE H 64 18.04 39.10 -27.88
C PHE H 64 18.74 37.73 -27.92
N LYS H 65 18.57 36.99 -29.01
CA LYS H 65 19.39 35.80 -29.22
C LYS H 65 20.75 36.20 -29.80
N GLY H 66 21.77 35.42 -29.48
CA GLY H 66 23.11 35.69 -29.97
C GLY H 66 23.93 36.58 -29.08
N LYS H 67 23.33 37.67 -28.59
CA LYS H 67 24.05 38.59 -27.71
C LYS H 67 24.30 37.99 -26.34
N ALA H 68 23.30 37.29 -25.79
CA ALA H 68 23.41 36.68 -24.48
C ALA H 68 23.92 35.26 -24.61
N THR H 69 25.04 34.96 -23.93
CA THR H 69 25.58 33.61 -23.84
C THR H 69 25.96 33.35 -22.39
N PHE H 70 25.78 32.11 -21.94
CA PHE H 70 25.98 31.73 -20.54
C PHE H 70 27.13 30.74 -20.40
N THR H 71 27.60 30.60 -19.17
CA THR H 71 28.69 29.69 -18.79
C THR H 71 28.53 29.35 -17.32
N ALA H 72 28.52 28.05 -17.02
CA ALA H 72 28.36 27.57 -15.66
C ALA H 72 29.67 26.99 -15.13
N GLU H 73 29.81 27.04 -13.81
CA GLU H 73 30.99 26.50 -13.14
C GLU H 73 30.60 26.08 -11.73
N LYS H 74 31.03 24.88 -11.32
CA LYS H 74 30.67 24.34 -10.02
C LYS H 74 31.80 24.46 -8.99
N SER H 75 33.04 24.70 -9.42
CA SER H 75 34.16 24.70 -8.48
C SER H 75 34.21 25.98 -7.66
N SER H 76 33.70 27.08 -8.20
CA SER H 76 33.72 28.37 -7.50
C SER H 76 32.33 28.87 -7.14
N ASN H 77 31.28 28.10 -7.47
CA ASN H 77 29.87 28.39 -7.20
C ASN H 77 29.46 29.74 -7.80
N THR H 78 29.71 29.86 -9.11
CA THR H 78 29.40 31.07 -9.85
C THR H 78 28.51 30.74 -11.04
N ALA H 79 28.00 31.80 -11.67
CA ALA H 79 27.21 31.69 -12.90
C ALA H 79 27.63 32.85 -13.79
N TYR H 80 28.42 32.54 -14.82
CA TYR H 80 29.04 33.56 -15.63
C TYR H 80 28.04 34.16 -16.63
N MET H 81 28.48 35.21 -17.31
CA MET H 81 27.66 35.90 -18.31
C MET H 81 28.61 36.42 -19.39
N GLN H 82 28.72 35.67 -20.48
CA GLN H 82 29.62 36.04 -21.57
C GLN H 82 28.92 36.94 -22.57
N LEU H 83 29.64 37.96 -23.03
CA LEU H 83 29.12 38.93 -23.97
C LEU H 83 30.03 38.99 -25.19
N SER H 84 29.47 39.51 -26.29
CA SER H 84 30.22 39.64 -27.54
C SER H 84 29.60 40.73 -28.41
N SER H 85 30.43 41.38 -29.24
CA SER H 85 30.05 42.47 -30.14
C SER H 85 29.40 43.63 -29.37
N LEU H 86 30.21 44.26 -28.51
CA LEU H 86 29.72 45.32 -27.63
C LEU H 86 29.43 46.57 -28.45
N THR H 87 28.15 46.90 -28.59
CA THR H 87 27.72 48.11 -29.29
C THR H 87 27.59 49.25 -28.29
N SER H 88 26.96 50.35 -28.71
CA SER H 88 26.82 51.55 -27.89
C SER H 88 25.63 51.49 -26.93
N GLU H 89 25.05 50.32 -26.68
CA GLU H 89 23.95 50.18 -25.75
C GLU H 89 24.32 49.39 -24.50
N ASP H 90 25.60 49.33 -24.14
CA ASP H 90 26.06 48.59 -22.97
C ASP H 90 26.05 49.45 -21.72
N SER H 91 25.60 50.69 -21.80
CA SER H 91 25.54 51.57 -20.63
C SER H 91 24.37 51.13 -19.74
N ALA H 92 24.62 50.11 -18.92
CA ALA H 92 23.57 49.51 -18.10
C ALA H 92 24.22 48.84 -16.90
N VAL H 93 23.39 48.41 -15.95
CA VAL H 93 23.84 47.69 -14.77
C VAL H 93 23.22 46.30 -14.81
N TYR H 94 24.06 45.28 -14.74
CA TYR H 94 23.64 43.89 -14.88
C TYR H 94 23.45 43.28 -13.50
N TYR H 95 22.25 42.77 -13.25
CA TYR H 95 21.89 42.20 -11.96
C TYR H 95 21.68 40.69 -12.10
N CYS H 96 22.06 39.95 -11.06
CA CYS H 96 21.72 38.54 -10.96
C CYS H 96 20.50 38.39 -10.06
N ALA H 97 19.38 37.96 -10.66
CA ALA H 97 18.09 37.91 -9.99
C ALA H 97 17.72 36.44 -9.78
N MET H 98 17.82 35.99 -8.53
CA MET H 98 17.56 34.60 -8.19
C MET H 98 16.18 34.50 -7.52
N GLY H 99 15.17 34.11 -8.29
CA GLY H 99 13.84 33.90 -7.77
C GLY H 99 13.58 32.43 -7.56
N VAL H 100 13.17 32.08 -6.35
CA VAL H 100 13.08 30.66 -5.98
C VAL H 100 11.63 30.19 -5.90
N ARG H 101 10.77 30.93 -5.20
CA ARG H 101 9.41 30.49 -4.94
C ARG H 101 8.40 31.14 -5.90
N GLY H 102 8.91 31.72 -6.97
CA GLY H 102 8.06 32.33 -7.97
C GLY H 102 8.90 32.90 -9.09
N ASN H 103 8.20 33.30 -10.16
CA ASN H 103 8.89 33.88 -11.31
C ASN H 103 9.17 35.36 -11.09
N TYR H 104 8.71 35.90 -9.96
CA TYR H 104 9.17 37.18 -9.47
C TYR H 104 10.53 36.99 -8.81
N PHE H 105 11.26 38.07 -8.61
CA PHE H 105 12.68 38.00 -8.25
C PHE H 105 12.86 38.65 -6.88
N ASP H 106 13.14 37.82 -5.87
CA ASP H 106 13.28 38.30 -4.49
C ASP H 106 14.73 38.49 -4.06
N TYR H 107 15.63 37.62 -4.49
CA TYR H 107 17.02 37.65 -4.04
C TYR H 107 17.84 38.31 -5.15
N TRP H 108 18.21 39.57 -4.95
CA TRP H 108 18.88 40.37 -5.94
C TRP H 108 20.38 40.48 -5.66
N GLY H 109 21.12 40.92 -6.69
CA GLY H 109 22.50 41.30 -6.50
C GLY H 109 22.65 42.81 -6.48
N GLN H 110 23.84 43.28 -6.09
CA GLN H 110 24.06 44.71 -6.00
C GLN H 110 24.31 45.34 -7.37
N GLY H 111 24.67 44.54 -8.38
CA GLY H 111 24.91 45.05 -9.70
C GLY H 111 26.37 45.36 -9.97
N THR H 112 26.71 45.44 -11.25
CA THR H 112 28.07 45.73 -11.68
C THR H 112 28.02 46.73 -12.82
N THR H 113 28.78 47.82 -12.68
CA THR H 113 28.72 48.96 -13.60
C THR H 113 29.55 48.65 -14.84
N LEU H 114 28.87 48.48 -15.97
CA LEU H 114 29.51 48.33 -17.27
C LEU H 114 28.99 49.41 -18.22
N THR H 115 29.88 49.89 -19.09
CA THR H 115 29.51 50.85 -20.11
C THR H 115 30.47 50.72 -21.29
N VAL H 116 29.97 51.05 -22.48
CA VAL H 116 30.76 51.07 -23.70
C VAL H 116 30.51 52.37 -24.45
N SER I 37 -12.34 33.34 -24.58
CA SER I 37 -12.25 32.03 -25.20
C SER I 37 -12.27 30.92 -24.14
N PRO I 38 -13.32 30.10 -24.14
CA PRO I 38 -13.40 29.01 -23.17
C PRO I 38 -12.46 27.86 -23.52
N SER I 39 -12.30 26.96 -22.56
CA SER I 39 -11.43 25.80 -22.71
C SER I 39 -12.16 24.58 -23.26
N ASP I 40 -13.27 24.77 -23.97
CA ASP I 40 -14.00 23.62 -24.52
C ASP I 40 -13.37 23.12 -25.82
N PHE I 41 -12.45 23.88 -26.42
CA PHE I 41 -11.81 23.50 -27.66
C PHE I 41 -10.57 22.65 -27.45
N LEU I 42 -10.40 22.08 -26.26
CA LEU I 42 -9.29 21.17 -26.01
C LEU I 42 -9.51 19.83 -26.72
N ASP I 43 -10.77 19.39 -26.80
CA ASP I 43 -11.15 18.22 -27.58
C ASP I 43 -11.66 18.58 -28.97
N LYS I 44 -11.15 19.66 -29.57
CA LYS I 44 -11.53 20.02 -30.93
C LYS I 44 -10.67 19.29 -31.95
N LEU I 45 -9.35 19.49 -31.88
CA LEU I 45 -8.44 18.69 -32.69
C LEU I 45 -8.33 17.26 -32.15
N MET I 46 -8.60 17.07 -30.87
CA MET I 46 -8.73 15.76 -30.26
C MET I 46 -10.19 15.34 -30.32
N GLY I 47 -10.56 14.28 -29.60
CA GLY I 47 -11.96 13.97 -29.41
C GLY I 47 -12.64 13.18 -30.51
N ARG I 48 -13.42 13.87 -31.34
CA ARG I 48 -14.37 13.22 -32.24
C ARG I 48 -13.89 13.14 -33.69
N THR I 49 -13.13 14.12 -34.15
CA THR I 49 -12.61 14.13 -35.53
C THR I 49 -11.17 14.60 -35.52
N SER I 50 -10.69 15.03 -36.69
CA SER I 50 -9.36 15.51 -37.05
C SER I 50 -8.32 14.40 -37.10
N GLY I 51 -8.73 13.14 -36.98
CA GLY I 51 -7.86 12.01 -37.23
C GLY I 51 -6.71 11.82 -36.26
N TYR I 52 -6.93 12.08 -34.98
CA TYR I 52 -5.86 11.96 -33.99
C TYR I 52 -5.96 10.58 -33.34
N ASP I 53 -5.34 9.61 -33.99
CA ASP I 53 -5.21 8.27 -33.42
C ASP I 53 -4.05 8.25 -32.43
N ALA I 54 -4.32 7.81 -31.19
CA ALA I 54 -3.34 7.87 -30.12
C ALA I 54 -2.26 6.80 -30.20
N ARG I 55 -2.23 5.98 -31.25
CA ARG I 55 -1.23 4.93 -31.36
C ARG I 55 -0.23 5.16 -32.49
N ILE I 56 -0.68 5.74 -33.62
CA ILE I 56 0.21 5.93 -34.76
C ILE I 56 1.22 7.05 -34.46
N ARG I 57 2.38 6.95 -35.10
CA ARG I 57 3.48 7.86 -34.82
C ARG I 57 3.27 9.21 -35.51
N PRO I 58 3.85 10.28 -34.95
CA PRO I 58 3.86 11.55 -35.67
C PRO I 58 4.79 11.50 -36.86
N ASN I 59 4.59 12.45 -37.78
CA ASN I 59 5.20 12.46 -39.12
C ASN I 59 4.93 11.14 -39.84
N PHE I 60 3.64 10.90 -40.10
CA PHE I 60 3.17 9.63 -40.60
C PHE I 60 3.68 9.38 -42.02
N LYS I 61 4.22 8.16 -42.22
CA LYS I 61 4.94 7.76 -43.44
C LYS I 61 6.06 8.72 -43.79
N GLY I 62 6.81 9.19 -42.78
CA GLY I 62 7.77 10.23 -42.98
C GLY I 62 9.02 10.15 -42.12
N PRO I 63 9.51 11.30 -41.67
CA PRO I 63 10.82 11.36 -41.00
C PRO I 63 10.77 10.77 -39.61
N PRO I 64 11.91 10.34 -39.07
CA PRO I 64 11.96 9.93 -37.66
C PRO I 64 11.94 11.12 -36.71
N VAL I 65 11.46 10.86 -35.51
CA VAL I 65 11.33 11.86 -34.47
C VAL I 65 12.27 11.46 -33.34
N ASN I 66 13.29 12.26 -33.09
CA ASN I 66 14.32 11.91 -32.10
C ASN I 66 14.02 12.58 -30.76
N VAL I 67 14.11 11.80 -29.69
CA VAL I 67 13.94 12.32 -28.34
C VAL I 67 15.30 12.72 -27.76
N SER I 68 15.42 13.99 -27.36
CA SER I 68 16.62 14.47 -26.69
C SER I 68 16.36 14.45 -25.18
N CYS I 69 16.41 13.25 -24.61
CA CYS I 69 16.01 13.05 -23.23
C CYS I 69 17.18 13.34 -22.28
N ASN I 70 16.83 13.49 -21.01
CA ASN I 70 17.79 13.73 -19.93
C ASN I 70 17.17 13.29 -18.61
N ILE I 71 18.03 12.85 -17.69
CA ILE I 71 17.59 12.21 -16.47
C ILE I 71 17.86 13.12 -15.28
N PHE I 72 17.29 12.74 -14.13
CA PHE I 72 17.56 13.36 -12.85
C PHE I 72 17.46 12.29 -11.76
N ILE I 73 18.56 12.09 -11.03
CA ILE I 73 18.63 11.06 -10.01
C ILE I 73 18.35 11.69 -8.65
N ASN I 74 17.96 10.85 -7.69
CA ASN I 74 17.78 11.30 -6.31
C ASN I 74 18.76 10.66 -5.36
N VAL I 88 17.61 2.92 -6.85
CA VAL I 88 17.88 4.09 -7.68
C VAL I 88 16.57 4.60 -8.25
N ASN I 89 16.09 5.72 -7.72
CA ASN I 89 14.88 6.37 -8.20
C ASN I 89 15.24 7.59 -9.03
N ILE I 90 14.62 7.66 -10.19
CA ILE I 90 14.96 8.69 -11.13
C ILE I 90 13.72 9.25 -11.67
N PHE I 91 13.87 10.04 -12.70
CA PHE I 91 12.82 10.90 -13.11
C PHE I 91 13.20 11.35 -14.44
N LEU I 92 12.72 10.66 -15.44
CA LEU I 92 13.32 10.81 -16.73
C LEU I 92 12.36 11.69 -17.35
N ARG I 93 12.81 12.46 -18.31
CA ARG I 93 11.87 13.25 -19.10
C ARG I 93 12.28 13.16 -20.57
N GLN I 94 11.30 12.90 -21.43
CA GLN I 94 11.55 12.96 -22.87
C GLN I 94 11.08 14.31 -23.42
N GLN I 95 11.67 14.70 -24.55
CA GLN I 95 11.18 15.85 -25.29
C GLN I 95 11.44 15.60 -26.77
N TRP I 96 10.46 15.92 -27.61
CA TRP I 96 10.55 15.66 -29.04
C TRP I 96 9.72 16.69 -29.78
N ASN I 97 9.89 16.73 -31.11
CA ASN I 97 9.14 17.65 -31.96
C ASN I 97 7.89 16.95 -32.46
N ASP I 98 6.79 17.69 -32.49
CA ASP I 98 5.50 17.13 -32.93
C ASP I 98 4.69 18.26 -33.57
N PRO I 99 4.82 18.45 -34.88
CA PRO I 99 4.04 19.50 -35.56
C PRO I 99 2.55 19.22 -35.67
N ARG I 100 2.11 18.00 -35.34
CA ARG I 100 0.70 17.63 -35.35
C ARG I 100 -0.10 18.34 -34.27
N LEU I 101 0.53 18.73 -33.17
CA LEU I 101 -0.17 19.38 -32.07
C LEU I 101 0.04 20.89 -32.10
N ALA I 102 0.08 21.48 -33.28
CA ALA I 102 0.25 22.92 -33.44
C ALA I 102 -1.09 23.62 -33.35
N TYR I 103 -1.04 24.94 -33.12
CA TYR I 103 -2.24 25.75 -32.94
C TYR I 103 -1.92 27.20 -33.27
N ASN I 104 -2.97 27.97 -33.53
CA ASN I 104 -2.83 29.39 -33.82
C ASN I 104 -3.82 30.29 -33.08
N GLU I 105 -4.93 29.76 -32.58
CA GLU I 105 -5.96 30.57 -31.94
C GLU I 105 -5.67 30.84 -30.46
N TYR I 106 -4.63 30.22 -29.89
CA TYR I 106 -4.27 30.40 -28.49
C TYR I 106 -2.96 31.18 -28.40
N PRO I 107 -2.92 32.29 -27.65
CA PRO I 107 -1.78 33.21 -27.74
C PRO I 107 -0.51 32.72 -27.08
N ASP I 108 -0.61 32.05 -25.93
CA ASP I 108 0.56 31.64 -25.19
C ASP I 108 1.19 30.40 -25.84
N ASP I 109 2.52 30.30 -25.73
CA ASP I 109 3.26 29.19 -26.32
C ASP I 109 3.51 28.05 -25.34
N SER I 110 3.94 28.36 -24.12
CA SER I 110 4.29 27.34 -23.13
C SER I 110 3.13 27.18 -22.15
N LEU I 111 2.12 26.42 -22.57
CA LEU I 111 1.00 26.10 -21.70
C LEU I 111 1.26 24.74 -21.04
N ASP I 112 0.34 24.30 -20.18
CA ASP I 112 0.52 23.05 -19.47
C ASP I 112 -0.84 22.35 -19.38
N LEU I 113 -0.80 21.02 -19.50
CA LEU I 113 -1.99 20.18 -19.45
C LEU I 113 -1.92 19.28 -18.22
N ASP I 114 -2.94 18.45 -18.05
CA ASP I 114 -3.00 17.65 -16.83
C ASP I 114 -2.35 16.28 -17.05
N PRO I 115 -1.88 15.64 -15.98
CA PRO I 115 -1.35 14.27 -16.10
C PRO I 115 -2.40 13.21 -16.43
N SER I 116 -3.70 13.53 -16.39
CA SER I 116 -4.75 12.60 -16.78
C SER I 116 -5.25 12.84 -18.20
N MET I 117 -4.58 13.71 -18.95
CA MET I 117 -4.93 13.99 -20.34
C MET I 117 -4.41 12.93 -21.31
N LEU I 118 -3.62 11.97 -20.84
CA LEU I 118 -2.77 11.20 -21.73
C LEU I 118 -3.27 9.81 -22.03
N ASP I 119 -4.52 9.48 -21.67
CA ASP I 119 -5.08 8.20 -22.11
C ASP I 119 -5.42 8.22 -23.60
N SER I 120 -5.55 9.41 -24.19
CA SER I 120 -5.70 9.57 -25.63
C SER I 120 -4.59 10.44 -26.23
N ILE I 121 -3.35 10.23 -25.81
CA ILE I 121 -2.18 10.94 -26.32
C ILE I 121 -1.15 9.89 -26.72
N TRP I 122 -0.48 10.12 -27.85
CA TRP I 122 0.59 9.24 -28.33
C TRP I 122 1.75 9.19 -27.34
N LYS I 123 2.29 7.99 -27.16
CA LYS I 123 3.50 7.78 -26.39
C LYS I 123 4.52 7.07 -27.27
N PRO I 124 5.81 7.23 -26.99
CA PRO I 124 6.77 6.22 -27.44
C PRO I 124 6.53 4.92 -26.70
N ASP I 125 6.93 3.82 -27.34
CA ASP I 125 6.70 2.48 -26.82
C ASP I 125 7.87 1.99 -25.96
N LEU I 126 8.51 2.91 -25.26
CA LEU I 126 9.71 2.63 -24.45
C LEU I 126 9.38 1.71 -23.28
N PHE I 127 9.92 0.50 -23.32
CA PHE I 127 9.78 -0.42 -22.19
C PHE I 127 11.17 -0.84 -21.71
N PHE I 128 11.23 -1.61 -20.63
CA PHE I 128 12.51 -1.97 -20.00
C PHE I 128 12.68 -3.48 -20.08
N ASN I 143 1.30 9.59 -12.02
CA ASN I 143 2.65 10.18 -12.02
C ASN I 143 3.33 10.14 -13.39
N LYS I 144 2.74 10.82 -14.38
CA LYS I 144 3.43 11.12 -15.64
C LYS I 144 2.77 12.37 -16.23
N LEU I 145 3.58 13.41 -16.44
CA LEU I 145 3.06 14.71 -16.87
C LEU I 145 3.52 15.07 -18.29
N LEU I 146 2.94 16.12 -18.83
CA LEU I 146 3.27 16.60 -20.18
C LEU I 146 2.93 18.06 -20.32
N ARG I 147 3.79 18.81 -21.03
CA ARG I 147 3.49 20.15 -21.50
C ARG I 147 3.75 20.23 -23.00
N ILE I 148 3.16 21.24 -23.64
CA ILE I 148 3.19 21.40 -25.09
C ILE I 148 3.63 22.83 -25.41
N SER I 149 4.61 22.97 -26.31
CA SER I 149 5.07 24.27 -26.78
C SER I 149 4.19 24.80 -27.89
N ARG I 150 4.64 25.84 -28.59
CA ARG I 150 3.86 26.42 -29.68
C ARG I 150 3.76 25.48 -30.86
N ASN I 151 4.91 25.03 -31.39
CA ASN I 151 4.90 24.09 -32.51
C ASN I 151 4.51 22.68 -32.08
N GLY I 152 4.68 22.36 -30.80
CA GLY I 152 4.38 21.02 -30.32
C GLY I 152 5.60 20.30 -29.77
N ASN I 153 6.54 21.06 -29.19
CA ASN I 153 7.71 20.47 -28.54
C ASN I 153 7.28 19.89 -27.20
N VAL I 154 6.77 18.66 -27.26
CA VAL I 154 6.15 18.03 -26.09
C VAL I 154 7.21 17.50 -25.14
N LEU I 155 7.36 18.17 -24.00
CA LEU I 155 8.14 17.62 -22.90
C LEU I 155 7.29 16.65 -22.10
N TYR I 156 7.86 15.49 -21.81
CA TYR I 156 7.06 14.39 -21.27
C TYR I 156 7.93 13.54 -20.35
N SER I 157 7.44 13.33 -19.12
CA SER I 157 8.20 12.60 -18.11
C SER I 157 7.30 11.54 -17.47
N ILE I 158 7.95 10.51 -16.91
CA ILE I 158 7.28 9.50 -16.09
C ILE I 158 8.14 9.27 -14.86
N ARG I 159 7.49 9.19 -13.69
CA ARG I 159 8.20 8.89 -12.45
C ARG I 159 8.59 7.42 -12.41
N ILE I 160 9.88 7.12 -12.58
CA ILE I 160 10.40 5.78 -12.77
C ILE I 160 11.48 5.52 -11.73
N THR I 161 11.45 4.32 -11.11
CA THR I 161 12.56 3.83 -10.31
C THR I 161 13.27 2.69 -11.04
N LEU I 162 14.54 2.49 -10.71
CA LEU I 162 15.38 1.45 -11.33
C LEU I 162 16.11 0.67 -10.25
N THR I 163 15.58 -0.49 -9.89
CA THR I 163 16.35 -1.47 -9.13
C THR I 163 16.93 -2.54 -10.07
N ASP I 176 36.15 -0.18 -6.53
CA ASP I 176 35.59 -0.53 -7.83
C ASP I 176 34.97 0.66 -8.55
N VAL I 177 35.17 0.67 -9.87
CA VAL I 177 34.55 1.64 -10.77
C VAL I 177 33.74 0.83 -11.77
N GLN I 178 32.41 0.83 -11.62
CA GLN I 178 31.57 0.00 -12.46
C GLN I 178 30.42 0.83 -13.00
N THR I 179 29.78 0.31 -14.05
CA THR I 179 28.63 0.95 -14.67
C THR I 179 27.41 0.05 -14.51
N CYS I 180 26.39 0.56 -13.81
CA CYS I 180 25.12 -0.13 -13.74
C CYS I 180 24.34 0.23 -15.01
N ILE I 181 24.30 -0.70 -15.96
CA ILE I 181 23.89 -0.37 -17.32
C ILE I 181 22.37 -0.27 -17.40
N MET I 182 21.91 0.61 -18.29
CA MET I 182 20.50 0.79 -18.60
C MET I 182 20.29 0.59 -20.09
N GLN I 183 19.08 0.19 -20.46
CA GLN I 183 18.78 -0.23 -21.83
C GLN I 183 17.40 0.29 -22.20
N LEU I 184 17.34 1.18 -23.19
CA LEU I 184 16.15 1.98 -23.50
C LEU I 184 15.80 1.70 -24.97
N GLU I 185 14.73 0.94 -25.20
CA GLU I 185 14.45 0.41 -26.53
C GLU I 185 13.00 0.63 -26.92
N SER I 186 12.71 0.39 -28.20
CA SER I 186 11.36 0.44 -28.72
C SER I 186 10.70 -0.95 -28.66
N PHE I 187 9.39 -0.96 -28.85
CA PHE I 187 8.58 -2.17 -28.77
C PHE I 187 7.87 -2.52 -30.07
N GLY I 188 7.18 -1.56 -30.67
CA GLY I 188 6.36 -1.83 -31.84
C GLY I 188 7.14 -1.93 -33.14
N TYR I 189 8.01 -0.97 -33.40
CA TYR I 189 8.68 -0.87 -34.70
C TYR I 189 10.18 -0.67 -34.47
N THR I 190 10.95 -0.90 -35.53
CA THR I 190 12.41 -0.84 -35.50
C THR I 190 12.89 0.61 -35.58
N MET I 191 14.19 0.78 -35.87
CA MET I 191 14.88 2.04 -35.65
C MET I 191 14.48 3.12 -36.66
N ASN I 192 14.31 2.76 -37.94
CA ASN I 192 14.28 3.74 -39.01
C ASN I 192 12.97 4.56 -39.10
N ASP I 193 12.08 4.50 -38.11
CA ASP I 193 11.05 5.50 -37.91
C ASP I 193 11.06 6.11 -36.51
N LEU I 194 11.68 5.44 -35.54
CA LEU I 194 11.78 5.94 -34.16
C LEU I 194 13.24 5.83 -33.73
N ILE I 195 13.96 6.95 -33.80
CA ILE I 195 15.33 6.99 -33.32
C ILE I 195 15.37 7.65 -31.94
N PHE I 196 16.19 7.10 -31.04
CA PHE I 196 16.36 7.63 -29.69
C PHE I 196 17.75 8.22 -29.54
N GLU I 197 17.85 9.26 -28.73
CA GLU I 197 19.12 9.99 -28.57
C GLU I 197 19.30 10.40 -27.11
N TRP I 198 20.34 11.17 -26.86
CA TRP I 198 20.52 12.01 -25.68
C TRP I 198 20.26 13.46 -26.09
N GLN I 199 20.51 14.39 -25.16
CA GLN I 199 20.57 15.79 -25.50
C GLN I 199 22.02 16.25 -25.53
N GLU I 200 22.22 17.49 -25.98
CA GLU I 200 23.58 17.98 -26.23
C GLU I 200 24.22 18.66 -25.02
N GLN I 201 23.43 19.10 -24.04
CA GLN I 201 23.97 19.82 -22.88
C GLN I 201 23.30 19.34 -21.59
N GLY I 202 24.13 18.84 -20.66
CA GLY I 202 23.69 18.44 -19.33
C GLY I 202 22.68 17.32 -19.29
N ALA I 203 22.96 16.22 -20.00
CA ALA I 203 22.01 15.12 -20.09
C ALA I 203 21.91 14.33 -18.79
N VAL I 204 22.94 14.33 -17.97
CA VAL I 204 22.91 13.72 -16.65
C VAL I 204 22.84 14.80 -15.59
N GLN I 205 22.00 14.59 -14.57
CA GLN I 205 21.80 15.57 -13.52
C GLN I 205 21.94 14.89 -12.17
N VAL I 206 22.52 15.60 -11.21
CA VAL I 206 22.76 15.08 -9.87
C VAL I 206 22.01 15.97 -8.87
N ALA I 207 21.73 15.42 -7.70
CA ALA I 207 21.00 16.14 -6.65
C ALA I 207 21.93 17.17 -5.99
N ASP I 208 21.34 17.99 -5.11
CA ASP I 208 22.05 19.10 -4.50
C ASP I 208 22.96 18.62 -3.37
N GLY I 209 22.36 18.06 -2.32
CA GLY I 209 23.10 17.70 -1.12
C GLY I 209 23.07 16.22 -0.85
N LEU I 210 23.22 15.42 -1.90
CA LEU I 210 23.16 13.97 -1.79
C LEU I 210 24.35 13.40 -1.04
N THR I 211 24.11 12.95 0.18
CA THR I 211 25.07 12.11 0.89
C THR I 211 24.66 10.65 0.76
N LEU I 212 25.67 9.80 0.66
CA LEU I 212 25.48 8.36 0.42
C LEU I 212 26.45 7.62 1.33
N PRO I 213 26.26 6.31 1.60
CA PRO I 213 27.21 5.59 2.45
C PRO I 213 28.58 5.37 1.80
N GLN I 214 29.31 6.47 1.59
CA GLN I 214 30.68 6.50 1.07
C GLN I 214 30.78 5.83 -0.30
N PHE I 215 29.75 6.03 -1.11
CA PHE I 215 29.69 5.41 -2.43
C PHE I 215 28.90 6.37 -3.32
N ILE I 216 29.62 7.26 -4.00
CA ILE I 216 28.99 8.26 -4.87
C ILE I 216 29.54 8.11 -6.28
N LEU I 217 29.06 8.97 -7.19
CA LEU I 217 29.49 8.96 -8.58
C LEU I 217 30.24 10.25 -8.90
N LYS I 218 31.23 10.13 -9.79
CA LYS I 218 32.05 11.28 -10.17
C LYS I 218 31.32 12.16 -11.18
N GLU I 219 31.98 13.25 -11.58
CA GLU I 219 31.28 14.31 -12.29
C GLU I 219 31.10 14.01 -13.78
N GLU I 220 31.96 13.19 -14.39
CA GLU I 220 31.83 12.92 -15.82
C GLU I 220 31.11 11.59 -16.06
N LYS I 221 30.15 11.62 -16.97
CA LYS I 221 29.32 10.47 -17.34
C LYS I 221 29.27 10.43 -18.86
N ASP I 222 30.05 9.53 -19.47
CA ASP I 222 30.17 9.47 -20.92
C ASP I 222 28.94 8.81 -21.53
N LEU I 223 28.60 9.19 -22.75
CA LEU I 223 27.31 8.85 -23.35
C LEU I 223 27.50 8.35 -24.78
N ARG I 224 27.02 7.13 -25.04
CA ARG I 224 26.97 6.56 -26.39
C ARG I 224 25.70 5.75 -26.51
N TYR I 225 25.62 4.93 -27.56
CA TYR I 225 24.54 3.96 -27.75
C TYR I 225 25.06 2.56 -27.41
N CYS I 226 24.15 1.58 -27.42
CA CYS I 226 24.53 0.18 -27.39
C CYS I 226 23.98 -0.62 -28.57
N THR I 227 22.83 -0.22 -29.12
CA THR I 227 22.24 -0.71 -30.36
C THR I 227 21.97 -2.22 -30.31
N LYS I 228 21.02 -2.57 -29.45
CA LYS I 228 20.56 -3.95 -29.38
C LYS I 228 19.80 -4.33 -30.65
N HIS I 229 19.87 -5.62 -30.99
CA HIS I 229 19.26 -6.14 -32.21
C HIS I 229 18.45 -7.38 -31.88
N TYR I 230 17.29 -7.52 -32.52
CA TYR I 230 16.36 -8.60 -32.24
C TYR I 230 15.67 -8.98 -33.55
N LYS I 234 16.07 -3.54 -36.00
CA LYS I 234 17.19 -2.95 -35.26
C LYS I 234 16.62 -2.00 -34.23
N PHE I 235 17.08 -2.12 -32.99
CA PHE I 235 16.51 -1.34 -31.90
C PHE I 235 17.48 -0.26 -31.42
N THR I 236 16.91 0.84 -30.98
CA THR I 236 17.68 1.95 -30.43
C THR I 236 18.13 1.65 -29.01
N CYS I 237 18.99 2.52 -28.47
CA CYS I 237 19.53 2.33 -27.13
C CYS I 237 19.99 3.67 -26.58
N ILE I 238 19.71 3.89 -25.30
CA ILE I 238 20.15 5.08 -24.59
C ILE I 238 20.90 4.61 -23.34
N GLU I 239 22.22 4.45 -23.44
CA GLU I 239 23.01 3.98 -22.30
C GLU I 239 23.90 5.09 -21.78
N ALA I 240 24.22 5.01 -20.48
CA ALA I 240 25.05 6.00 -19.80
C ALA I 240 26.07 5.26 -18.94
N ARG I 241 27.35 5.58 -19.12
CA ARG I 241 28.37 5.07 -18.22
C ARG I 241 28.37 5.85 -16.91
N PHE I 242 27.69 5.33 -15.90
CA PHE I 242 27.71 5.96 -14.58
C PHE I 242 29.06 5.69 -13.91
N HIS I 243 30.05 6.54 -14.20
CA HIS I 243 31.35 6.40 -13.59
C HIS I 243 31.28 6.81 -12.12
N LEU I 244 31.83 5.98 -11.25
CA LEU I 244 31.70 6.17 -9.82
C LEU I 244 33.04 5.90 -9.14
N GLU I 245 33.07 6.12 -7.83
CA GLU I 245 34.22 5.83 -7.00
C GLU I 245 33.82 4.93 -5.85
N ARG I 246 34.77 4.67 -4.94
CA ARG I 246 34.48 3.86 -3.76
C ARG I 246 35.43 4.32 -2.65
N GLN I 247 34.86 4.89 -1.59
CA GLN I 247 35.64 5.38 -0.46
C GLN I 247 35.97 4.23 0.49
N MET I 248 36.44 4.58 1.68
CA MET I 248 36.81 3.59 2.70
C MET I 248 35.61 3.10 3.52
N PRO J 38 -16.08 -19.60 -34.08
CA PRO J 38 -15.49 -19.40 -32.75
C PRO J 38 -16.15 -18.27 -31.98
N SER J 39 -16.50 -17.18 -32.68
CA SER J 39 -17.12 -16.02 -32.06
C SER J 39 -18.30 -15.46 -32.84
N ASP J 40 -18.55 -15.93 -34.06
CA ASP J 40 -19.67 -15.40 -34.84
C ASP J 40 -21.00 -15.95 -34.34
N PHE J 41 -21.03 -17.21 -33.93
CA PHE J 41 -22.24 -17.86 -33.44
C PHE J 41 -22.21 -18.08 -31.92
N LEU J 42 -21.09 -17.76 -31.27
CA LEU J 42 -20.94 -18.03 -29.83
C LEU J 42 -21.58 -16.90 -29.02
N ASP J 43 -21.10 -15.67 -29.19
CA ASP J 43 -21.52 -14.57 -28.34
C ASP J 43 -22.94 -14.10 -28.65
N LYS J 44 -23.38 -14.26 -29.90
CA LYS J 44 -24.75 -13.87 -30.25
C LYS J 44 -25.77 -14.82 -29.65
N LEU J 45 -25.41 -16.10 -29.48
CA LEU J 45 -26.31 -17.07 -28.86
C LEU J 45 -26.11 -17.15 -27.35
N MET J 46 -25.22 -16.35 -26.78
CA MET J 46 -24.92 -16.41 -25.35
C MET J 46 -25.51 -15.24 -24.58
N GLY J 47 -25.21 -14.01 -25.00
CA GLY J 47 -25.63 -12.84 -24.27
C GLY J 47 -26.77 -12.06 -24.91
N ARG J 48 -26.84 -12.06 -26.23
CA ARG J 48 -27.83 -11.26 -26.93
C ARG J 48 -29.18 -11.97 -27.00
N THR J 49 -29.22 -13.14 -27.64
CA THR J 49 -30.47 -13.83 -27.89
C THR J 49 -30.91 -14.75 -26.76
N SER J 50 -30.01 -15.10 -25.84
CA SER J 50 -30.37 -15.98 -24.73
C SER J 50 -30.21 -15.26 -23.40
N GLY J 51 -29.21 -14.40 -23.30
CA GLY J 51 -29.00 -13.62 -22.10
C GLY J 51 -28.43 -14.42 -20.94
N TYR J 52 -27.19 -14.90 -21.09
CA TYR J 52 -26.52 -15.64 -20.03
C TYR J 52 -26.12 -14.65 -18.93
N ASP J 53 -26.91 -14.61 -17.87
CA ASP J 53 -26.69 -13.66 -16.78
C ASP J 53 -25.55 -14.20 -15.91
N ALA J 54 -24.35 -13.64 -16.10
CA ALA J 54 -23.16 -14.16 -15.43
C ALA J 54 -23.08 -13.78 -13.96
N ARG J 55 -23.83 -12.77 -13.52
CA ARG J 55 -23.77 -12.31 -12.15
C ARG J 55 -24.78 -13.01 -11.24
N ILE J 56 -25.37 -14.11 -11.70
CA ILE J 56 -26.16 -15.01 -10.87
C ILE J 56 -25.76 -16.44 -11.21
N ARG J 57 -26.21 -17.38 -10.36
CA ARG J 57 -25.88 -18.74 -10.76
C ARG J 57 -26.94 -19.30 -11.70
N PRO J 58 -26.55 -20.09 -12.71
CA PRO J 58 -27.53 -20.67 -13.63
C PRO J 58 -28.37 -21.77 -12.98
N ASN J 59 -29.40 -22.23 -13.70
CA ASN J 59 -30.43 -23.16 -13.22
C ASN J 59 -31.07 -22.61 -11.95
N PHE J 60 -31.76 -21.49 -12.13
CA PHE J 60 -32.49 -20.84 -11.05
C PHE J 60 -33.62 -21.74 -10.57
N LYS J 61 -33.80 -21.77 -9.24
CA LYS J 61 -34.56 -22.80 -8.52
C LYS J 61 -34.06 -24.18 -8.92
N GLY J 62 -32.83 -24.46 -8.48
CA GLY J 62 -32.19 -25.72 -8.76
C GLY J 62 -31.49 -26.32 -7.56
N PRO J 63 -31.03 -27.56 -7.71
CA PRO J 63 -30.21 -28.19 -6.65
C PRO J 63 -28.84 -27.54 -6.58
N PRO J 64 -28.09 -27.74 -5.46
CA PRO J 64 -26.71 -27.26 -5.41
C PRO J 64 -25.82 -27.97 -6.43
N VAL J 65 -25.23 -27.20 -7.34
CA VAL J 65 -24.49 -27.73 -8.47
C VAL J 65 -23.14 -28.26 -7.99
N ASN J 66 -22.98 -29.58 -8.01
CA ASN J 66 -21.78 -30.21 -7.49
C ASN J 66 -20.58 -29.99 -8.42
N VAL J 67 -19.38 -30.22 -7.90
CA VAL J 67 -18.17 -30.22 -8.70
C VAL J 67 -17.42 -31.53 -8.44
N SER J 68 -16.43 -31.80 -9.29
CA SER J 68 -15.44 -32.83 -9.05
C SER J 68 -14.07 -32.16 -9.21
N CYS J 69 -13.58 -31.54 -8.14
CA CYS J 69 -12.34 -30.78 -8.17
C CYS J 69 -11.17 -31.69 -7.82
N ASN J 70 -10.01 -31.40 -8.41
CA ASN J 70 -8.81 -32.18 -8.18
C ASN J 70 -7.59 -31.31 -8.40
N ILE J 71 -6.41 -31.86 -8.07
CA ILE J 71 -5.16 -31.13 -8.20
C ILE J 71 -4.27 -31.82 -9.23
N PHE J 72 -3.25 -31.11 -9.71
CA PHE J 72 -2.20 -31.74 -10.50
C PHE J 72 -0.92 -30.96 -10.25
N ILE J 73 0.10 -31.63 -9.73
CA ILE J 73 1.30 -30.96 -9.22
C ILE J 73 2.21 -30.58 -10.39
N ASN J 74 2.58 -29.30 -10.45
CA ASN J 74 3.71 -28.90 -11.29
C ASN J 74 5.02 -29.12 -10.55
N SER J 75 5.12 -28.58 -9.33
CA SER J 75 6.30 -28.73 -8.49
C SER J 75 5.94 -28.43 -7.04
N PHE J 76 6.55 -29.17 -6.12
CA PHE J 76 6.57 -28.82 -4.71
C PHE J 76 7.80 -27.94 -4.45
N GLY J 77 8.13 -27.69 -3.19
CA GLY J 77 9.37 -27.04 -2.83
C GLY J 77 9.16 -25.88 -1.87
N SER J 78 10.30 -25.31 -1.47
CA SER J 78 10.39 -24.16 -0.54
C SER J 78 9.68 -24.44 0.78
N ILE J 79 9.81 -25.66 1.29
CA ILE J 79 9.25 -26.01 2.59
C ILE J 79 10.13 -25.41 3.67
N ALA J 80 9.64 -24.36 4.30
CA ALA J 80 10.35 -23.72 5.41
C ALA J 80 9.93 -24.35 6.73
N GLU J 81 10.81 -24.26 7.70
CA GLU J 81 10.55 -24.85 9.00
C GLU J 81 10.48 -23.82 10.11
N THR J 82 11.12 -22.65 9.91
CA THR J 82 11.03 -21.55 10.85
C THR J 82 9.65 -20.91 10.79
N THR J 83 9.26 -20.45 9.61
CA THR J 83 7.95 -19.83 9.41
C THR J 83 6.87 -20.83 9.01
N MET J 84 7.21 -22.13 8.99
CA MET J 84 6.34 -23.29 8.72
C MET J 84 5.43 -23.11 7.49
N ASP J 85 5.94 -22.45 6.45
CA ASP J 85 5.17 -22.26 5.22
C ASP J 85 5.88 -22.93 4.04
N TYR J 86 5.17 -23.08 2.92
CA TYR J 86 5.67 -23.77 1.74
C TYR J 86 4.82 -23.35 0.54
N ARG J 87 5.29 -23.72 -0.66
CA ARG J 87 4.64 -23.33 -1.90
C ARG J 87 4.37 -24.55 -2.77
N VAL J 88 3.13 -24.66 -3.25
CA VAL J 88 2.69 -25.77 -4.10
C VAL J 88 1.97 -25.19 -5.31
N ASN J 89 2.36 -25.66 -6.50
CA ASN J 89 1.72 -25.28 -7.76
C ASN J 89 0.64 -26.30 -8.11
N ILE J 90 -0.56 -25.80 -8.43
CA ILE J 90 -1.72 -26.62 -8.68
C ILE J 90 -2.31 -26.30 -10.05
N PHE J 91 -2.52 -27.35 -10.85
CA PHE J 91 -3.40 -27.31 -12.02
C PHE J 91 -4.80 -27.71 -11.55
N LEU J 92 -5.64 -26.70 -11.30
CA LEU J 92 -7.04 -26.99 -11.00
C LEU J 92 -7.79 -27.36 -12.27
N ARG J 93 -8.80 -28.20 -12.13
CA ARG J 93 -9.85 -28.34 -13.13
C ARG J 93 -11.11 -28.81 -12.42
N GLN J 94 -12.24 -28.17 -12.75
CA GLN J 94 -13.49 -28.39 -12.05
C GLN J 94 -14.60 -28.66 -13.05
N GLN J 95 -15.62 -29.39 -12.59
CA GLN J 95 -16.75 -29.77 -13.42
C GLN J 95 -18.03 -29.18 -12.86
N TRP J 96 -19.03 -29.05 -13.72
CA TRP J 96 -20.41 -28.75 -13.34
C TRP J 96 -21.29 -29.14 -14.52
N ASN J 97 -22.60 -28.89 -14.38
CA ASN J 97 -23.59 -29.20 -15.41
C ASN J 97 -24.42 -27.94 -15.65
N ASP J 98 -23.96 -27.10 -16.57
CA ASP J 98 -24.65 -25.86 -16.90
C ASP J 98 -25.60 -26.11 -18.06
N PRO J 99 -26.91 -25.92 -17.89
CA PRO J 99 -27.85 -26.15 -18.99
C PRO J 99 -27.82 -25.10 -20.09
N ARG J 100 -27.06 -24.02 -19.94
CA ARG J 100 -26.88 -23.03 -21.00
C ARG J 100 -25.59 -23.27 -21.78
N LEU J 101 -25.16 -24.52 -21.88
CA LEU J 101 -24.04 -24.94 -22.72
C LEU J 101 -24.46 -26.06 -23.66
N ALA J 102 -25.63 -25.88 -24.29
CA ALA J 102 -26.17 -26.85 -25.23
C ALA J 102 -26.01 -26.33 -26.65
N TYR J 103 -25.42 -27.14 -27.52
CA TYR J 103 -25.18 -26.78 -28.90
C TYR J 103 -25.84 -27.78 -29.83
N ASN J 104 -26.14 -27.33 -31.05
CA ASN J 104 -26.76 -28.18 -32.06
C ASN J 104 -26.14 -28.05 -33.45
N GLU J 105 -25.21 -27.11 -33.67
CA GLU J 105 -24.69 -26.87 -35.01
C GLU J 105 -23.47 -27.75 -35.30
N TYR J 106 -22.44 -27.65 -34.47
CA TYR J 106 -21.17 -28.33 -34.71
C TYR J 106 -21.14 -29.69 -34.01
N PRO J 107 -20.50 -30.69 -34.61
CA PRO J 107 -20.38 -32.01 -33.98
C PRO J 107 -19.18 -32.19 -33.06
N ASP J 108 -18.35 -31.17 -32.88
CA ASP J 108 -17.11 -31.32 -32.12
C ASP J 108 -17.38 -31.33 -30.62
N ASP J 109 -16.40 -31.84 -29.87
CA ASP J 109 -16.48 -31.96 -28.42
C ASP J 109 -15.40 -31.18 -27.69
N SER J 110 -14.14 -31.29 -28.11
CA SER J 110 -13.02 -30.55 -27.50
C SER J 110 -13.12 -29.09 -27.93
N LEU J 111 -13.66 -28.27 -27.04
CA LEU J 111 -14.05 -26.89 -27.36
C LEU J 111 -13.43 -25.86 -26.43
N ASP J 112 -12.10 -25.87 -26.29
CA ASP J 112 -11.41 -24.84 -25.53
C ASP J 112 -11.59 -23.47 -26.18
N LEU J 113 -12.33 -22.58 -25.53
CA LEU J 113 -12.65 -21.28 -26.08
C LEU J 113 -11.48 -20.30 -25.94
N ASP J 114 -11.74 -19.06 -26.34
CA ASP J 114 -10.76 -17.99 -26.25
C ASP J 114 -10.68 -17.47 -24.80
N PRO J 115 -9.48 -17.10 -24.35
CA PRO J 115 -9.33 -16.62 -22.95
C PRO J 115 -9.94 -15.26 -22.66
N SER J 116 -10.57 -14.58 -23.63
CA SER J 116 -11.16 -13.28 -23.35
C SER J 116 -12.48 -13.41 -22.58
N MET J 117 -13.13 -14.56 -22.65
CA MET J 117 -14.42 -14.78 -22.02
C MET J 117 -14.31 -15.51 -20.68
N LEU J 118 -13.25 -15.27 -19.91
CA LEU J 118 -13.09 -15.94 -18.63
C LEU J 118 -13.97 -15.35 -17.55
N ASP J 119 -14.42 -14.10 -17.71
CA ASP J 119 -15.23 -13.42 -16.70
C ASP J 119 -16.70 -13.33 -17.10
N SER J 120 -17.07 -13.85 -18.27
CA SER J 120 -18.45 -13.87 -18.73
C SER J 120 -19.16 -15.17 -18.39
N ILE J 121 -18.54 -16.02 -17.58
CA ILE J 121 -19.12 -17.30 -17.18
C ILE J 121 -19.36 -17.30 -15.68
N TRP J 122 -20.05 -18.33 -15.19
CA TRP J 122 -20.26 -18.48 -13.75
C TRP J 122 -19.11 -19.24 -13.13
N LYS J 123 -18.52 -18.64 -12.09
CA LYS J 123 -17.39 -19.22 -11.40
C LYS J 123 -17.73 -19.44 -9.93
N PRO J 124 -17.47 -20.64 -9.41
CA PRO J 124 -17.69 -20.89 -7.97
C PRO J 124 -16.69 -20.15 -7.10
N ASP J 125 -17.17 -19.72 -5.94
CA ASP J 125 -16.43 -18.80 -5.07
C ASP J 125 -15.32 -19.55 -4.32
N LEU J 126 -14.22 -19.79 -5.03
CA LEU J 126 -13.09 -20.47 -4.43
C LEU J 126 -12.19 -19.50 -3.67
N PHE J 127 -12.00 -19.79 -2.38
CA PHE J 127 -10.93 -19.15 -1.62
C PHE J 127 -10.15 -20.26 -0.92
N PHE J 128 -8.96 -19.91 -0.42
CA PHE J 128 -8.03 -20.89 0.13
C PHE J 128 -7.72 -20.48 1.57
N ALA J 129 -7.86 -21.43 2.49
CA ALA J 129 -7.88 -21.16 3.93
C ALA J 129 -6.49 -20.88 4.51
N ASN J 130 -5.42 -21.24 3.82
CA ASN J 130 -4.06 -20.96 4.26
C ASN J 130 -3.29 -20.28 3.13
N GLU J 131 -3.90 -19.24 2.56
CA GLU J 131 -3.48 -18.71 1.28
C GLU J 131 -2.18 -17.92 1.40
N THR J 141 -1.63 -15.09 -21.85
CA THR J 141 -2.66 -16.08 -22.16
C THR J 141 -3.20 -16.60 -20.82
N ASP J 142 -4.52 -16.52 -20.63
CA ASP J 142 -5.12 -17.10 -19.43
C ASP J 142 -5.04 -18.63 -19.50
N ASN J 143 -4.58 -19.23 -18.41
CA ASN J 143 -4.51 -20.69 -18.33
C ASN J 143 -5.88 -21.26 -17.98
N LYS J 144 -6.81 -21.19 -18.93
CA LYS J 144 -8.20 -21.60 -18.71
C LYS J 144 -8.64 -22.40 -19.93
N LEU J 145 -8.47 -23.72 -19.85
CA LEU J 145 -8.86 -24.62 -20.92
C LEU J 145 -10.14 -25.31 -20.52
N LEU J 146 -11.26 -24.94 -21.17
CA LEU J 146 -12.58 -25.39 -20.77
C LEU J 146 -13.14 -26.33 -21.84
N ARG J 147 -13.49 -27.55 -21.43
CA ARG J 147 -13.98 -28.59 -22.35
C ARG J 147 -15.45 -28.83 -22.05
N ILE J 148 -16.30 -28.17 -22.84
CA ILE J 148 -17.75 -28.27 -22.66
C ILE J 148 -18.29 -29.53 -23.33
N SER J 149 -19.53 -29.87 -23.03
CA SER J 149 -20.20 -31.03 -23.63
C SER J 149 -21.55 -30.57 -24.17
N ARG J 150 -22.34 -31.54 -24.65
CA ARG J 150 -23.66 -31.22 -25.17
C ARG J 150 -24.65 -30.96 -24.05
N ASN J 151 -24.63 -31.78 -23.00
CA ASN J 151 -25.51 -31.57 -21.86
C ASN J 151 -25.06 -30.40 -20.99
N GLY J 152 -23.78 -30.05 -21.04
CA GLY J 152 -23.27 -28.91 -20.30
C GLY J 152 -22.18 -29.25 -19.32
N ASN J 153 -21.47 -30.35 -19.55
CA ASN J 153 -20.37 -30.77 -18.69
C ASN J 153 -19.14 -29.92 -19.03
N VAL J 154 -18.96 -28.82 -18.31
CA VAL J 154 -17.86 -27.90 -18.54
C VAL J 154 -16.68 -28.34 -17.66
N LEU J 155 -15.47 -28.36 -18.23
CA LEU J 155 -14.26 -28.77 -17.51
C LEU J 155 -13.28 -27.61 -17.53
N TYR J 156 -13.45 -26.68 -16.59
CA TYR J 156 -12.75 -25.39 -16.59
C TYR J 156 -11.48 -25.49 -15.75
N SER J 157 -10.35 -25.10 -16.33
CA SER J 157 -9.06 -25.26 -15.67
C SER J 157 -8.53 -23.93 -15.12
N ILE J 158 -7.80 -24.01 -14.01
CA ILE J 158 -7.21 -22.85 -13.33
C ILE J 158 -5.80 -23.23 -12.92
N ARG J 159 -4.83 -22.32 -13.11
CA ARG J 159 -3.46 -22.51 -12.63
C ARG J 159 -3.20 -21.59 -11.45
N ILE J 160 -2.91 -22.18 -10.28
CA ILE J 160 -2.65 -21.44 -9.06
C ILE J 160 -1.38 -21.99 -8.40
N THR J 161 -0.44 -21.11 -8.10
CA THR J 161 0.74 -21.45 -7.29
C THR J 161 0.45 -20.95 -5.88
N LEU J 162 -0.04 -21.84 -5.02
CA LEU J 162 -0.48 -21.48 -3.68
C LEU J 162 0.67 -21.58 -2.69
N THR J 163 0.54 -20.86 -1.58
CA THR J 163 1.59 -20.63 -0.59
C THR J 163 1.12 -21.10 0.79
N LEU J 164 0.76 -22.38 0.86
CA LEU J 164 0.04 -22.98 1.99
C LEU J 164 0.85 -22.94 3.29
N ALA J 165 0.22 -23.38 4.38
CA ALA J 165 0.83 -23.46 5.70
C ALA J 165 0.62 -24.86 6.27
N CYS J 166 1.51 -25.28 7.15
CA CYS J 166 1.43 -26.60 7.78
C CYS J 166 1.67 -26.44 9.28
N PRO J 167 0.65 -26.58 10.12
CA PRO J 167 0.88 -26.55 11.57
C PRO J 167 1.59 -27.80 12.07
N MET J 168 2.80 -27.64 12.60
CA MET J 168 3.62 -28.78 13.01
C MET J 168 3.44 -29.04 14.49
N ASP J 169 2.83 -30.19 14.80
CA ASP J 169 2.80 -30.72 16.17
C ASP J 169 3.82 -31.84 16.29
N LEU J 170 4.74 -31.70 17.24
CA LEU J 170 5.87 -32.62 17.32
C LEU J 170 5.40 -33.94 17.92
N LYS J 171 5.59 -35.02 17.17
CA LYS J 171 5.44 -36.37 17.69
C LYS J 171 6.78 -37.08 17.66
N ASN J 172 7.41 -37.24 16.48
CA ASN J 172 8.82 -37.53 16.35
C ASN J 172 9.31 -36.93 15.02
N PHE J 173 9.75 -35.66 15.09
CA PHE J 173 10.16 -34.86 13.93
C PHE J 173 11.25 -35.40 13.00
N PRO J 174 12.21 -36.24 13.43
CA PRO J 174 13.07 -36.88 12.41
C PRO J 174 12.34 -37.84 11.47
N MET J 175 11.38 -38.61 11.98
CA MET J 175 10.68 -39.60 11.17
C MET J 175 9.18 -39.55 11.41
N ASP J 176 8.59 -38.36 11.35
CA ASP J 176 7.16 -38.22 11.58
C ASP J 176 6.36 -38.44 10.30
N VAL J 177 5.05 -38.56 10.46
CA VAL J 177 4.08 -38.34 9.41
C VAL J 177 3.32 -37.06 9.76
N GLN J 178 3.56 -36.00 9.00
CA GLN J 178 3.11 -34.66 9.34
C GLN J 178 1.93 -34.29 8.46
N THR J 179 0.80 -33.96 9.07
CA THR J 179 -0.40 -33.60 8.35
C THR J 179 -0.32 -32.14 7.93
N CYS J 180 -0.13 -31.90 6.64
CA CYS J 180 -0.14 -30.56 6.07
C CYS J 180 -1.44 -30.42 5.28
N ILE J 181 -2.37 -29.63 5.82
CA ILE J 181 -3.73 -29.58 5.30
C ILE J 181 -3.79 -28.80 3.98
N MET J 182 -4.81 -29.07 3.18
CA MET J 182 -5.04 -28.41 1.91
C MET J 182 -6.53 -28.37 1.67
N GLN J 183 -7.14 -27.18 1.79
CA GLN J 183 -8.59 -27.06 1.91
C GLN J 183 -9.17 -26.31 0.71
N LEU J 184 -10.04 -27.00 -0.04
CA LEU J 184 -10.87 -26.36 -1.05
C LEU J 184 -12.08 -25.75 -0.35
N GLU J 185 -12.15 -24.43 -0.31
CA GLU J 185 -13.13 -23.73 0.49
C GLU J 185 -14.02 -22.85 -0.38
N SER J 186 -15.29 -22.74 0.02
CA SER J 186 -16.25 -21.87 -0.62
C SER J 186 -16.83 -20.90 0.40
N PHE J 187 -17.12 -19.68 -0.06
CA PHE J 187 -17.55 -18.63 0.86
C PHE J 187 -18.88 -17.97 0.49
N GLY J 188 -19.15 -17.67 -0.77
CA GLY J 188 -20.37 -16.95 -1.09
C GLY J 188 -21.63 -17.76 -1.03
N TYR J 189 -21.52 -19.09 -1.07
CA TYR J 189 -22.68 -19.97 -1.22
C TYR J 189 -22.71 -20.95 -0.06
N THR J 190 -23.92 -21.35 0.32
CA THR J 190 -24.14 -22.32 1.38
C THR J 190 -24.32 -23.71 0.77
N MET J 191 -24.80 -24.66 1.60
CA MET J 191 -25.06 -26.02 1.12
C MET J 191 -26.20 -26.05 0.12
N ASN J 192 -27.11 -25.09 0.20
CA ASN J 192 -28.29 -25.06 -0.66
C ASN J 192 -27.99 -24.57 -2.07
N ASP J 193 -26.77 -24.13 -2.36
CA ASP J 193 -26.49 -23.57 -3.67
C ASP J 193 -25.23 -24.16 -4.31
N LEU J 194 -24.28 -24.63 -3.49
CA LEU J 194 -22.99 -25.10 -4.02
C LEU J 194 -22.38 -26.09 -3.03
N ILE J 195 -21.91 -27.22 -3.55
CA ILE J 195 -21.21 -28.25 -2.78
C ILE J 195 -20.03 -28.75 -3.61
N PHE J 196 -18.89 -28.96 -2.96
CA PHE J 196 -17.71 -29.46 -3.63
C PHE J 196 -17.51 -30.94 -3.33
N GLU J 197 -16.93 -31.65 -4.29
CA GLU J 197 -16.56 -33.05 -4.14
C GLU J 197 -15.24 -33.31 -4.86
N TRP J 198 -14.59 -34.41 -4.49
CA TRP J 198 -13.48 -34.92 -5.29
C TRP J 198 -14.02 -35.69 -6.49
N GLN J 199 -13.11 -36.09 -7.37
CA GLN J 199 -13.48 -37.07 -8.38
C GLN J 199 -13.28 -38.48 -7.83
N GLU J 200 -13.89 -39.45 -8.51
CA GLU J 200 -13.93 -40.81 -7.97
C GLU J 200 -12.63 -41.56 -8.16
N GLN J 201 -12.01 -41.45 -9.33
CA GLN J 201 -10.81 -42.23 -9.66
C GLN J 201 -9.63 -41.29 -9.86
N GLY J 202 -8.65 -41.38 -8.97
CA GLY J 202 -7.43 -40.60 -9.07
C GLY J 202 -7.63 -39.14 -8.79
N ALA J 203 -8.02 -38.79 -7.57
CA ALA J 203 -8.28 -37.39 -7.24
C ALA J 203 -6.99 -36.63 -6.98
N VAL J 204 -6.08 -37.19 -6.20
CA VAL J 204 -4.79 -36.57 -5.95
C VAL J 204 -3.71 -37.34 -6.72
N GLN J 205 -2.86 -36.60 -7.44
CA GLN J 205 -1.83 -37.22 -8.25
C GLN J 205 -0.66 -36.26 -8.41
N VAL J 206 0.53 -36.85 -8.63
CA VAL J 206 1.74 -36.11 -8.88
C VAL J 206 2.15 -36.40 -10.32
N ALA J 207 2.92 -35.49 -10.92
CA ALA J 207 3.30 -35.62 -12.33
C ALA J 207 4.40 -36.67 -12.50
N ASP J 208 5.00 -36.70 -13.69
CA ASP J 208 5.84 -37.82 -14.11
C ASP J 208 7.21 -37.84 -13.43
N GLY J 209 7.25 -38.29 -12.17
CA GLY J 209 8.51 -38.57 -11.49
C GLY J 209 9.36 -37.35 -11.17
N LEU J 210 8.73 -36.25 -10.78
CA LEU J 210 9.50 -35.06 -10.43
C LEU J 210 10.14 -35.21 -9.07
N THR J 211 11.33 -34.64 -8.91
CA THR J 211 12.07 -34.77 -7.66
C THR J 211 11.43 -33.94 -6.56
N LEU J 212 11.75 -34.30 -5.31
CA LEU J 212 11.12 -33.68 -4.15
C LEU J 212 12.20 -33.27 -3.16
N PRO J 213 12.29 -31.98 -2.78
CA PRO J 213 13.36 -31.57 -1.86
C PRO J 213 13.15 -32.01 -0.42
N GLN J 214 13.86 -33.07 -0.05
CA GLN J 214 13.97 -33.61 1.31
C GLN J 214 12.61 -34.01 1.88
N PHE J 215 11.92 -34.85 1.11
CA PHE J 215 10.72 -35.59 1.49
C PHE J 215 10.39 -36.54 0.34
N ILE J 216 9.61 -37.58 0.66
CA ILE J 216 8.85 -38.33 -0.33
C ILE J 216 7.44 -38.48 0.21
N LEU J 217 6.46 -38.38 -0.69
CA LEU J 217 5.06 -38.48 -0.31
C LEU J 217 4.56 -39.90 -0.50
N LYS J 218 3.80 -40.39 0.48
CA LYS J 218 3.18 -41.70 0.37
C LYS J 218 2.02 -41.64 -0.62
N GLU J 219 1.77 -42.77 -1.29
CA GLU J 219 0.66 -42.82 -2.25
C GLU J 219 -0.69 -42.79 -1.54
N GLU J 220 -0.78 -43.37 -0.35
CA GLU J 220 -2.01 -43.29 0.42
C GLU J 220 -2.14 -41.91 1.06
N LYS J 221 -3.34 -41.33 0.97
CA LYS J 221 -3.63 -40.03 1.56
C LYS J 221 -5.01 -40.11 2.20
N ASP J 222 -5.50 -38.96 2.66
CA ASP J 222 -6.80 -38.87 3.32
C ASP J 222 -7.62 -37.78 2.67
N LEU J 223 -8.86 -38.12 2.32
CA LEU J 223 -9.77 -37.26 1.56
C LEU J 223 -11.10 -37.10 2.28
N ARG J 224 -11.05 -36.73 3.56
CA ARG J 224 -12.25 -36.59 4.37
C ARG J 224 -13.10 -35.41 3.91
N TYR J 225 -14.36 -35.42 4.34
CA TYR J 225 -15.34 -34.40 3.98
C TYR J 225 -15.71 -33.62 5.24
N CYS J 226 -14.93 -32.58 5.53
CA CYS J 226 -15.25 -31.66 6.61
C CYS J 226 -16.35 -30.68 6.19
N THR J 227 -16.80 -29.87 7.15
CA THR J 227 -17.73 -28.79 6.86
C THR J 227 -17.54 -27.68 7.89
N LYS J 228 -17.30 -26.47 7.41
CA LYS J 228 -17.14 -25.30 8.27
C LYS J 228 -18.50 -24.69 8.56
N HIS J 229 -18.59 -23.97 9.68
CA HIS J 229 -19.85 -23.42 10.17
C HIS J 229 -19.65 -21.95 10.50
N TYR J 230 -20.52 -21.10 9.98
CA TYR J 230 -20.46 -19.66 10.21
C TYR J 230 -21.88 -19.17 10.47
N ASN J 231 -22.01 -17.91 10.88
CA ASN J 231 -23.27 -17.38 11.38
C ASN J 231 -24.22 -16.89 10.28
N THR J 232 -23.92 -17.21 9.02
CA THR J 232 -24.84 -16.99 7.91
C THR J 232 -25.19 -18.28 7.20
N GLY J 233 -24.68 -19.41 7.67
CA GLY J 233 -24.83 -20.67 7.01
C GLY J 233 -23.50 -21.42 7.04
N LYS J 234 -23.59 -22.73 6.83
CA LYS J 234 -22.40 -23.57 6.84
C LYS J 234 -21.80 -23.60 5.44
N PHE J 235 -20.47 -23.60 5.38
CA PHE J 235 -19.75 -23.46 4.13
C PHE J 235 -19.01 -24.75 3.77
N THR J 236 -18.43 -24.77 2.58
CA THR J 236 -17.91 -26.01 2.01
C THR J 236 -16.45 -26.18 2.40
N CYS J 237 -16.13 -27.34 2.98
CA CYS J 237 -14.79 -27.69 3.42
C CYS J 237 -14.36 -28.99 2.77
N ILE J 238 -13.25 -28.96 2.04
CA ILE J 238 -12.70 -30.17 1.42
C ILE J 238 -11.24 -30.31 1.85
N GLU J 239 -11.01 -31.11 2.90
CA GLU J 239 -9.68 -31.28 3.46
C GLU J 239 -8.94 -32.42 2.78
N ALA J 240 -7.68 -32.19 2.44
CA ALA J 240 -6.80 -33.19 1.87
C ALA J 240 -5.60 -33.33 2.81
N ARG J 241 -5.68 -34.26 3.76
CA ARG J 241 -4.60 -34.49 4.70
C ARG J 241 -3.44 -35.18 3.99
N PHE J 242 -2.28 -34.53 4.01
CA PHE J 242 -1.07 -35.04 3.37
C PHE J 242 -0.33 -35.91 4.39
N HIS J 243 -0.18 -37.20 4.07
CA HIS J 243 0.75 -38.04 4.82
C HIS J 243 2.17 -37.69 4.37
N LEU J 244 2.77 -36.72 5.06
CA LEU J 244 4.01 -36.09 4.61
C LEU J 244 5.09 -36.34 5.67
N GLU J 245 6.15 -37.03 5.26
CA GLU J 245 7.30 -37.26 6.11
C GLU J 245 8.43 -36.30 5.71
N ARG J 246 9.50 -36.33 6.50
CA ARG J 246 10.74 -35.68 6.11
C ARG J 246 11.90 -36.51 6.63
N GLN J 247 13.05 -36.37 5.97
CA GLN J 247 14.20 -37.22 6.23
C GLN J 247 15.37 -36.33 6.62
N MET J 248 16.33 -36.91 7.36
CA MET J 248 17.44 -36.16 7.95
C MET J 248 18.57 -35.84 6.98
N GLY J 249 18.34 -35.96 5.67
CA GLY J 249 19.39 -35.79 4.67
C GLY J 249 19.97 -34.39 4.59
N TYR J 250 19.21 -33.37 4.97
CA TYR J 250 19.80 -32.04 5.13
C TYR J 250 20.72 -32.00 6.34
N TYR J 251 20.16 -32.27 7.52
CA TYR J 251 20.87 -32.11 8.77
C TYR J 251 21.69 -33.33 9.17
N LEU J 252 21.88 -34.29 8.26
CA LEU J 252 22.92 -35.30 8.45
C LEU J 252 24.30 -34.65 8.34
N ILE J 253 24.40 -33.57 7.58
CA ILE J 253 25.64 -32.83 7.45
C ILE J 253 25.56 -31.47 8.16
N GLN J 254 24.37 -30.90 8.33
CA GLN J 254 24.28 -29.50 8.76
C GLN J 254 24.38 -29.31 10.28
N MET J 255 23.36 -29.74 11.04
CA MET J 255 23.27 -29.27 12.42
C MET J 255 23.32 -30.34 13.50
N TYR J 256 22.36 -31.28 13.52
CA TYR J 256 22.23 -32.06 14.75
C TYR J 256 22.88 -33.43 14.68
N ILE J 257 23.24 -33.91 13.50
CA ILE J 257 24.20 -35.00 13.39
C ILE J 257 25.61 -34.47 13.64
N PRO J 258 25.99 -33.25 13.25
CA PRO J 258 27.17 -32.63 13.88
C PRO J 258 27.00 -32.26 15.36
N SER J 259 25.80 -32.38 15.95
CA SER J 259 25.74 -32.30 17.41
C SER J 259 26.18 -33.61 18.04
N LEU J 260 26.15 -34.70 17.27
CA LEU J 260 26.77 -35.95 17.69
C LEU J 260 28.29 -35.95 17.51
N LEU J 261 28.83 -34.93 16.82
CA LEU J 261 30.28 -34.70 16.87
C LEU J 261 30.72 -34.22 18.24
N ILE J 262 29.82 -33.57 18.97
CA ILE J 262 30.01 -33.30 20.39
C ILE J 262 29.79 -34.55 21.24
N VAL J 263 28.80 -35.38 20.90
CA VAL J 263 28.53 -36.61 21.65
C VAL J 263 29.66 -37.62 21.47
N ILE J 264 30.24 -37.70 20.27
CA ILE J 264 31.41 -38.57 20.10
C ILE J 264 32.65 -37.94 20.72
N LEU J 265 32.65 -36.62 20.93
CA LEU J 265 33.67 -35.96 21.73
C LEU J 265 33.37 -36.10 23.22
N SER J 266 32.10 -36.31 23.59
CA SER J 266 31.76 -36.62 24.97
C SER J 266 32.23 -38.01 25.39
N TRP J 267 32.51 -38.88 24.44
CA TRP J 267 33.16 -40.16 24.69
C TRP J 267 34.67 -40.01 24.88
N ILE J 268 35.21 -38.80 24.71
CA ILE J 268 36.64 -38.56 24.80
C ILE J 268 37.00 -37.75 26.04
N SER J 269 36.15 -36.79 26.42
CA SER J 269 36.42 -35.89 27.54
C SER J 269 36.17 -36.52 28.91
N PHE J 270 35.95 -37.83 28.98
CA PHE J 270 35.79 -38.55 30.24
C PHE J 270 36.74 -39.74 30.39
N TRP J 271 37.29 -40.27 29.29
CA TRP J 271 38.22 -41.40 29.36
C TRP J 271 39.57 -40.98 29.93
N ILE J 272 39.93 -39.69 29.83
CA ILE J 272 41.20 -39.21 30.33
C ILE J 272 41.17 -39.16 31.85
N ASN J 273 42.27 -39.56 32.48
CA ASN J 273 42.38 -39.56 33.94
C ASN J 273 42.44 -38.13 34.49
N MET J 274 42.34 -38.03 35.82
CA MET J 274 42.20 -36.76 36.51
C MET J 274 43.54 -36.12 36.85
N ASP J 275 44.62 -36.47 36.15
CA ASP J 275 45.95 -35.91 36.41
C ASP J 275 46.38 -34.98 35.28
N ALA J 276 45.43 -34.24 34.70
CA ALA J 276 45.74 -33.35 33.56
C ALA J 276 44.73 -32.21 33.59
N ALA J 277 45.19 -31.05 34.09
CA ALA J 277 44.35 -29.86 34.11
C ALA J 277 44.26 -29.11 32.77
N PRO J 278 45.32 -28.91 31.97
CA PRO J 278 45.10 -28.32 30.65
C PRO J 278 44.77 -29.32 29.56
N ALA J 279 44.70 -30.61 29.87
CA ALA J 279 44.46 -31.63 28.84
C ALA J 279 43.15 -32.38 29.01
N ARG J 280 42.41 -32.18 30.10
CA ARG J 280 41.11 -32.80 30.27
C ARG J 280 39.97 -31.80 30.41
N VAL J 281 40.15 -30.74 31.20
CA VAL J 281 39.19 -29.65 31.24
C VAL J 281 39.78 -28.46 30.51
N GLY J 282 40.98 -28.65 29.95
CA GLY J 282 41.50 -27.71 28.98
C GLY J 282 40.82 -27.83 27.63
N LEU J 283 40.43 -29.04 27.25
CA LEU J 283 39.51 -29.27 26.15
C LEU J 283 38.12 -29.67 26.62
N GLY J 284 37.92 -29.81 27.93
CA GLY J 284 36.59 -30.04 28.46
C GLY J 284 35.75 -28.79 28.60
N ILE J 285 36.39 -27.61 28.52
CA ILE J 285 35.63 -26.37 28.43
C ILE J 285 35.24 -26.08 26.98
N THR J 286 35.83 -26.80 26.03
CA THR J 286 35.48 -26.66 24.62
C THR J 286 34.12 -27.28 24.30
N THR J 287 33.79 -28.42 24.91
CA THR J 287 32.56 -29.14 24.59
C THR J 287 31.30 -28.45 25.11
N VAL J 288 31.43 -27.41 25.94
CA VAL J 288 30.28 -26.62 26.35
C VAL J 288 30.19 -25.30 25.59
N LEU J 289 31.27 -24.82 24.99
CA LEU J 289 31.16 -23.65 24.11
C LEU J 289 30.88 -24.07 22.67
N THR J 290 31.29 -25.28 22.29
CA THR J 290 30.90 -25.82 20.99
C THR J 290 29.40 -26.12 20.96
N MET J 291 28.82 -26.45 22.12
CA MET J 291 27.37 -26.60 22.23
C MET J 291 26.67 -25.28 21.97
N THR J 292 27.25 -24.16 22.43
CA THR J 292 26.63 -22.86 22.22
C THR J 292 26.71 -22.42 20.76
N THR J 293 27.69 -22.96 20.02
CA THR J 293 27.76 -22.67 18.59
C THR J 293 26.71 -23.45 17.81
N GLN J 294 26.22 -24.57 18.34
CA GLN J 294 25.19 -25.36 17.67
C GLN J 294 23.85 -25.33 18.38
N SER J 295 23.76 -24.78 19.59
CA SER J 295 22.45 -24.44 20.14
C SER J 295 21.86 -23.22 19.45
N SER J 296 22.72 -22.33 18.95
CA SER J 296 22.25 -21.27 18.05
C SER J 296 21.82 -21.86 16.71
N GLY J 297 22.44 -22.96 16.31
CA GLY J 297 21.96 -23.73 15.17
C GLY J 297 20.58 -24.33 15.38
N SER J 298 20.22 -24.61 16.62
CA SER J 298 18.86 -24.95 16.99
C SER J 298 18.03 -23.72 17.34
N ARG J 299 18.49 -22.52 16.97
CA ARG J 299 17.74 -21.29 17.20
C ARG J 299 17.64 -20.49 15.92
N ALA J 300 18.68 -20.57 15.07
CA ALA J 300 18.66 -19.83 13.81
C ALA J 300 17.75 -20.49 12.79
N SER J 301 17.97 -21.78 12.51
CA SER J 301 17.16 -22.53 11.56
C SER J 301 16.00 -23.25 12.23
N LEU J 302 15.82 -23.08 13.54
CA LEU J 302 14.76 -23.72 14.29
C LEU J 302 13.93 -22.69 15.03
N PRO J 303 12.61 -22.74 14.93
CA PRO J 303 11.76 -21.81 15.69
C PRO J 303 11.47 -22.34 17.09
N LYS J 304 10.83 -21.48 17.88
CA LYS J 304 10.38 -21.90 19.21
C LYS J 304 9.02 -22.59 19.11
N VAL J 305 8.87 -23.68 19.86
CA VAL J 305 7.64 -24.48 19.84
C VAL J 305 7.06 -24.55 21.24
N SER J 306 5.97 -25.28 21.43
CA SER J 306 5.30 -25.38 22.72
C SER J 306 5.92 -26.45 23.62
N TYR J 307 5.90 -27.71 23.19
CA TYR J 307 6.46 -28.78 23.98
C TYR J 307 7.97 -28.85 23.76
N VAL J 308 8.66 -29.60 24.62
CA VAL J 308 10.12 -29.73 24.53
C VAL J 308 10.48 -30.50 23.26
N LYS J 309 11.61 -30.12 22.66
CA LYS J 309 11.99 -30.65 21.35
C LYS J 309 12.50 -32.09 21.46
N ALA J 310 12.05 -32.93 20.53
CA ALA J 310 12.49 -34.33 20.52
C ALA J 310 13.92 -34.46 20.03
N ILE J 311 14.38 -33.53 19.19
CA ILE J 311 15.77 -33.56 18.73
C ILE J 311 16.70 -33.04 19.81
N ASP J 312 16.32 -31.93 20.44
CA ASP J 312 17.20 -31.22 21.37
C ASP J 312 17.22 -31.84 22.77
N ILE J 313 16.68 -33.04 22.96
CA ILE J 313 16.65 -33.63 24.30
C ILE J 313 17.95 -34.37 24.59
N TRP J 314 18.67 -34.80 23.55
CA TRP J 314 19.97 -35.42 23.78
C TRP J 314 21.11 -34.42 23.74
N MET J 315 20.82 -33.12 23.64
CA MET J 315 21.87 -32.11 23.73
C MET J 315 22.32 -31.91 25.18
N ALA J 316 21.36 -31.75 26.09
CA ALA J 316 21.68 -31.40 27.47
C ALA J 316 21.99 -32.62 28.34
N VAL J 317 21.44 -33.79 28.02
CA VAL J 317 21.67 -34.96 28.88
C VAL J 317 23.04 -35.57 28.64
N CYS J 318 23.70 -35.26 27.52
CA CYS J 318 25.08 -35.68 27.35
C CYS J 318 26.03 -34.78 28.14
N LEU J 319 25.64 -33.53 28.35
CA LEU J 319 26.42 -32.64 29.20
C LEU J 319 26.07 -32.85 30.67
N LEU J 320 24.94 -33.49 30.95
CA LEU J 320 24.50 -33.71 32.31
C LEU J 320 25.38 -34.71 33.05
N PHE J 321 26.04 -35.61 32.33
CA PHE J 321 26.94 -36.56 32.98
C PHE J 321 28.21 -35.89 33.45
N VAL J 322 28.84 -35.09 32.59
CA VAL J 322 30.15 -34.50 32.89
C VAL J 322 30.06 -33.39 33.93
N PHE J 323 28.87 -32.82 34.16
CA PHE J 323 28.71 -31.75 35.13
C PHE J 323 28.62 -32.26 36.56
N SER J 324 28.61 -33.58 36.76
CA SER J 324 28.75 -34.18 38.08
C SER J 324 30.13 -34.77 38.33
N ALA J 325 30.91 -35.01 37.26
CA ALA J 325 32.27 -35.52 37.40
C ALA J 325 33.27 -34.41 37.68
N LEU J 326 32.89 -33.15 37.47
CA LEU J 326 33.78 -32.04 37.82
C LEU J 326 33.82 -31.80 39.33
N LEU J 327 32.83 -32.33 40.06
CA LEU J 327 32.86 -32.24 41.52
C LEU J 327 33.91 -33.18 42.12
N GLU J 328 34.26 -34.25 41.39
CA GLU J 328 35.17 -35.27 41.90
C GLU J 328 36.64 -34.85 41.87
N TYR J 329 36.96 -33.64 41.39
CA TYR J 329 38.34 -33.16 41.47
C TYR J 329 38.73 -32.82 42.90
N ALA J 330 37.75 -32.44 43.72
CA ALA J 330 38.01 -32.19 45.13
C ALA J 330 38.22 -33.51 45.89
N ALA J 331 37.65 -34.59 45.39
CA ALA J 331 37.80 -35.89 46.03
C ALA J 331 39.18 -36.51 45.84
N ASP J 423 39.29 -44.16 38.40
CA ASP J 423 39.91 -44.20 37.08
C ASP J 423 39.37 -45.37 36.26
N LYS J 424 39.00 -46.47 36.94
CA LYS J 424 38.34 -47.57 36.24
C LYS J 424 36.93 -47.18 35.83
N ILE J 425 36.24 -46.39 36.67
CA ILE J 425 34.93 -45.87 36.32
C ILE J 425 35.06 -44.80 35.23
N SER J 426 36.18 -44.06 35.25
CA SER J 426 36.42 -43.06 34.22
C SER J 426 36.73 -43.69 32.87
N ARG J 427 37.15 -44.95 32.85
CA ARG J 427 37.52 -45.63 31.62
C ARG J 427 36.36 -46.35 30.95
N ILE J 428 35.44 -46.91 31.73
CA ILE J 428 34.46 -47.87 31.22
C ILE J 428 33.05 -47.30 31.33
N GLY J 429 32.86 -46.37 32.27
CA GLY J 429 31.52 -46.05 32.76
C GLY J 429 30.59 -45.37 31.75
N PHE J 430 31.03 -44.27 31.16
CA PHE J 430 30.15 -43.50 30.27
C PHE J 430 29.81 -44.16 28.92
N PRO J 431 30.69 -44.91 28.25
CA PRO J 431 30.19 -45.70 27.10
C PRO J 431 29.27 -46.86 27.48
N MET J 432 29.14 -47.20 28.75
CA MET J 432 28.10 -48.12 29.20
C MET J 432 27.05 -47.36 30.00
N ALA J 433 26.86 -46.07 29.70
CA ALA J 433 25.86 -45.27 30.37
C ALA J 433 24.92 -44.52 29.43
N PHE J 434 25.32 -44.28 28.18
CA PHE J 434 24.44 -43.66 27.18
C PHE J 434 23.86 -44.68 26.20
N LEU J 435 24.57 -45.79 25.96
CA LEU J 435 24.08 -46.86 25.09
C LEU J 435 22.88 -47.59 25.68
N ILE J 436 22.70 -47.54 27.00
CA ILE J 436 21.51 -48.12 27.62
C ILE J 436 20.28 -47.26 27.32
N PHE J 437 20.48 -45.98 27.02
CA PHE J 437 19.40 -45.09 26.63
C PHE J 437 19.33 -44.83 25.14
N ASN J 438 20.44 -45.00 24.40
CA ASN J 438 20.45 -44.75 22.97
C ASN J 438 19.64 -45.81 22.22
N MET J 439 19.72 -47.06 22.65
CA MET J 439 18.89 -48.10 22.04
C MET J 439 17.46 -48.02 22.53
N PHE J 440 17.25 -47.50 23.74
CA PHE J 440 15.90 -47.42 24.31
C PHE J 440 15.10 -46.28 23.73
N TYR J 441 15.76 -45.22 23.23
CA TYR J 441 15.04 -44.03 22.78
C TYR J 441 14.42 -44.24 21.41
N TRP J 442 15.16 -44.87 20.49
CA TRP J 442 14.72 -44.93 19.10
C TRP J 442 13.69 -46.04 18.86
N ILE J 443 13.48 -46.94 19.82
CA ILE J 443 12.43 -47.94 19.68
C ILE J 443 11.06 -47.33 19.92
N ILE J 444 10.97 -46.43 20.91
CA ILE J 444 9.69 -45.82 21.25
C ILE J 444 9.30 -44.77 20.21
N TYR J 445 10.25 -43.93 19.80
CA TYR J 445 9.97 -42.77 18.97
C TYR J 445 10.24 -43.03 17.50
N LYS J 446 9.98 -44.25 17.04
CA LYS J 446 9.99 -44.58 15.62
C LYS J 446 8.59 -44.78 15.06
N ILE J 447 7.56 -44.56 15.87
CA ILE J 447 6.19 -44.74 15.44
C ILE J 447 5.62 -43.41 14.93
N MET K 36 -42.02 -15.24 -14.18
CA MET K 36 -41.63 -14.65 -12.90
C MET K 36 -40.45 -13.71 -13.09
N SER K 37 -39.79 -13.81 -14.26
CA SER K 37 -38.68 -13.00 -14.74
C SER K 37 -37.51 -12.97 -13.74
N PRO K 38 -36.71 -14.02 -13.64
CA PRO K 38 -35.59 -14.02 -12.69
C PRO K 38 -34.45 -13.08 -13.04
N SER K 39 -34.41 -12.54 -14.27
CA SER K 39 -33.42 -11.55 -14.65
C SER K 39 -33.89 -10.12 -14.46
N ASP K 40 -35.20 -9.88 -14.39
CA ASP K 40 -35.75 -8.56 -14.13
C ASP K 40 -35.78 -8.24 -12.64
N PHE K 41 -35.55 -9.25 -11.78
CA PHE K 41 -35.48 -9.02 -10.34
C PHE K 41 -34.26 -8.19 -9.98
N LEU K 42 -33.13 -8.46 -10.65
CA LEU K 42 -31.94 -7.63 -10.46
C LEU K 42 -32.10 -6.25 -11.08
N ASP K 43 -32.94 -6.12 -12.11
CA ASP K 43 -33.17 -4.84 -12.75
C ASP K 43 -34.16 -3.96 -11.99
N LYS K 44 -35.01 -4.57 -11.15
CA LYS K 44 -36.04 -3.82 -10.45
C LYS K 44 -35.50 -2.95 -9.33
N LEU K 45 -34.38 -3.32 -8.71
CA LEU K 45 -33.82 -2.54 -7.61
C LEU K 45 -32.55 -1.78 -7.99
N MET K 46 -31.84 -2.21 -9.03
CA MET K 46 -30.59 -1.59 -9.41
C MET K 46 -30.39 -1.77 -10.92
N GLY K 47 -29.20 -1.47 -11.41
CA GLY K 47 -28.91 -1.67 -12.82
C GLY K 47 -29.38 -0.49 -13.65
N ARG K 48 -30.23 -0.78 -14.64
CA ARG K 48 -30.72 0.26 -15.54
C ARG K 48 -31.83 1.08 -14.91
N THR K 49 -32.87 0.42 -14.39
CA THR K 49 -34.03 1.09 -13.85
C THR K 49 -33.84 1.42 -12.36
N SER K 50 -34.86 2.10 -11.81
CA SER K 50 -35.05 2.45 -10.40
C SER K 50 -34.06 3.48 -9.86
N GLY K 51 -33.09 3.89 -10.67
CA GLY K 51 -32.16 4.95 -10.30
C GLY K 51 -31.27 4.68 -9.11
N TYR K 52 -30.70 3.48 -9.03
CA TYR K 52 -29.80 3.18 -7.91
C TYR K 52 -28.43 3.80 -8.18
N ASP K 53 -27.79 4.26 -7.11
CA ASP K 53 -26.46 4.84 -7.22
C ASP K 53 -25.70 4.55 -5.93
N ALA K 54 -24.53 3.92 -6.06
CA ALA K 54 -23.68 3.63 -4.92
C ALA K 54 -22.90 4.86 -4.44
N ARG K 55 -23.00 5.99 -5.14
CA ARG K 55 -22.29 7.20 -4.75
C ARG K 55 -23.05 8.06 -3.75
N ILE K 56 -24.17 7.58 -3.22
CA ILE K 56 -24.93 8.33 -2.22
C ILE K 56 -25.19 7.42 -1.02
N ARG K 57 -25.33 8.04 0.14
CA ARG K 57 -25.68 7.33 1.37
C ARG K 57 -27.13 6.85 1.31
N PRO K 58 -27.40 5.62 1.75
CA PRO K 58 -28.79 5.16 1.84
C PRO K 58 -29.55 5.92 2.92
N ASN K 59 -30.82 6.21 2.63
CA ASN K 59 -31.70 7.08 3.40
C ASN K 59 -31.06 8.47 3.60
N PHE K 60 -30.88 9.14 2.46
CA PHE K 60 -30.32 10.48 2.45
C PHE K 60 -31.27 11.46 3.12
N LYS K 61 -30.69 12.49 3.75
CA LYS K 61 -31.36 13.40 4.68
C LYS K 61 -32.10 12.62 5.77
N GLY K 62 -31.39 11.76 6.50
CA GLY K 62 -32.02 10.93 7.50
C GLY K 62 -31.09 10.50 8.61
N PRO K 63 -31.43 9.39 9.27
CA PRO K 63 -30.63 8.92 10.41
C PRO K 63 -29.31 8.33 9.96
N PRO K 64 -28.31 8.29 10.84
CA PRO K 64 -27.06 7.61 10.48
C PRO K 64 -27.25 6.10 10.46
N VAL K 65 -26.80 5.47 9.37
CA VAL K 65 -26.93 4.02 9.20
C VAL K 65 -25.86 3.29 10.01
N ASN K 66 -26.28 2.72 11.14
CA ASN K 66 -25.37 1.91 11.94
C ASN K 66 -25.16 0.54 11.32
N VAL K 67 -23.98 -0.05 11.54
CA VAL K 67 -23.74 -1.43 11.16
C VAL K 67 -23.50 -2.23 12.43
N SER K 68 -23.58 -3.55 12.31
CA SER K 68 -23.34 -4.45 13.42
C SER K 68 -22.31 -5.49 13.00
N CYS K 69 -21.08 -5.32 13.47
CA CYS K 69 -19.97 -6.13 12.96
C CYS K 69 -19.79 -7.40 13.79
N ASN K 70 -19.03 -8.33 13.22
CA ASN K 70 -18.66 -9.58 13.87
C ASN K 70 -17.41 -10.11 13.19
N ILE K 71 -16.42 -10.52 13.97
CA ILE K 71 -15.13 -10.93 13.44
C ILE K 71 -14.86 -12.39 13.78
N PHE K 72 -13.97 -13.00 13.01
CA PHE K 72 -13.56 -14.40 13.19
C PHE K 72 -12.13 -14.56 12.67
N ILE K 73 -11.18 -14.76 13.58
CA ILE K 73 -9.79 -14.98 13.19
C ILE K 73 -9.64 -16.37 12.60
N ASN K 74 -8.65 -16.53 11.72
CA ASN K 74 -8.46 -17.79 10.99
C ASN K 74 -7.12 -18.45 11.25
N SER K 75 -6.01 -17.74 11.04
CA SER K 75 -4.68 -18.36 11.02
C SER K 75 -3.74 -17.57 11.93
N PHE K 76 -3.28 -18.22 12.98
CA PHE K 76 -2.29 -17.64 13.88
C PHE K 76 -0.90 -17.78 13.28
N GLY K 77 -0.02 -16.81 13.56
CA GLY K 77 1.35 -16.94 13.13
C GLY K 77 2.24 -15.73 13.24
N SER K 78 3.54 -15.99 13.49
CA SER K 78 4.65 -15.03 13.36
C SER K 78 4.47 -13.82 14.28
N ILE K 79 4.57 -14.07 15.58
CA ILE K 79 4.64 -13.00 16.57
C ILE K 79 5.97 -12.28 16.35
N ALA K 80 5.89 -11.06 15.81
CA ALA K 80 7.07 -10.30 15.45
C ALA K 80 7.32 -9.25 16.54
N GLU K 81 8.26 -9.57 17.44
CA GLU K 81 8.69 -8.61 18.45
C GLU K 81 9.67 -7.59 17.89
N THR K 82 10.13 -7.76 16.65
CA THR K 82 11.02 -6.77 16.04
C THR K 82 10.22 -5.72 15.28
N THR K 83 9.30 -6.15 14.42
CA THR K 83 8.56 -5.26 13.55
C THR K 83 7.11 -5.06 13.99
N MET K 84 6.79 -5.42 15.25
CA MET K 84 5.51 -5.13 15.92
C MET K 84 4.33 -5.81 15.24
N ASP K 85 4.58 -6.89 14.50
CA ASP K 85 3.58 -7.43 13.57
C ASP K 85 2.83 -8.61 14.18
N TYR K 86 1.69 -8.92 13.54
CA TYR K 86 0.84 -10.03 13.97
C TYR K 86 0.03 -10.48 12.75
N ARG K 87 0.44 -11.60 12.15
CA ARG K 87 -0.12 -12.03 10.87
C ARG K 87 -1.35 -12.91 11.06
N VAL K 88 -2.49 -12.43 10.56
CA VAL K 88 -3.78 -13.11 10.69
C VAL K 88 -4.74 -12.52 9.66
N ASN K 89 -5.62 -13.36 9.11
CA ASN K 89 -6.72 -12.92 8.27
C ASN K 89 -8.06 -13.21 8.93
N ILE K 90 -9.00 -12.27 8.80
CA ILE K 90 -10.22 -12.26 9.60
C ILE K 90 -11.42 -12.05 8.67
N PHE K 91 -12.49 -12.83 8.88
CA PHE K 91 -13.77 -12.57 8.23
C PHE K 91 -14.45 -11.38 8.89
N LEU K 92 -14.70 -10.32 8.12
CA LEU K 92 -15.31 -9.09 8.64
C LEU K 92 -16.76 -8.97 8.18
N ARG K 93 -17.68 -9.65 8.87
CA ARG K 93 -19.10 -9.61 8.53
C ARG K 93 -19.78 -8.49 9.29
N GLN K 94 -20.68 -7.76 8.60
CA GLN K 94 -21.38 -6.61 9.15
C GLN K 94 -22.83 -6.60 8.68
N GLN K 95 -23.74 -6.29 9.60
CA GLN K 95 -25.17 -6.21 9.33
C GLN K 95 -25.66 -4.79 9.52
N TRP K 96 -26.34 -4.26 8.50
CA TRP K 96 -26.93 -2.93 8.60
C TRP K 96 -28.31 -2.99 7.95
N ASN K 97 -28.89 -1.81 7.70
CA ASN K 97 -30.23 -1.70 7.13
C ASN K 97 -30.19 -0.74 5.94
N ASP K 98 -30.86 -1.16 4.86
CA ASP K 98 -31.00 -0.33 3.66
C ASP K 98 -32.47 -0.24 3.28
N PRO K 99 -33.02 0.98 3.16
CA PRO K 99 -34.47 1.12 2.92
C PRO K 99 -34.91 0.71 1.52
N ARG K 100 -34.15 1.13 0.50
CA ARG K 100 -34.56 0.88 -0.89
C ARG K 100 -34.04 -0.44 -1.44
N LEU K 101 -33.40 -1.27 -0.61
CA LEU K 101 -32.93 -2.58 -1.02
C LEU K 101 -33.87 -3.69 -0.57
N ALA K 102 -35.16 -3.40 -0.54
CA ALA K 102 -36.20 -4.35 -0.17
C ALA K 102 -36.88 -4.89 -1.42
N TYR K 103 -37.69 -5.93 -1.24
CA TYR K 103 -38.40 -6.56 -2.35
C TYR K 103 -39.68 -7.19 -1.83
N ASN K 104 -40.72 -7.21 -2.66
CA ASN K 104 -42.00 -7.81 -2.34
C ASN K 104 -42.45 -8.75 -3.46
N GLU K 105 -41.51 -9.51 -4.02
CA GLU K 105 -41.78 -10.39 -5.15
C GLU K 105 -41.54 -11.85 -4.84
N TYR K 106 -40.39 -12.18 -4.24
CA TYR K 106 -39.99 -13.56 -4.05
C TYR K 106 -40.18 -13.97 -2.60
N PRO K 107 -40.66 -15.19 -2.32
CA PRO K 107 -41.00 -15.57 -0.94
C PRO K 107 -39.80 -15.88 -0.05
N ASP K 108 -38.62 -16.11 -0.60
CA ASP K 108 -37.46 -16.42 0.23
C ASP K 108 -36.93 -15.19 0.93
N ASP K 109 -36.65 -15.33 2.24
CA ASP K 109 -36.23 -14.19 3.05
C ASP K 109 -34.72 -13.93 2.92
N SER K 110 -33.91 -14.91 3.31
CA SER K 110 -32.45 -14.74 3.34
C SER K 110 -31.84 -15.40 2.11
N LEU K 111 -31.77 -14.63 1.03
CA LEU K 111 -31.16 -15.08 -0.22
C LEU K 111 -29.78 -14.44 -0.34
N ASP K 112 -28.78 -15.26 -0.65
CA ASP K 112 -27.41 -14.77 -0.80
C ASP K 112 -27.05 -14.60 -2.27
N LEU K 113 -26.01 -13.81 -2.52
CA LEU K 113 -25.58 -13.48 -3.88
C LEU K 113 -24.10 -13.81 -4.06
N ASP K 114 -23.64 -13.66 -5.29
CA ASP K 114 -22.24 -13.83 -5.61
C ASP K 114 -21.47 -12.53 -5.34
N PRO K 115 -20.14 -12.59 -5.14
CA PRO K 115 -19.38 -11.37 -4.85
C PRO K 115 -19.20 -10.42 -6.04
N SER K 116 -19.59 -10.84 -7.24
CA SER K 116 -19.36 -10.05 -8.44
C SER K 116 -20.35 -8.90 -8.63
N MET K 117 -21.08 -8.52 -7.59
CA MET K 117 -22.09 -7.46 -7.70
C MET K 117 -21.76 -6.22 -6.88
N LEU K 118 -20.70 -6.26 -6.05
CA LEU K 118 -20.48 -5.22 -5.06
C LEU K 118 -19.94 -3.92 -5.66
N ASP K 119 -19.56 -3.92 -6.94
CA ASP K 119 -19.10 -2.69 -7.57
C ASP K 119 -20.22 -1.67 -7.76
N SER K 120 -21.48 -2.13 -7.79
CA SER K 120 -22.65 -1.25 -7.76
C SER K 120 -23.53 -1.55 -6.55
N ILE K 121 -22.93 -1.80 -5.39
CA ILE K 121 -23.63 -2.02 -4.13
C ILE K 121 -22.95 -1.18 -3.06
N TRP K 122 -23.76 -0.49 -2.26
CA TRP K 122 -23.26 0.34 -1.16
C TRP K 122 -22.48 -0.49 -0.14
N LYS K 123 -21.35 0.05 0.29
CA LYS K 123 -20.47 -0.61 1.25
C LYS K 123 -19.91 0.45 2.18
N PRO K 124 -19.68 0.11 3.45
CA PRO K 124 -19.08 1.07 4.38
C PRO K 124 -17.57 1.17 4.24
N ASP K 125 -16.99 2.26 4.73
CA ASP K 125 -15.56 2.53 4.59
C ASP K 125 -14.81 1.89 5.75
N LEU K 126 -14.25 0.71 5.49
CA LEU K 126 -13.54 -0.02 6.53
C LEU K 126 -12.04 -0.08 6.25
N PHE K 127 -11.26 0.30 7.24
CA PHE K 127 -9.83 0.01 7.27
C PHE K 127 -9.42 -0.09 8.73
N PHE K 128 -8.16 -0.43 8.97
CA PHE K 128 -7.63 -0.59 10.31
C PHE K 128 -6.63 0.52 10.59
N ALA K 129 -6.74 1.14 11.77
CA ALA K 129 -5.82 2.19 12.19
C ALA K 129 -4.51 1.65 12.75
N ASN K 130 -4.31 0.33 12.71
CA ASN K 130 -3.12 -0.30 13.25
C ASN K 130 -2.57 -1.22 12.18
N GLU K 131 -2.43 -0.68 10.97
CA GLU K 131 -2.36 -1.47 9.73
C GLU K 131 -0.95 -1.84 9.31
N ASN K 143 -13.47 -12.40 -2.31
CA ASN K 143 -13.90 -13.33 -1.27
C ASN K 143 -15.01 -12.74 -0.41
N LYS K 144 -16.21 -12.62 -0.99
CA LYS K 144 -17.28 -11.90 -0.33
C LYS K 144 -18.57 -12.73 -0.35
N LEU K 145 -19.64 -12.15 0.17
CA LEU K 145 -21.01 -12.62 -0.04
C LEU K 145 -21.97 -11.46 0.15
N LEU K 146 -23.15 -11.52 -0.47
CA LEU K 146 -24.11 -10.42 -0.42
C LEU K 146 -25.48 -10.99 -0.04
N ARG K 147 -25.90 -10.75 1.20
CA ARG K 147 -27.27 -11.06 1.59
C ARG K 147 -28.18 -9.87 1.32
N ILE K 148 -29.34 -10.13 0.74
CA ILE K 148 -30.40 -9.13 0.57
C ILE K 148 -31.64 -9.71 1.22
N SER K 149 -31.97 -9.20 2.41
CA SER K 149 -33.14 -9.67 3.14
C SER K 149 -34.40 -8.95 2.64
N ARG K 150 -35.55 -9.39 3.14
CA ARG K 150 -36.82 -8.80 2.74
C ARG K 150 -37.02 -7.41 3.31
N ASN K 151 -36.63 -7.17 4.56
CA ASN K 151 -36.81 -5.84 5.15
C ASN K 151 -35.72 -4.88 4.68
N GLY K 152 -34.53 -5.40 4.36
CA GLY K 152 -33.47 -4.54 3.88
C GLY K 152 -32.12 -4.80 4.52
N ASN K 153 -32.01 -5.87 5.31
CA ASN K 153 -30.74 -6.19 5.96
C ASN K 153 -29.75 -6.74 4.95
N VAL K 154 -28.52 -6.22 5.02
CA VAL K 154 -27.46 -6.58 4.09
C VAL K 154 -26.25 -7.05 4.89
N LEU K 155 -25.79 -8.27 4.61
CA LEU K 155 -24.61 -8.84 5.24
C LEU K 155 -23.46 -8.89 4.23
N TYR K 156 -22.27 -8.50 4.70
CA TYR K 156 -21.13 -8.32 3.83
C TYR K 156 -19.86 -8.68 4.60
N SER K 157 -19.16 -9.71 4.12
CA SER K 157 -17.99 -10.23 4.82
C SER K 157 -16.83 -10.41 3.86
N ILE K 158 -15.69 -9.79 4.16
CA ILE K 158 -14.49 -9.98 3.37
C ILE K 158 -13.39 -10.52 4.28
N ARG K 159 -12.30 -10.99 3.67
CA ARG K 159 -11.10 -11.38 4.42
C ARG K 159 -10.09 -10.25 4.36
N ILE K 160 -9.89 -9.56 5.50
CA ILE K 160 -8.80 -8.60 5.59
C ILE K 160 -7.49 -9.36 5.70
N THR K 161 -6.72 -9.37 4.61
CA THR K 161 -5.38 -9.96 4.60
C THR K 161 -4.39 -8.91 5.06
N LEU K 162 -4.11 -8.89 6.36
CA LEU K 162 -3.29 -7.85 6.97
C LEU K 162 -2.54 -8.40 8.17
N THR K 163 -1.22 -8.31 8.12
CA THR K 163 -0.40 -8.52 9.31
C THR K 163 -0.63 -7.32 10.23
N LEU K 164 -1.30 -7.57 11.35
CA LEU K 164 -1.70 -6.49 12.24
C LEU K 164 -0.51 -5.96 13.03
N ALA K 165 -0.39 -4.65 13.06
CA ALA K 165 0.61 -4.03 13.93
C ALA K 165 0.15 -4.13 15.38
N CYS K 166 1.11 -4.32 16.29
CA CYS K 166 0.81 -4.63 17.68
C CYS K 166 1.71 -3.85 18.62
N PRO K 167 1.22 -2.75 19.20
CA PRO K 167 1.99 -2.09 20.27
C PRO K 167 1.86 -2.84 21.60
N MET K 168 2.92 -3.53 21.99
CA MET K 168 2.92 -4.33 23.21
C MET K 168 3.95 -3.79 24.18
N ASP K 169 3.73 -4.08 25.46
CA ASP K 169 4.70 -3.80 26.50
C ASP K 169 5.39 -5.09 26.93
N LEU K 170 6.67 -4.97 27.28
CA LEU K 170 7.49 -6.13 27.61
C LEU K 170 8.25 -5.84 28.92
N LYS K 171 7.50 -5.43 29.94
CA LYS K 171 8.06 -5.26 31.28
C LYS K 171 8.59 -6.58 31.82
N ASN K 172 7.67 -7.53 32.06
CA ASN K 172 8.03 -8.85 32.56
C ASN K 172 6.91 -9.83 32.20
N PHE K 173 7.17 -10.66 31.18
CA PHE K 173 6.19 -11.53 30.52
C PHE K 173 5.40 -12.55 31.36
N PRO K 174 5.82 -13.04 32.53
CA PRO K 174 4.87 -13.82 33.33
C PRO K 174 3.77 -13.02 34.03
N MET K 175 3.87 -11.69 34.06
CA MET K 175 2.75 -10.87 34.49
C MET K 175 2.35 -9.81 33.48
N ASP K 176 3.22 -9.44 32.54
CA ASP K 176 2.88 -8.45 31.51
C ASP K 176 2.29 -9.22 30.34
N VAL K 177 0.96 -9.31 30.34
CA VAL K 177 0.26 -10.09 29.32
C VAL K 177 0.31 -9.34 27.99
N GLN K 178 0.73 -10.04 26.94
CA GLN K 178 0.85 -9.47 25.61
C GLN K 178 -0.54 -9.17 25.04
N THR K 179 -0.70 -7.96 24.52
CA THR K 179 -1.99 -7.50 24.05
C THR K 179 -1.84 -6.79 22.71
N CYS K 180 -2.51 -7.31 21.70
CA CYS K 180 -2.57 -6.69 20.39
C CYS K 180 -3.94 -6.06 20.17
N ILE K 181 -3.92 -4.84 19.64
CA ILE K 181 -5.13 -4.03 19.52
C ILE K 181 -5.35 -3.70 18.05
N MET K 182 -6.52 -4.10 17.54
CA MET K 182 -6.94 -3.78 16.19
C MET K 182 -8.20 -2.92 16.24
N GLN K 183 -8.19 -1.83 15.47
CA GLN K 183 -9.20 -0.79 15.57
C GLN K 183 -9.89 -0.61 14.22
N LEU K 184 -11.22 -0.74 14.23
CA LEU K 184 -12.04 -0.67 13.02
C LEU K 184 -12.60 0.73 12.78
N GLU K 185 -11.76 1.77 12.70
CA GLU K 185 -12.29 3.11 12.56
C GLU K 185 -12.34 3.55 11.09
N SER K 186 -13.45 4.19 10.73
CA SER K 186 -13.75 4.57 9.36
C SER K 186 -13.03 5.86 8.97
N PHE K 187 -13.25 6.28 7.72
CA PHE K 187 -12.58 7.48 7.21
C PHE K 187 -13.49 8.46 6.50
N GLY K 188 -14.61 8.03 5.94
CA GLY K 188 -15.39 8.90 5.06
C GLY K 188 -16.60 9.59 5.67
N TYR K 189 -17.05 9.20 6.85
CA TYR K 189 -18.28 9.75 7.41
C TYR K 189 -18.13 9.99 8.90
N THR K 190 -18.88 10.98 9.39
CA THR K 190 -18.87 11.36 10.80
C THR K 190 -19.98 10.61 11.55
N MET K 191 -20.30 11.09 12.75
CA MET K 191 -21.32 10.45 13.59
C MET K 191 -22.71 10.56 12.96
N ASN K 192 -22.97 11.64 12.22
CA ASN K 192 -24.29 11.91 11.67
C ASN K 192 -24.63 11.05 10.45
N ASP K 193 -23.69 10.22 9.97
CA ASP K 193 -23.94 9.38 8.81
C ASP K 193 -23.60 7.91 9.00
N LEU K 194 -22.74 7.55 9.96
CA LEU K 194 -22.20 6.20 10.02
C LEU K 194 -21.69 5.95 11.43
N ILE K 195 -22.25 4.95 12.11
CA ILE K 195 -21.90 4.62 13.49
C ILE K 195 -21.47 3.15 13.56
N PHE K 196 -20.32 2.90 14.18
CA PHE K 196 -19.81 1.55 14.37
C PHE K 196 -19.99 1.09 15.81
N GLU K 197 -20.33 -0.17 15.98
CA GLU K 197 -20.44 -0.78 17.31
C GLU K 197 -20.31 -2.29 17.18
N TRP K 198 -19.97 -2.96 18.28
CA TRP K 198 -19.95 -4.41 18.33
C TRP K 198 -21.34 -4.95 18.64
N GLN K 199 -21.60 -6.18 18.21
CA GLN K 199 -22.88 -6.80 18.52
C GLN K 199 -22.83 -7.44 19.91
N GLU K 200 -23.96 -7.38 20.61
CA GLU K 200 -23.98 -7.71 22.03
C GLU K 200 -24.01 -9.22 22.26
N GLN K 201 -24.32 -10.00 21.23
CA GLN K 201 -24.53 -11.44 21.41
C GLN K 201 -23.23 -12.25 21.42
N GLY K 202 -22.07 -11.61 21.46
CA GLY K 202 -20.82 -12.34 21.38
C GLY K 202 -20.31 -12.43 19.96
N ALA K 203 -20.15 -11.27 19.31
CA ALA K 203 -19.78 -11.18 17.91
C ALA K 203 -18.32 -11.54 17.63
N VAL K 204 -17.50 -11.69 18.67
CA VAL K 204 -16.09 -12.00 18.51
C VAL K 204 -15.83 -13.40 19.07
N GLN K 205 -15.07 -14.20 18.34
CA GLN K 205 -14.79 -15.57 18.74
C GLN K 205 -13.48 -16.02 18.13
N VAL K 206 -12.91 -17.06 18.73
CA VAL K 206 -11.65 -17.66 18.30
C VAL K 206 -11.98 -18.91 17.50
N ALA K 207 -11.15 -19.20 16.49
CA ALA K 207 -11.30 -20.43 15.70
C ALA K 207 -11.12 -21.66 16.58
N ASP K 208 -11.77 -22.75 16.17
CA ASP K 208 -11.93 -23.92 17.03
C ASP K 208 -10.64 -24.72 17.15
N GLY K 209 -10.08 -25.14 16.02
CA GLY K 209 -8.86 -25.93 16.03
C GLY K 209 -7.60 -25.10 15.92
N LEU K 210 -7.65 -23.87 16.41
CA LEU K 210 -6.51 -22.97 16.34
C LEU K 210 -5.56 -23.23 17.50
N THR K 211 -4.34 -23.64 17.17
CA THR K 211 -3.28 -23.74 18.16
C THR K 211 -2.34 -22.57 18.00
N LEU K 212 -1.41 -22.38 18.94
CA LEU K 212 -0.54 -21.21 18.85
C LEU K 212 0.80 -21.49 19.51
N PRO K 213 1.90 -21.15 18.87
CA PRO K 213 3.21 -21.36 19.49
C PRO K 213 3.58 -20.23 20.45
N GLN K 214 4.32 -20.63 21.49
CA GLN K 214 4.99 -19.79 22.50
C GLN K 214 4.05 -19.10 23.48
N PHE K 215 2.74 -19.12 23.20
CA PHE K 215 1.73 -18.33 23.88
C PHE K 215 0.51 -19.20 24.14
N ILE K 216 -0.45 -18.66 24.89
CA ILE K 216 -1.81 -19.18 24.95
C ILE K 216 -2.75 -18.01 24.69
N LEU K 217 -3.94 -18.30 24.18
CA LEU K 217 -4.93 -17.28 23.87
C LEU K 217 -6.17 -17.50 24.73
N LYS K 218 -6.63 -16.43 25.38
CA LYS K 218 -7.74 -16.50 26.31
C LYS K 218 -9.07 -16.31 25.58
N GLU K 219 -10.16 -16.59 26.29
CA GLU K 219 -11.48 -16.50 25.68
C GLU K 219 -12.10 -15.12 25.90
N GLU K 220 -12.08 -14.63 27.13
CA GLU K 220 -12.71 -13.35 27.43
C GLU K 220 -11.83 -12.19 26.98
N LYS K 221 -12.48 -11.06 26.69
CA LYS K 221 -11.82 -9.90 26.10
C LYS K 221 -12.75 -8.70 26.23
N ASP K 222 -12.19 -7.50 26.09
CA ASP K 222 -12.93 -6.25 26.24
C ASP K 222 -13.38 -5.76 24.87
N LEU K 223 -14.60 -5.21 24.82
CA LEU K 223 -15.16 -4.74 23.56
C LEU K 223 -15.61 -3.28 23.69
N ARG K 224 -14.75 -2.44 24.25
CA ARG K 224 -15.11 -1.05 24.53
C ARG K 224 -14.89 -0.19 23.29
N TYR K 225 -15.04 1.13 23.46
CA TYR K 225 -14.88 2.09 22.37
C TYR K 225 -13.50 2.74 22.45
N CYS K 226 -13.06 3.27 21.31
CA CYS K 226 -11.78 3.94 21.16
C CYS K 226 -11.92 5.16 20.27
N THR K 227 -13.10 5.79 20.30
CA THR K 227 -13.58 6.68 19.24
C THR K 227 -12.71 7.92 19.07
N LYS K 228 -12.58 8.33 17.81
CA LYS K 228 -11.54 9.25 17.37
C LYS K 228 -12.08 10.67 17.26
N HIS K 229 -11.14 11.62 17.14
CA HIS K 229 -11.46 13.04 17.01
C HIS K 229 -10.41 13.66 16.10
N TYR K 230 -10.81 14.02 14.88
CA TYR K 230 -9.89 14.56 13.87
C TYR K 230 -10.31 15.99 13.52
N ASN K 231 -9.68 16.54 12.49
CA ASN K 231 -10.05 17.86 12.00
C ASN K 231 -11.24 17.78 11.04
N THR K 232 -11.40 16.67 10.33
CA THR K 232 -12.58 16.46 9.50
C THR K 232 -13.83 16.34 10.37
N GLY K 233 -13.73 15.64 11.49
CA GLY K 233 -14.81 15.51 12.44
C GLY K 233 -14.44 14.55 13.55
N LYS K 234 -15.36 13.67 13.91
CA LYS K 234 -15.05 12.60 14.86
C LYS K 234 -15.54 11.29 14.27
N PHE K 235 -14.75 10.23 14.42
CA PHE K 235 -14.99 8.96 13.76
C PHE K 235 -15.36 7.89 14.78
N THR K 236 -15.81 6.76 14.25
CA THR K 236 -16.32 5.65 15.05
C THR K 236 -15.26 4.54 15.09
N CYS K 237 -14.56 4.46 16.21
CA CYS K 237 -13.55 3.44 16.44
C CYS K 237 -14.10 2.39 17.40
N ILE K 238 -13.79 1.14 17.11
CA ILE K 238 -14.13 0.00 17.97
C ILE K 238 -12.94 -0.96 17.98
N GLU K 239 -12.62 -1.48 19.16
CA GLU K 239 -11.40 -2.26 19.35
C GLU K 239 -11.68 -3.49 20.19
N ALA K 240 -10.73 -4.43 20.14
CA ALA K 240 -10.73 -5.61 20.97
C ALA K 240 -9.31 -5.89 21.44
N ARG K 241 -9.19 -6.57 22.58
CA ARG K 241 -7.89 -6.85 23.19
C ARG K 241 -7.68 -8.36 23.25
N PHE K 242 -6.70 -8.85 22.49
CA PHE K 242 -6.35 -10.27 22.47
C PHE K 242 -5.24 -10.49 23.49
N HIS K 243 -5.61 -10.97 24.67
CA HIS K 243 -4.64 -11.22 25.73
C HIS K 243 -3.82 -12.46 25.43
N LEU K 244 -2.50 -12.33 25.55
CA LEU K 244 -1.56 -13.41 25.27
C LEU K 244 -0.58 -13.55 26.43
N GLU K 245 -0.68 -14.67 27.14
CA GLU K 245 0.32 -15.00 28.15
C GLU K 245 0.89 -16.36 27.80
N ARG K 246 1.76 -16.85 28.67
CA ARG K 246 2.46 -18.10 28.40
C ARG K 246 2.03 -19.18 29.40
N GLN K 247 2.64 -20.36 29.24
CA GLN K 247 2.67 -21.39 30.26
C GLN K 247 3.80 -21.06 31.23
N MET K 248 4.26 -22.04 32.01
CA MET K 248 5.35 -21.80 32.94
C MET K 248 6.73 -21.82 32.27
N GLY K 249 6.85 -21.12 31.13
CA GLY K 249 8.13 -20.86 30.50
C GLY K 249 8.54 -21.85 29.43
N TYR K 250 8.45 -21.47 28.16
CA TYR K 250 9.20 -22.18 27.14
C TYR K 250 10.57 -21.56 26.94
N TYR K 251 10.66 -20.23 27.05
CA TYR K 251 11.95 -19.56 27.13
C TYR K 251 12.62 -19.74 28.49
N LEU K 252 11.93 -20.35 29.44
CA LEU K 252 12.59 -21.04 30.55
C LEU K 252 13.48 -22.12 29.93
N ILE K 253 12.86 -23.02 29.16
CA ILE K 253 13.60 -24.13 28.57
C ILE K 253 14.52 -23.64 27.45
N GLN K 254 14.04 -22.68 26.66
CA GLN K 254 14.81 -22.23 25.50
C GLN K 254 15.97 -21.33 25.90
N MET K 255 15.73 -20.37 26.79
CA MET K 255 16.75 -19.38 27.15
C MET K 255 17.25 -19.50 28.59
N TYR K 256 16.37 -19.78 29.55
CA TYR K 256 16.79 -19.71 30.95
C TYR K 256 17.51 -20.99 31.40
N ILE K 257 17.04 -22.15 30.94
CA ILE K 257 17.71 -23.43 31.21
C ILE K 257 19.13 -23.46 30.62
N PRO K 258 19.42 -22.97 29.39
CA PRO K 258 20.84 -22.83 29.03
C PRO K 258 21.60 -21.80 29.85
N SER K 259 20.92 -20.84 30.47
CA SER K 259 21.62 -19.97 31.42
C SER K 259 21.70 -20.63 32.80
N LEU K 260 20.68 -21.40 33.17
CA LEU K 260 20.71 -22.14 34.44
C LEU K 260 21.69 -23.31 34.36
N LEU K 261 21.97 -23.80 33.15
CA LEU K 261 23.03 -24.80 32.97
C LEU K 261 24.40 -24.20 33.25
N ILE K 262 24.54 -22.89 33.06
CA ILE K 262 25.78 -22.19 33.41
C ILE K 262 25.84 -21.87 34.90
N VAL K 263 24.68 -21.74 35.57
CA VAL K 263 24.64 -21.45 37.00
C VAL K 263 25.28 -22.59 37.79
N ILE K 264 25.01 -23.83 37.41
CA ILE K 264 25.73 -24.97 37.98
C ILE K 264 27.17 -24.98 37.48
N LEU K 265 27.39 -24.57 36.23
CA LEU K 265 28.72 -24.61 35.63
C LEU K 265 29.61 -23.48 36.17
N SER K 266 29.03 -22.38 36.61
CA SER K 266 29.84 -21.30 37.19
C SER K 266 30.17 -21.56 38.66
N TRP K 267 29.56 -22.57 39.28
CA TRP K 267 29.80 -22.85 40.68
C TRP K 267 30.86 -23.92 40.92
N ILE K 268 31.31 -24.63 39.90
CA ILE K 268 32.28 -25.70 40.08
C ILE K 268 33.70 -25.19 40.29
N SER K 269 33.92 -23.88 40.16
CA SER K 269 35.21 -23.30 40.54
C SER K 269 35.37 -23.14 42.03
N PHE K 270 34.28 -23.25 42.80
CA PHE K 270 34.37 -23.08 44.25
C PHE K 270 35.01 -24.28 44.93
N TRP K 271 34.67 -25.50 44.48
CA TRP K 271 35.03 -26.70 45.22
C TRP K 271 36.50 -27.12 45.06
N VAL K 281 41.19 -20.20 36.89
CA VAL K 281 41.30 -19.05 35.99
C VAL K 281 40.72 -19.40 34.63
N GLY K 282 41.09 -20.56 34.09
CA GLY K 282 40.57 -21.00 32.81
C GLY K 282 39.12 -21.45 32.81
N LEU K 283 38.51 -21.56 34.00
CA LEU K 283 37.11 -21.99 34.08
C LEU K 283 36.19 -20.77 34.17
N GLY K 284 36.54 -19.80 35.02
CA GLY K 284 35.69 -18.64 35.22
C GLY K 284 35.65 -17.69 34.05
N ILE K 285 36.77 -17.57 33.32
CA ILE K 285 36.79 -16.72 32.13
C ILE K 285 36.06 -17.41 30.98
N THR K 286 36.06 -18.75 30.97
CA THR K 286 35.34 -19.48 29.93
C THR K 286 33.83 -19.41 30.15
N THR K 287 33.39 -19.47 31.40
CA THR K 287 31.95 -19.41 31.68
C THR K 287 31.36 -18.02 31.49
N VAL K 288 32.16 -16.96 31.69
CA VAL K 288 31.67 -15.63 31.36
C VAL K 288 31.77 -15.40 29.84
N LEU K 289 32.67 -16.13 29.17
CA LEU K 289 32.66 -16.15 27.71
C LEU K 289 31.46 -16.92 27.20
N THR K 290 31.04 -17.95 27.94
CA THR K 290 29.82 -18.67 27.58
C THR K 290 28.59 -17.81 27.84
N MET K 291 28.61 -17.02 28.91
CA MET K 291 27.57 -16.02 29.13
C MET K 291 27.61 -14.92 28.09
N THR K 292 28.79 -14.63 27.54
CA THR K 292 28.90 -13.67 26.44
C THR K 292 28.27 -14.24 25.17
N THR K 293 28.45 -15.55 24.94
CA THR K 293 27.85 -16.20 23.78
C THR K 293 26.33 -16.33 23.94
N GLN K 294 25.85 -16.59 25.15
CA GLN K 294 24.42 -16.64 25.40
C GLN K 294 23.78 -15.25 25.32
N SER K 295 24.57 -14.20 25.58
CA SER K 295 24.07 -12.85 25.39
C SER K 295 23.94 -12.53 23.91
N SER K 296 24.80 -13.11 23.07
CA SER K 296 24.64 -12.97 21.63
C SER K 296 23.48 -13.80 21.11
N GLY K 297 23.22 -14.95 21.74
CA GLY K 297 22.07 -15.76 21.38
C GLY K 297 20.76 -15.22 21.90
N SER K 298 20.80 -14.31 22.87
CA SER K 298 19.59 -13.69 23.39
C SER K 298 19.16 -12.47 22.59
N ARG K 299 19.82 -12.18 21.47
CA ARG K 299 19.48 -11.06 20.60
C ARG K 299 19.28 -11.54 19.17
N ALA K 300 18.51 -12.62 19.01
CA ALA K 300 18.21 -13.17 17.70
C ALA K 300 17.27 -12.25 16.93
N SER K 301 16.12 -11.93 17.51
CA SER K 301 15.16 -11.02 16.92
C SER K 301 14.56 -10.08 17.96
N LEU K 302 15.27 -9.86 19.07
CA LEU K 302 14.75 -9.02 20.12
C LEU K 302 15.00 -7.55 19.81
N PRO K 303 14.05 -6.66 20.09
CA PRO K 303 14.22 -5.25 19.74
C PRO K 303 15.17 -4.52 20.69
N LYS K 304 15.43 -3.26 20.36
CA LYS K 304 16.38 -2.43 21.10
C LYS K 304 15.62 -1.54 22.09
N VAL K 305 15.02 -2.22 23.06
CA VAL K 305 14.09 -1.58 24.01
C VAL K 305 14.87 -0.70 24.97
N SER K 306 14.41 0.55 25.16
CA SER K 306 15.11 1.52 26.00
C SER K 306 15.07 1.11 27.47
N TYR K 307 13.96 0.51 27.92
CA TYR K 307 13.93 -0.02 29.28
C TYR K 307 14.51 -1.44 29.26
N VAL K 308 14.58 -2.06 30.43
CA VAL K 308 15.21 -3.37 30.58
C VAL K 308 14.10 -4.42 30.64
N LYS K 309 14.43 -5.63 30.20
CA LYS K 309 13.47 -6.73 30.10
C LYS K 309 13.62 -7.66 31.30
N ALA K 310 12.67 -8.60 31.41
CA ALA K 310 12.81 -9.66 32.40
C ALA K 310 13.85 -10.67 31.98
N ASP K 312 16.41 -9.75 30.25
CA ASP K 312 17.66 -9.02 30.33
C ASP K 312 18.18 -8.91 31.75
N ILE K 313 17.29 -8.87 32.76
CA ILE K 313 17.76 -8.82 34.14
C ILE K 313 18.15 -10.21 34.63
N TRP K 314 17.61 -11.27 34.02
CA TRP K 314 18.02 -12.62 34.36
C TRP K 314 19.37 -12.97 33.76
N MET K 315 19.66 -12.49 32.55
CA MET K 315 21.00 -12.65 31.99
C MET K 315 22.02 -11.83 32.78
N ALA K 316 21.61 -10.64 33.22
CA ALA K 316 22.54 -9.75 33.92
C ALA K 316 22.81 -10.20 35.35
N VAL K 317 21.87 -10.88 36.01
CA VAL K 317 22.11 -11.32 37.38
C VAL K 317 23.00 -12.57 37.38
N CYS K 318 23.02 -13.29 36.26
CA CYS K 318 23.95 -14.40 36.11
C CYS K 318 25.27 -13.98 35.46
N LEU K 319 25.27 -12.86 34.73
CA LEU K 319 26.52 -12.29 34.25
C LEU K 319 27.26 -11.57 35.37
N LEU K 320 26.53 -11.11 36.39
CA LEU K 320 27.17 -10.38 37.49
C LEU K 320 27.87 -11.33 38.46
N PHE K 321 27.27 -12.49 38.71
CA PHE K 321 27.78 -13.39 39.74
C PHE K 321 28.84 -14.35 39.23
N VAL K 322 29.12 -14.35 37.93
CA VAL K 322 30.07 -15.32 37.38
C VAL K 322 31.50 -14.80 37.49
N PHE K 323 31.71 -13.49 37.38
CA PHE K 323 33.04 -12.95 37.58
C PHE K 323 33.29 -12.53 39.02
N SER K 324 32.24 -12.54 39.86
CA SER K 324 32.42 -12.22 41.27
C SER K 324 33.14 -13.34 42.00
N ALA K 325 33.06 -14.56 41.47
CA ALA K 325 33.81 -15.67 42.06
C ALA K 325 35.29 -15.59 41.72
N LEU K 326 35.60 -15.05 40.54
CA LEU K 326 36.99 -15.00 40.11
C LEU K 326 37.74 -13.82 40.72
N LEU K 327 37.05 -12.70 40.97
CA LEU K 327 37.69 -11.61 41.71
C LEU K 327 37.79 -11.96 43.19
N GLU K 328 36.89 -12.83 43.68
CA GLU K 328 37.07 -13.40 45.01
C GLU K 328 38.25 -14.36 45.03
N TYR K 329 38.46 -15.09 43.92
CA TYR K 329 39.67 -15.89 43.79
C TYR K 329 40.90 -15.00 43.68
N ALA K 330 40.75 -13.84 43.04
CA ALA K 330 41.82 -12.84 43.04
C ALA K 330 42.01 -12.23 44.43
N ALA K 331 40.95 -12.22 45.24
CA ALA K 331 41.08 -11.76 46.61
C ALA K 331 41.77 -12.79 47.49
N ARG K 427 33.06 -21.24 49.97
CA ARG K 427 32.73 -22.29 49.01
C ARG K 427 31.22 -22.53 48.97
N ILE K 428 30.53 -22.32 50.09
CA ILE K 428 29.10 -22.56 50.20
C ILE K 428 28.36 -21.23 50.22
N GLY K 429 28.99 -20.22 50.84
CA GLY K 429 28.29 -18.97 51.11
C GLY K 429 27.96 -18.15 49.88
N PHE K 430 28.83 -18.18 48.86
CA PHE K 430 28.54 -17.47 47.61
C PHE K 430 27.55 -18.17 46.67
N PRO K 431 27.58 -19.50 46.45
CA PRO K 431 26.48 -20.08 45.65
C PRO K 431 25.14 -20.11 46.37
N MET K 432 25.13 -20.14 47.71
CA MET K 432 23.87 -20.02 48.43
C MET K 432 23.39 -18.57 48.52
N ALA K 433 24.26 -17.61 48.18
CA ALA K 433 23.81 -16.23 48.09
C ALA K 433 22.98 -15.99 46.83
N PHE K 434 23.11 -16.87 45.84
CA PHE K 434 22.24 -16.80 44.66
C PHE K 434 20.88 -17.41 44.97
N LEU K 435 20.85 -18.49 45.76
CA LEU K 435 19.60 -19.20 46.02
C LEU K 435 18.70 -18.42 46.95
N ILE K 436 19.26 -17.57 47.82
CA ILE K 436 18.44 -16.68 48.64
C ILE K 436 17.87 -15.54 47.81
N PHE K 437 18.47 -15.24 46.66
CA PHE K 437 17.92 -14.28 45.71
C PHE K 437 17.09 -14.93 44.62
N ASN K 438 17.40 -16.17 44.24
CA ASN K 438 16.62 -16.87 43.22
C ASN K 438 15.24 -17.23 43.75
N MET K 439 15.15 -17.62 45.02
CA MET K 439 13.84 -17.82 45.63
C MET K 439 13.13 -16.48 45.85
N PHE K 440 13.91 -15.42 46.08
CA PHE K 440 13.34 -14.08 46.15
C PHE K 440 12.93 -13.57 44.78
N TYR K 441 13.52 -14.13 43.72
CA TYR K 441 13.24 -13.67 42.36
C TYR K 441 11.84 -14.06 41.90
N TRP K 442 11.49 -15.35 42.07
CA TRP K 442 10.28 -15.87 41.44
C TRP K 442 9.00 -15.59 42.22
N ILE K 443 9.10 -15.02 43.42
CA ILE K 443 7.89 -14.68 44.18
C ILE K 443 7.13 -13.52 43.56
N ILE K 444 7.86 -12.54 42.99
CA ILE K 444 7.24 -11.32 42.48
C ILE K 444 6.39 -11.61 41.23
N TYR K 445 6.82 -12.57 40.41
CA TYR K 445 6.24 -12.77 39.09
C TYR K 445 4.90 -13.50 39.10
N LYS K 446 4.32 -13.79 40.27
CA LYS K 446 2.97 -14.36 40.33
C LYS K 446 1.98 -13.22 40.60
N ILE K 447 1.81 -12.36 39.61
CA ILE K 447 0.81 -11.29 39.69
C ILE K 447 -0.12 -11.37 38.50
N SER L 37 -36.43 16.04 -6.63
CA SER L 37 -35.57 14.88 -6.84
C SER L 37 -34.16 15.13 -6.30
N PRO L 38 -33.94 14.80 -5.02
CA PRO L 38 -32.62 15.05 -4.41
C PRO L 38 -31.55 14.07 -4.87
N SER L 39 -31.97 12.98 -5.51
CA SER L 39 -31.03 12.03 -6.10
C SER L 39 -30.47 12.50 -7.43
N ASP L 40 -31.26 13.25 -8.21
CA ASP L 40 -30.80 13.88 -9.43
C ASP L 40 -30.35 15.32 -9.20
N PHE L 41 -30.05 15.69 -7.96
CA PHE L 41 -29.42 16.96 -7.63
C PHE L 41 -27.96 16.77 -7.26
N LEU L 42 -27.48 15.53 -7.20
CA LEU L 42 -26.08 15.24 -6.91
C LEU L 42 -25.23 15.15 -8.17
N ASP L 43 -25.84 14.90 -9.32
CA ASP L 43 -25.14 14.95 -10.59
C ASP L 43 -25.21 16.35 -11.24
N LYS L 44 -25.54 17.37 -10.46
CA LYS L 44 -25.57 18.73 -11.00
C LYS L 44 -24.16 19.24 -11.32
N LEU L 45 -23.17 18.83 -10.53
CA LEU L 45 -21.79 19.18 -10.84
C LEU L 45 -21.23 18.28 -11.94
N MET L 46 -21.27 16.97 -11.74
CA MET L 46 -20.65 16.01 -12.65
C MET L 46 -21.71 15.11 -13.27
N GLY L 47 -21.73 15.06 -14.61
CA GLY L 47 -22.61 14.16 -15.33
C GLY L 47 -23.85 14.84 -15.87
N ARG L 48 -23.79 15.22 -17.16
CA ARG L 48 -24.91 15.67 -18.00
C ARG L 48 -25.43 17.06 -17.61
N THR L 49 -24.93 17.62 -16.50
CA THR L 49 -25.38 18.92 -16.01
C THR L 49 -24.16 19.78 -15.72
N SER L 50 -24.13 20.97 -16.34
CA SER L 50 -23.19 22.08 -16.08
C SER L 50 -21.76 21.81 -16.57
N GLY L 51 -21.49 20.59 -17.04
CA GLY L 51 -20.24 20.24 -17.69
C GLY L 51 -18.95 20.42 -16.90
N TYR L 52 -18.83 19.77 -15.75
CA TYR L 52 -17.54 19.76 -15.08
C TYR L 52 -16.62 18.76 -15.77
N ASP L 53 -15.39 19.19 -16.04
CA ASP L 53 -14.41 18.37 -16.73
C ASP L 53 -13.18 18.31 -15.83
N ALA L 54 -12.90 17.13 -15.28
CA ALA L 54 -11.78 16.97 -14.36
C ALA L 54 -10.42 17.00 -15.05
N ARG L 55 -10.37 16.75 -16.36
CA ARG L 55 -9.12 16.82 -17.09
C ARG L 55 -8.78 18.24 -17.54
N ILE L 56 -9.60 19.22 -17.17
CA ILE L 56 -9.28 20.62 -17.33
C ILE L 56 -9.34 21.25 -15.94
N ARG L 57 -8.32 22.16 -15.61
CA ARG L 57 -8.56 22.68 -14.27
C ARG L 57 -9.46 23.93 -14.33
N PRO L 58 -10.44 24.05 -13.44
CA PRO L 58 -11.18 25.31 -13.30
C PRO L 58 -10.30 26.42 -12.75
N ASN L 59 -10.88 27.63 -12.74
CA ASN L 59 -10.17 28.89 -12.49
C ASN L 59 -8.97 29.02 -13.42
N PHE L 60 -9.19 28.77 -14.70
CA PHE L 60 -8.17 28.83 -15.74
C PHE L 60 -8.18 30.24 -16.33
N LYS L 61 -7.10 30.55 -17.08
CA LYS L 61 -6.73 31.93 -17.47
C LYS L 61 -6.61 32.84 -16.23
N GLY L 62 -6.02 32.32 -15.15
CA GLY L 62 -5.98 33.04 -13.91
C GLY L 62 -4.78 32.76 -13.03
N PRO L 63 -4.85 33.15 -11.77
CA PRO L 63 -3.70 33.02 -10.87
C PRO L 63 -3.60 31.60 -10.31
N PRO L 64 -2.45 31.23 -9.76
CA PRO L 64 -2.38 29.99 -8.99
C PRO L 64 -3.14 30.10 -7.68
N VAL L 65 -3.85 29.03 -7.35
CA VAL L 65 -4.69 28.96 -6.16
C VAL L 65 -3.81 28.54 -4.99
N ASN L 66 -4.35 28.63 -3.78
CA ASN L 66 -3.62 28.26 -2.57
C ASN L 66 -4.17 26.93 -2.08
N VAL L 67 -3.43 25.86 -2.36
CA VAL L 67 -3.79 24.52 -1.89
C VAL L 67 -3.13 24.34 -0.52
N SER L 68 -3.83 24.85 0.51
CA SER L 68 -3.34 24.76 1.88
C SER L 68 -3.63 23.36 2.42
N CYS L 69 -2.61 22.72 2.98
CA CYS L 69 -2.73 21.34 3.41
C CYS L 69 -2.29 21.15 4.87
N ASN L 70 -2.48 19.94 5.37
CA ASN L 70 -2.16 19.56 6.73
C ASN L 70 -2.04 18.04 6.78
N ILE L 71 -1.21 17.56 7.71
CA ILE L 71 -0.93 16.13 7.81
C ILE L 71 -1.39 15.59 9.16
N PHE L 72 -1.39 14.26 9.31
CA PHE L 72 -1.75 13.60 10.55
C PHE L 72 -1.11 12.23 10.58
N ILE L 73 -0.29 11.97 11.60
CA ILE L 73 0.29 10.63 11.76
C ILE L 73 -0.35 9.94 12.96
N ASN L 74 -0.39 8.61 12.91
CA ASN L 74 -0.92 7.82 14.01
C ASN L 74 0.01 6.73 14.52
N SER L 75 0.87 6.15 13.68
CA SER L 75 1.76 5.07 14.10
C SER L 75 2.95 5.01 13.16
N PHE L 76 4.15 5.16 13.71
CA PHE L 76 5.37 4.98 12.94
C PHE L 76 6.35 4.13 13.73
N GLY L 77 7.04 3.24 13.04
CA GLY L 77 7.99 2.36 13.69
C GLY L 77 8.87 1.69 12.65
N SER L 78 9.69 0.77 13.14
CA SER L 78 10.70 0.02 12.37
C SER L 78 11.65 0.97 11.64
N TYR L 86 12.26 4.23 6.63
CA TYR L 86 11.54 4.30 7.90
C TYR L 86 10.05 4.43 7.62
N ARG L 87 9.26 3.61 8.33
CA ARG L 87 7.86 3.38 8.02
C ARG L 87 6.97 4.30 8.85
N VAL L 88 6.25 5.21 8.18
CA VAL L 88 5.31 6.11 8.82
C VAL L 88 3.98 6.01 8.10
N ASN L 89 2.89 5.91 8.86
CA ASN L 89 1.54 6.04 8.30
C ASN L 89 1.07 7.47 8.46
N ILE L 90 0.69 8.10 7.34
CA ILE L 90 0.35 9.53 7.32
C ILE L 90 -1.07 9.68 6.78
N PHE L 91 -1.90 10.44 7.49
CA PHE L 91 -3.15 10.93 6.95
C PHE L 91 -2.99 12.39 6.54
N LEU L 92 -3.42 12.70 5.32
CA LEU L 92 -3.30 14.05 4.78
C LEU L 92 -4.65 14.75 4.79
N ARG L 93 -4.63 16.07 4.88
CA ARG L 93 -5.80 16.92 4.68
C ARG L 93 -5.40 18.08 3.77
N GLN L 94 -6.37 18.63 3.05
CA GLN L 94 -6.12 19.64 2.03
C GLN L 94 -7.24 20.68 2.05
N GLN L 95 -7.03 21.80 1.36
CA GLN L 95 -8.02 22.85 1.25
C GLN L 95 -7.66 23.77 0.07
N TRP L 96 -8.63 23.95 -0.83
CA TRP L 96 -8.55 24.97 -1.86
C TRP L 96 -9.96 25.46 -2.20
N ASN L 97 -10.12 26.18 -3.31
CA ASN L 97 -11.43 26.67 -3.72
C ASN L 97 -11.46 26.83 -5.24
N ASP L 98 -12.68 26.81 -5.80
CA ASP L 98 -12.95 27.09 -7.21
C ASP L 98 -14.40 27.50 -7.39
N PRO L 99 -14.70 28.38 -8.36
CA PRO L 99 -16.09 28.84 -8.54
C PRO L 99 -17.04 27.80 -9.13
N ARG L 100 -16.53 26.70 -9.68
CA ARG L 100 -17.36 25.72 -10.36
C ARG L 100 -17.82 24.58 -9.45
N LEU L 101 -17.62 24.70 -8.13
CA LEU L 101 -18.11 23.71 -7.18
C LEU L 101 -19.00 24.34 -6.11
N ALA L 102 -19.61 25.48 -6.39
CA ALA L 102 -20.46 26.16 -5.44
C ALA L 102 -21.91 25.72 -5.61
N TYR L 103 -22.69 25.89 -4.54
CA TYR L 103 -24.11 25.54 -4.56
C TYR L 103 -24.83 26.38 -3.53
N ASN L 104 -26.15 26.53 -3.74
CA ASN L 104 -27.01 27.24 -2.79
C ASN L 104 -28.27 26.44 -2.48
N GLU L 105 -28.24 25.13 -2.68
CA GLU L 105 -29.40 24.27 -2.44
C GLU L 105 -29.43 23.73 -1.01
N TYR L 106 -28.28 23.32 -0.49
CA TYR L 106 -28.21 22.73 0.84
C TYR L 106 -27.59 23.73 1.80
N PRO L 107 -28.17 23.91 3.00
CA PRO L 107 -27.67 25.00 3.88
C PRO L 107 -26.35 24.69 4.56
N ASP L 108 -26.07 23.43 4.87
CA ASP L 108 -24.86 23.09 5.61
C ASP L 108 -23.63 23.16 4.72
N ASP L 109 -22.48 23.39 5.35
CA ASP L 109 -21.22 23.41 4.61
C ASP L 109 -20.54 22.04 4.61
N SER L 110 -20.61 21.33 5.72
CA SER L 110 -20.03 19.99 5.81
C SER L 110 -20.91 19.01 5.05
N LEU L 111 -20.46 18.62 3.85
CA LEU L 111 -21.23 17.75 2.96
C LEU L 111 -20.28 16.65 2.48
N ASP L 112 -20.36 15.49 3.13
CA ASP L 112 -19.45 14.38 2.84
C ASP L 112 -19.95 13.48 1.72
N LEU L 113 -19.16 13.38 0.65
CA LEU L 113 -19.40 12.35 -0.35
C LEU L 113 -18.67 11.06 0.06
N ASP L 114 -18.96 9.99 -0.66
CA ASP L 114 -18.22 8.76 -0.44
C ASP L 114 -16.88 8.81 -1.18
N PRO L 115 -15.95 7.87 -0.89
CA PRO L 115 -14.69 7.86 -1.65
C PRO L 115 -14.77 7.40 -3.11
N SER L 116 -15.95 7.22 -3.67
CA SER L 116 -16.06 6.89 -5.09
C SER L 116 -16.24 8.12 -5.98
N MET L 117 -16.12 9.33 -5.41
CA MET L 117 -16.29 10.56 -6.18
C MET L 117 -14.97 11.23 -6.53
N LEU L 118 -13.83 10.54 -6.33
CA LEU L 118 -12.55 11.12 -6.67
C LEU L 118 -12.17 10.94 -8.13
N ASP L 119 -12.98 10.21 -8.89
CA ASP L 119 -12.64 9.96 -10.29
C ASP L 119 -12.85 11.20 -11.16
N SER L 120 -13.67 12.14 -10.71
CA SER L 120 -13.96 13.34 -11.50
C SER L 120 -13.90 14.59 -10.62
N ILE L 121 -12.81 14.74 -9.87
CA ILE L 121 -12.46 16.00 -9.22
C ILE L 121 -11.00 16.29 -9.53
N TRP L 122 -10.65 17.58 -9.44
CA TRP L 122 -9.26 17.97 -9.67
C TRP L 122 -8.40 17.55 -8.48
N LYS L 123 -7.35 16.79 -8.75
CA LYS L 123 -6.45 16.31 -7.73
C LYS L 123 -5.14 17.09 -7.76
N PRO L 124 -4.64 17.51 -6.60
CA PRO L 124 -3.27 18.04 -6.54
C PRO L 124 -2.26 16.93 -6.77
N ASP L 125 -1.40 17.11 -7.77
CA ASP L 125 -0.51 16.05 -8.25
C ASP L 125 0.63 15.87 -7.25
N LEU L 126 0.35 15.09 -6.21
CA LEU L 126 1.31 14.87 -5.15
C LEU L 126 2.00 13.51 -5.30
N PHE L 127 3.24 13.47 -4.81
CA PHE L 127 4.06 12.28 -4.64
C PHE L 127 5.22 12.72 -3.75
N PHE L 128 5.74 11.78 -2.98
CA PHE L 128 6.89 12.06 -2.13
C PHE L 128 8.17 11.96 -2.97
N ALA L 129 9.07 12.93 -2.79
CA ALA L 129 10.36 12.90 -3.46
C ALA L 129 11.35 11.96 -2.79
N ASN L 130 10.96 11.32 -1.68
CA ASN L 130 11.78 10.32 -1.01
C ASN L 130 10.93 9.10 -0.67
N GLU L 131 10.11 8.65 -1.63
CA GLU L 131 9.17 7.56 -1.36
C GLU L 131 9.77 6.20 -1.67
N ASP L 142 -10.79 2.87 -1.43
CA ASP L 142 -9.64 3.75 -1.32
C ASP L 142 -9.94 4.85 -0.30
N ASN L 143 -9.22 4.83 0.83
CA ASN L 143 -9.61 5.63 1.99
C ASN L 143 -9.34 7.12 1.76
N LYS L 144 -10.28 7.79 1.06
CA LYS L 144 -10.14 9.19 0.66
C LYS L 144 -11.48 9.87 0.98
N LEU L 145 -11.53 10.63 2.07
CA LEU L 145 -12.75 11.32 2.44
C LEU L 145 -12.97 12.51 1.50
N LEU L 146 -14.23 12.71 1.10
CA LEU L 146 -14.59 13.85 0.27
C LEU L 146 -15.38 14.86 1.10
N ARG L 147 -15.29 16.13 0.70
CA ARG L 147 -15.94 17.24 1.39
C ARG L 147 -16.08 18.40 0.43
N ILE L 148 -17.28 18.95 0.35
CA ILE L 148 -17.54 20.13 -0.49
C ILE L 148 -18.26 21.17 0.35
N SER L 149 -17.62 22.32 0.57
CA SER L 149 -18.26 23.39 1.33
C SER L 149 -19.17 24.21 0.43
N ARG L 150 -19.83 25.20 1.04
CA ARG L 150 -20.87 25.96 0.34
C ARG L 150 -20.28 26.91 -0.70
N ASN L 151 -19.20 27.62 -0.34
CA ASN L 151 -18.59 28.54 -1.29
C ASN L 151 -17.77 27.80 -2.35
N GLY L 152 -17.31 26.60 -2.03
CA GLY L 152 -16.52 25.84 -2.97
C GLY L 152 -15.26 25.23 -2.37
N ASN L 153 -15.12 25.34 -1.04
CA ASN L 153 -13.96 24.78 -0.38
C ASN L 153 -14.05 23.26 -0.32
N VAL L 154 -12.92 22.60 -0.60
CA VAL L 154 -12.84 21.15 -0.68
C VAL L 154 -11.83 20.67 0.34
N LEU L 155 -12.29 19.95 1.36
CA LEU L 155 -11.40 19.33 2.34
C LEU L 155 -11.13 17.91 1.85
N TYR L 156 -10.21 17.79 0.90
CA TYR L 156 -9.85 16.52 0.31
C TYR L 156 -8.70 15.90 1.08
N SER L 157 -8.61 14.57 1.03
CA SER L 157 -7.67 13.86 1.88
C SER L 157 -7.01 12.71 1.11
N ILE L 158 -5.79 12.38 1.53
CA ILE L 158 -5.03 11.25 1.02
C ILE L 158 -4.53 10.44 2.21
N ARG L 159 -4.73 9.12 2.15
CA ARG L 159 -4.09 8.22 3.09
C ARG L 159 -2.77 7.72 2.50
N ILE L 160 -1.69 7.86 3.27
CA ILE L 160 -0.34 7.56 2.79
C ILE L 160 0.13 6.25 3.39
N THR L 161 0.50 5.31 2.51
CA THR L 161 1.18 4.08 2.89
C THR L 161 2.59 4.03 2.30
N LEU L 162 3.09 5.19 1.87
CA LEU L 162 4.43 5.29 1.31
C LEU L 162 5.49 5.13 2.39
N THR L 163 6.64 4.60 1.99
CA THR L 163 7.75 4.29 2.90
C THR L 163 8.83 5.34 2.71
N LEU L 164 9.03 6.19 3.71
CA LEU L 164 9.96 7.29 3.62
C LEU L 164 11.38 6.83 3.96
N ALA L 165 12.36 7.56 3.44
CA ALA L 165 13.77 7.32 3.71
C ALA L 165 14.39 8.58 4.29
N CYS L 166 15.46 8.43 5.06
CA CYS L 166 15.97 9.52 5.88
C CYS L 166 17.46 9.76 5.66
N PRO L 167 17.86 10.83 4.97
CA PRO L 167 19.28 11.22 4.92
C PRO L 167 19.73 11.89 6.22
N MET L 168 20.07 11.05 7.19
CA MET L 168 20.30 11.49 8.57
C MET L 168 21.77 11.44 8.92
N ASP L 169 22.12 12.12 10.02
CA ASP L 169 23.46 12.07 10.59
C ASP L 169 23.63 10.78 11.36
N LEU L 170 24.49 9.88 10.86
CA LEU L 170 24.65 8.54 11.40
C LEU L 170 25.88 8.42 12.29
N LYS L 171 26.61 9.51 12.52
CA LYS L 171 27.82 9.50 13.33
C LYS L 171 27.54 9.15 14.79
N ASN L 172 26.84 10.03 15.51
CA ASN L 172 26.54 9.81 16.91
C ASN L 172 25.13 9.24 17.09
N PHE L 173 24.93 8.05 16.52
CA PHE L 173 23.68 7.28 16.54
C PHE L 173 23.02 7.08 17.91
N PRO L 174 23.74 6.95 19.04
CA PRO L 174 23.02 7.02 20.33
C PRO L 174 22.50 8.41 20.69
N MET L 175 23.16 9.47 20.23
CA MET L 175 22.85 10.82 20.71
C MET L 175 22.78 11.82 19.56
N ASP L 176 22.03 11.48 18.51
CA ASP L 176 21.84 12.38 17.38
C ASP L 176 20.40 12.84 17.30
N VAL L 177 20.21 14.07 16.83
CA VAL L 177 18.89 14.54 16.43
C VAL L 177 18.60 13.94 15.06
N GLN L 178 17.88 12.82 15.05
CA GLN L 178 17.61 12.06 13.83
C GLN L 178 16.54 12.79 13.02
N THR L 179 16.95 13.84 12.33
CA THR L 179 16.03 14.66 11.55
C THR L 179 15.68 13.98 10.24
N CYS L 180 14.39 13.79 9.99
CA CYS L 180 13.87 13.12 8.80
C CYS L 180 12.84 13.99 8.12
N ILE L 181 12.71 13.81 6.80
CA ILE L 181 12.04 14.79 5.94
C ILE L 181 10.97 14.07 5.13
N MET L 182 9.79 14.72 4.99
CA MET L 182 8.76 14.30 4.05
C MET L 182 8.56 15.44 3.04
N GLN L 183 8.99 15.21 1.80
CA GLN L 183 8.79 16.16 0.72
C GLN L 183 7.40 15.99 0.12
N LEU L 184 6.48 16.87 0.51
CA LEU L 184 5.13 16.90 -0.04
C LEU L 184 5.10 17.93 -1.17
N GLU L 185 5.82 17.62 -2.24
CA GLU L 185 6.06 18.56 -3.32
C GLU L 185 5.33 18.13 -4.60
N SER L 186 5.18 19.06 -5.53
CA SER L 186 4.26 18.97 -6.65
C SER L 186 4.91 18.24 -7.82
N PHE L 187 4.04 17.73 -8.71
CA PHE L 187 4.49 16.97 -9.88
C PHE L 187 4.10 17.63 -11.19
N GLY L 188 2.82 17.97 -11.39
CA GLY L 188 2.30 18.15 -12.72
C GLY L 188 2.08 19.57 -13.24
N TYR L 189 2.48 20.58 -12.48
CA TYR L 189 2.27 21.96 -12.90
C TYR L 189 3.50 22.80 -12.57
N THR L 190 3.65 23.89 -13.31
CA THR L 190 4.56 24.97 -12.93
C THR L 190 3.85 25.89 -11.94
N MET L 191 4.50 27.01 -11.62
CA MET L 191 3.94 27.94 -10.66
C MET L 191 2.94 28.90 -11.31
N ASN L 192 1.87 28.35 -11.88
CA ASN L 192 0.78 29.15 -12.43
C ASN L 192 -0.59 28.58 -12.05
N ASP L 193 -0.64 27.45 -11.34
CA ASP L 193 -1.90 26.81 -10.98
C ASP L 193 -2.04 26.44 -9.52
N LEU L 194 -0.96 26.25 -8.76
CA LEU L 194 -1.07 25.82 -7.38
C LEU L 194 0.14 26.32 -6.58
N ILE L 195 -0.09 26.64 -5.31
CA ILE L 195 0.94 27.12 -4.39
C ILE L 195 0.77 26.36 -3.08
N PHE L 196 1.83 25.68 -2.64
CA PHE L 196 1.80 24.91 -1.41
C PHE L 196 2.04 25.83 -0.21
N GLU L 197 1.01 26.03 0.60
CA GLU L 197 1.13 26.70 1.89
C GLU L 197 0.51 25.82 2.98
N TRP L 198 0.39 26.37 4.18
CA TRP L 198 0.10 25.59 5.38
C TRP L 198 -1.04 26.22 6.16
N GLN L 199 -1.61 25.42 7.05
CA GLN L 199 -2.31 25.98 8.20
C GLN L 199 -1.25 26.60 9.11
N GLU L 200 -1.47 27.86 9.50
CA GLU L 200 -0.40 28.63 10.14
C GLU L 200 -0.11 28.15 11.56
N GLN L 201 -1.08 27.49 12.21
CA GLN L 201 -0.87 26.88 13.51
C GLN L 201 -1.42 25.46 13.49
N GLY L 202 -0.65 24.53 14.04
CA GLY L 202 -1.06 23.14 14.08
C GLY L 202 -0.95 22.44 12.74
N ALA L 203 0.27 22.33 12.21
CA ALA L 203 0.52 21.65 10.95
C ALA L 203 1.00 20.22 11.12
N VAL L 204 1.21 19.76 12.35
CA VAL L 204 1.61 18.39 12.63
C VAL L 204 0.96 17.91 13.92
N GLN L 205 0.31 16.75 13.87
CA GLN L 205 -0.40 16.19 15.01
C GLN L 205 0.09 14.78 15.27
N VAL L 206 0.39 14.50 16.54
CA VAL L 206 0.94 13.21 16.97
C VAL L 206 -0.07 12.56 17.91
N ALA L 207 -0.27 11.24 17.74
CA ALA L 207 -1.15 10.49 18.63
C ALA L 207 -0.58 10.45 20.05
N ASP L 208 -1.48 10.32 21.03
CA ASP L 208 -1.08 10.44 22.43
C ASP L 208 -0.36 9.17 22.92
N GLY L 209 -0.88 8.00 22.56
CA GLY L 209 -0.31 6.75 23.01
C GLY L 209 0.86 6.23 22.21
N LEU L 210 1.38 7.02 21.28
CA LEU L 210 2.46 6.57 20.42
C LEU L 210 3.81 6.89 21.05
N THR L 211 4.24 6.03 21.97
CA THR L 211 5.55 6.14 22.64
C THR L 211 6.28 4.82 22.40
N LEU L 212 6.99 4.73 21.29
CA LEU L 212 7.73 3.55 20.88
C LEU L 212 9.18 3.65 21.36
N PRO L 213 9.87 2.52 21.59
CA PRO L 213 11.27 2.58 22.03
C PRO L 213 12.26 2.99 20.95
N GLN L 214 13.54 2.89 21.31
CA GLN L 214 14.79 3.21 20.58
C GLN L 214 15.03 4.72 20.47
N PHE L 215 14.05 5.53 20.83
CA PHE L 215 14.07 6.99 20.73
C PHE L 215 12.78 7.52 21.36
N ILE L 216 12.64 8.84 21.36
CA ILE L 216 11.37 9.51 21.60
C ILE L 216 11.15 10.52 20.48
N LEU L 217 9.90 10.92 20.30
CA LEU L 217 9.56 11.96 19.34
C LEU L 217 9.42 13.29 20.10
N LYS L 218 10.34 14.21 19.83
CA LYS L 218 10.35 15.49 20.53
C LYS L 218 9.20 16.37 20.05
N GLU L 219 8.84 17.35 20.89
CA GLU L 219 7.64 18.13 20.63
C GLU L 219 7.89 19.19 19.55
N GLU L 220 9.04 19.86 19.58
CA GLU L 220 9.31 20.89 18.58
C GLU L 220 9.75 20.26 17.27
N LYS L 221 9.30 20.84 16.15
CA LYS L 221 9.57 20.31 14.82
C LYS L 221 9.85 21.52 13.91
N ASP L 222 10.93 21.44 13.15
CA ASP L 222 11.27 22.51 12.22
C ASP L 222 10.49 22.32 10.92
N LEU L 223 9.81 23.38 10.50
CA LEU L 223 9.01 23.36 9.28
C LEU L 223 9.35 24.58 8.44
N ARG L 224 9.80 24.32 7.21
CA ARG L 224 10.19 25.38 6.28
C ARG L 224 9.99 24.87 4.85
N TYR L 225 10.53 25.61 3.88
CA TYR L 225 10.34 25.33 2.47
C TYR L 225 11.57 24.62 1.89
N CYS L 226 11.34 23.94 0.76
CA CYS L 226 12.38 23.17 0.08
C CYS L 226 12.33 23.32 -1.44
N THR L 227 12.06 24.53 -1.92
CA THR L 227 11.45 24.76 -3.23
C THR L 227 12.31 24.26 -4.39
N LYS L 228 11.69 23.43 -5.23
CA LYS L 228 12.39 22.63 -6.23
C LYS L 228 12.50 23.39 -7.56
N HIS L 229 13.48 22.98 -8.36
CA HIS L 229 13.77 23.59 -9.66
C HIS L 229 14.21 22.50 -10.63
N TYR L 230 13.32 22.08 -11.52
CA TYR L 230 13.63 21.07 -12.52
C TYR L 230 13.54 21.67 -13.91
N ASN L 231 13.83 20.85 -14.92
CA ASN L 231 13.80 21.33 -16.30
C ASN L 231 12.38 21.50 -16.83
N THR L 232 11.39 20.91 -16.16
CA THR L 232 9.99 21.08 -16.57
C THR L 232 9.51 22.50 -16.26
N GLY L 233 9.90 23.04 -15.11
CA GLY L 233 9.50 24.38 -14.73
C GLY L 233 9.88 24.70 -13.29
N LYS L 234 8.93 25.24 -12.53
CA LYS L 234 9.15 25.61 -11.14
C LYS L 234 8.16 24.84 -10.27
N PHE L 235 8.68 24.06 -9.34
CA PHE L 235 7.86 23.20 -8.50
C PHE L 235 7.87 23.71 -7.07
N THR L 236 6.71 23.64 -6.43
CA THR L 236 6.54 24.06 -5.05
C THR L 236 6.81 22.88 -4.13
N CYS L 237 7.46 23.15 -2.99
CA CYS L 237 7.91 22.10 -2.10
C CYS L 237 7.73 22.55 -0.65
N ILE L 238 7.30 21.63 0.19
CA ILE L 238 7.16 21.86 1.63
C ILE L 238 7.75 20.65 2.36
N GLU L 239 8.20 20.86 3.59
CA GLU L 239 8.83 19.79 4.33
C GLU L 239 8.54 19.89 5.83
N ALA L 240 9.00 18.89 6.59
CA ALA L 240 8.77 18.86 8.04
C ALA L 240 9.93 18.09 8.67
N ARG L 241 10.88 18.82 9.25
CA ARG L 241 12.00 18.20 9.96
C ARG L 241 11.50 17.60 11.27
N PHE L 242 11.63 16.27 11.40
CA PHE L 242 11.17 15.54 12.58
C PHE L 242 12.36 15.30 13.49
N HIS L 243 12.45 16.06 14.59
CA HIS L 243 13.58 15.99 15.50
C HIS L 243 13.43 14.76 16.40
N LEU L 244 13.97 13.64 15.92
CA LEU L 244 14.00 12.40 16.69
C LEU L 244 15.30 12.32 17.48
N GLU L 245 15.20 12.17 18.80
CA GLU L 245 16.36 12.02 19.67
C GLU L 245 16.42 10.59 20.18
N ARG L 246 17.53 9.91 19.87
CA ARG L 246 17.69 8.53 20.30
C ARG L 246 17.96 8.48 21.80
N GLN L 247 17.22 7.61 22.50
CA GLN L 247 17.30 7.55 23.94
C GLN L 247 18.51 6.75 24.40
N MET L 248 18.86 6.94 25.67
CA MET L 248 19.89 6.14 26.33
C MET L 248 19.25 4.89 26.92
N GLY L 249 19.98 4.18 27.77
CA GLY L 249 19.42 2.98 28.39
C GLY L 249 19.76 1.66 27.74
N TYR L 250 19.35 1.45 26.49
CA TYR L 250 19.67 0.20 25.82
C TYR L 250 21.14 0.14 25.42
N TYR L 251 21.62 1.20 24.77
CA TYR L 251 23.00 1.23 24.27
C TYR L 251 24.01 1.30 25.40
N LEU L 252 23.59 1.70 26.61
CA LEU L 252 24.42 1.60 27.79
C LEU L 252 24.43 0.16 28.30
N ILE L 253 23.24 -0.40 28.57
CA ILE L 253 23.16 -1.68 29.26
C ILE L 253 23.51 -2.85 28.33
N GLN L 254 23.14 -2.77 27.05
CA GLN L 254 23.40 -3.90 26.16
C GLN L 254 24.77 -3.82 25.52
N MET L 255 25.18 -2.63 25.07
CA MET L 255 26.42 -2.46 24.31
C MET L 255 27.60 -2.02 25.16
N TYR L 256 27.41 -1.03 26.04
CA TYR L 256 28.55 -0.44 26.73
C TYR L 256 29.00 -1.31 27.91
N ILE L 257 28.09 -1.59 28.84
CA ILE L 257 28.38 -2.30 30.10
C ILE L 257 28.96 -3.70 29.93
N PRO L 258 28.47 -4.60 29.05
CA PRO L 258 29.18 -5.89 28.91
C PRO L 258 30.53 -5.75 28.24
N SER L 259 30.69 -4.77 27.35
CA SER L 259 32.02 -4.45 26.83
C SER L 259 32.84 -3.64 27.82
N LEU L 260 32.18 -2.92 28.74
CA LEU L 260 32.90 -2.35 29.88
C LEU L 260 33.32 -3.45 30.84
N LEU L 261 32.53 -4.53 30.91
CA LEU L 261 32.90 -5.68 31.73
C LEU L 261 34.12 -6.40 31.17
N ILE L 262 34.33 -6.33 29.85
CA ILE L 262 35.54 -6.87 29.25
C ILE L 262 36.76 -6.07 29.71
N VAL L 263 36.59 -4.78 29.98
CA VAL L 263 37.66 -4.00 30.60
C VAL L 263 37.82 -4.41 32.07
N ILE L 264 36.74 -4.87 32.71
CA ILE L 264 36.79 -5.21 34.13
C ILE L 264 37.59 -6.50 34.38
N LEU L 265 37.41 -7.54 33.58
CA LEU L 265 38.23 -8.73 33.75
C LEU L 265 39.58 -8.62 33.03
N SER L 266 39.91 -7.44 32.50
CA SER L 266 41.30 -7.09 32.20
C SER L 266 41.95 -6.29 33.30
N TRP L 267 41.17 -5.76 34.25
CA TRP L 267 41.75 -5.11 35.42
C TRP L 267 42.38 -6.14 36.37
N LEU L 283 44.32 -15.27 29.91
CA LEU L 283 43.50 -14.09 29.68
C LEU L 283 43.65 -13.59 28.25
N GLY L 284 44.91 -13.43 27.79
CA GLY L 284 45.15 -12.77 26.52
C GLY L 284 44.80 -13.59 25.30
N ILE L 285 44.58 -14.90 25.48
CA ILE L 285 44.25 -15.77 24.35
C ILE L 285 42.75 -15.91 24.21
N THR L 286 41.99 -15.27 25.09
CA THR L 286 40.53 -15.30 24.98
C THR L 286 39.85 -13.94 25.13
N THR L 287 40.49 -12.92 25.68
CA THR L 287 39.88 -11.60 25.72
C THR L 287 39.93 -10.90 24.37
N VAL L 288 40.85 -11.33 23.49
CA VAL L 288 40.87 -10.80 22.12
C VAL L 288 39.67 -11.31 21.34
N LEU L 289 39.35 -12.60 21.50
CA LEU L 289 38.16 -13.15 20.85
C LEU L 289 36.88 -12.80 21.60
N THR L 290 37.00 -12.29 22.84
CA THR L 290 35.83 -11.81 23.56
C THR L 290 35.32 -10.50 22.94
N MET L 291 36.25 -9.64 22.50
CA MET L 291 35.88 -8.46 21.75
C MET L 291 35.48 -8.80 20.31
N THR L 292 35.87 -9.97 19.81
CA THR L 292 35.50 -10.36 18.46
C THR L 292 34.03 -10.74 18.38
N THR L 293 33.56 -11.53 19.35
CA THR L 293 32.16 -11.94 19.38
C THR L 293 31.21 -10.82 19.79
N GLN L 294 31.73 -9.70 20.31
CA GLN L 294 30.90 -8.51 20.45
C GLN L 294 30.56 -7.93 19.07
N SER L 295 31.47 -8.05 18.11
CA SER L 295 31.20 -7.57 16.76
C SER L 295 30.33 -8.54 15.99
N SER L 296 30.12 -9.75 16.51
CA SER L 296 29.19 -10.68 15.88
C SER L 296 27.75 -10.22 16.03
N GLY L 297 27.45 -9.49 17.11
CA GLY L 297 26.14 -8.92 17.31
C GLY L 297 26.04 -7.42 17.11
N SER L 298 27.16 -6.75 16.83
CA SER L 298 27.17 -5.31 16.63
C SER L 298 27.66 -4.92 15.23
N ARG L 299 27.68 -5.86 14.30
CA ARG L 299 28.00 -5.56 12.90
C ARG L 299 27.05 -6.21 11.90
N ALA L 300 26.19 -7.14 12.33
CA ALA L 300 25.26 -7.78 11.40
C ALA L 300 24.14 -6.85 10.99
N SER L 301 23.80 -5.87 11.83
CA SER L 301 22.75 -4.90 11.55
C SER L 301 23.26 -3.48 11.74
N ALA L 310 29.93 6.86 17.40
CA ALA L 310 29.97 6.83 18.86
C ALA L 310 30.09 5.41 19.39
N ILE L 311 29.55 4.43 18.65
CA ILE L 311 29.72 3.04 19.04
C ILE L 311 31.03 2.49 18.48
N ASP L 312 31.56 3.13 17.43
CA ASP L 312 32.78 2.66 16.79
C ASP L 312 34.04 3.20 17.45
N ILE L 313 33.97 4.31 18.20
CA ILE L 313 35.10 4.72 19.02
C ILE L 313 35.25 3.79 20.21
N TRP L 314 34.13 3.26 20.70
CA TRP L 314 34.18 2.33 21.82
C TRP L 314 34.66 0.96 21.38
N MET L 315 34.42 0.58 20.12
CA MET L 315 34.98 -0.65 19.58
C MET L 315 36.44 -0.47 19.19
N ALA L 316 36.93 0.76 19.14
CA ALA L 316 38.32 1.03 18.78
C ALA L 316 39.20 1.35 19.98
N VAL L 317 38.67 2.01 21.01
CA VAL L 317 39.49 2.29 22.18
C VAL L 317 39.59 1.05 23.07
N CYS L 318 38.59 0.16 23.00
CA CYS L 318 38.69 -1.11 23.71
C CYS L 318 39.45 -2.13 22.87
N LEU L 319 39.64 -1.84 21.58
CA LEU L 319 40.56 -2.63 20.76
C LEU L 319 42.00 -2.42 21.21
N LEU L 320 42.30 -1.25 21.76
CA LEU L 320 43.59 -0.96 22.37
C LEU L 320 43.65 -1.34 23.84
N PHE L 321 42.52 -1.30 24.55
CA PHE L 321 42.49 -1.68 25.96
C PHE L 321 42.73 -3.17 26.15
N VAL L 322 42.32 -3.99 25.18
CA VAL L 322 42.56 -5.43 25.28
C VAL L 322 44.01 -5.74 24.92
N PHE L 323 44.65 -4.85 24.17
CA PHE L 323 46.06 -5.02 23.81
C PHE L 323 46.99 -4.38 24.83
N SER L 324 46.55 -3.33 25.52
CA SER L 324 47.36 -2.71 26.57
C SER L 324 47.53 -3.65 27.75
N ALA L 325 46.50 -4.44 28.05
CA ALA L 325 46.65 -5.52 29.02
C ALA L 325 47.43 -6.69 28.45
N LEU L 326 47.47 -6.83 27.12
CA LEU L 326 48.27 -7.89 26.51
C LEU L 326 49.73 -7.46 26.36
N LEU L 327 49.98 -6.17 26.19
CA LEU L 327 51.34 -5.63 26.19
C LEU L 327 51.93 -5.53 27.59
N ILE L 425 51.37 1.74 39.62
CA ILE L 425 50.81 2.96 39.03
C ILE L 425 49.73 2.60 38.02
N SER L 426 50.03 1.70 37.09
CA SER L 426 49.08 1.37 36.04
C SER L 426 47.94 0.49 36.51
N ARG L 427 48.01 -0.07 37.72
CA ARG L 427 46.85 -0.72 38.32
C ARG L 427 45.73 0.29 38.58
N ILE L 428 46.10 1.46 39.10
CA ILE L 428 45.18 2.58 39.21
C ILE L 428 45.20 3.40 37.91
N GLY L 429 46.18 3.16 37.03
CA GLY L 429 46.30 3.95 35.81
C GLY L 429 45.22 3.68 34.78
N PHE L 430 44.76 2.44 34.68
CA PHE L 430 43.67 2.15 33.74
C PHE L 430 42.31 2.73 34.15
N PRO L 431 41.91 2.83 35.43
CA PRO L 431 40.78 3.71 35.75
C PRO L 431 41.13 5.19 35.78
N MET L 432 42.39 5.58 35.57
CA MET L 432 42.73 6.97 35.30
C MET L 432 42.88 7.23 33.80
N ALA L 433 43.27 6.22 33.03
CA ALA L 433 43.21 6.33 31.58
C ALA L 433 41.78 6.24 31.06
N PHE L 434 40.88 5.66 31.85
CA PHE L 434 39.45 5.72 31.58
C PHE L 434 38.82 7.00 32.10
N LEU L 435 39.41 7.62 33.13
CA LEU L 435 38.86 8.84 33.69
C LEU L 435 39.04 10.02 32.73
N ILE L 436 40.07 9.96 31.89
CA ILE L 436 40.21 10.97 30.83
C ILE L 436 39.30 10.63 29.66
N PHE L 437 38.83 9.38 29.60
CA PHE L 437 37.90 8.96 28.56
C PHE L 437 36.45 8.96 29.02
N ASN L 438 36.21 8.94 30.33
CA ASN L 438 34.86 8.90 30.90
C ASN L 438 34.09 10.17 30.56
N MET L 439 34.62 11.32 30.97
CA MET L 439 33.98 12.60 30.63
C MET L 439 34.18 12.97 29.17
N PHE L 440 35.12 12.34 28.47
CA PHE L 440 35.32 12.57 27.05
C PHE L 440 34.10 12.14 26.23
N TYR L 441 33.36 11.15 26.70
CA TYR L 441 32.08 10.77 26.10
C TYR L 441 31.00 11.78 26.45
N TRP L 442 31.02 12.29 27.69
CA TRP L 442 29.94 13.15 28.15
C TRP L 442 30.09 14.59 27.66
N ILE L 443 31.31 15.02 27.35
CA ILE L 443 31.50 16.38 26.84
C ILE L 443 31.05 16.48 25.39
N ILE L 444 31.48 15.52 24.55
CA ILE L 444 31.18 15.60 23.13
C ILE L 444 29.72 15.20 22.85
N TYR L 445 29.27 14.09 23.42
CA TYR L 445 28.01 13.47 23.03
C TYR L 445 26.87 13.89 23.95
N LYS L 446 26.93 15.12 24.46
CA LYS L 446 25.80 15.74 25.15
C LYS L 446 25.03 16.67 24.24
N ILE L 447 25.40 16.73 22.95
CA ILE L 447 24.74 17.61 22.00
C ILE L 447 23.94 16.78 21.01
C1 NAG M . -23.04 -34.23 -9.74
C2 NAG M . -22.42 -35.67 -9.70
C3 NAG M . -22.77 -36.49 -10.96
C4 NAG M . -24.25 -36.40 -11.30
C5 NAG M . -24.70 -34.93 -11.32
C6 NAG M . -26.18 -34.77 -11.58
C7 NAG M . -19.84 -35.34 -9.89
C8 NAG M . -19.88 -34.56 -11.21
N2 NAG M . -21.00 -35.76 -9.33
O3 NAG M . -22.38 -37.85 -10.75
O4 NAG M . -24.45 -36.91 -12.62
O5 NAG M . -24.43 -34.32 -10.04
O6 NAG M . -26.45 -33.58 -12.31
O7 NAG M . -18.76 -35.57 -9.35
C1 NAG M . -25.02 -38.23 -12.65
C2 NAG M . -24.22 -38.99 -13.71
C3 NAG M . -24.75 -40.41 -13.86
C4 NAG M . -24.79 -41.12 -12.51
C5 NAG M . -25.51 -40.26 -11.45
C6 NAG M . -25.37 -40.83 -10.05
C7 NAG M . -25.23 -37.96 -15.78
C8 NAG M . -24.88 -37.24 -17.05
N2 NAG M . -24.18 -38.29 -14.99
O3 NAG M . -23.91 -41.13 -14.76
O4 NAG M . -25.52 -42.34 -12.63
O5 NAG M . -24.95 -38.94 -11.41
O6 NAG M . -24.04 -41.27 -9.81
O7 NAG M . -26.40 -38.23 -15.50
C1 BMA M . -24.66 -43.50 -12.57
C2 BMA M . -25.50 -44.70 -12.11
C3 BMA M . -24.65 -45.98 -12.14
C4 BMA M . -23.95 -46.15 -13.50
C5 BMA M . -23.18 -44.88 -13.88
C6 BMA M . -22.59 -44.99 -15.29
O2 BMA M . -26.59 -44.92 -12.98
O3 BMA M . -25.43 -47.14 -11.83
O4 BMA M . -23.05 -47.23 -13.45
O5 BMA M . -24.09 -43.75 -13.86
O6 BMA M . -22.09 -46.31 -15.44
C1 MAN M . -25.06 -47.63 -10.53
C2 MAN M . -24.04 -48.80 -10.71
C3 MAN M . -24.75 -50.03 -11.25
C4 MAN M . -25.96 -50.40 -10.37
C5 MAN M . -26.92 -49.20 -10.31
C6 MAN M . -28.09 -49.44 -9.40
O2 MAN M . -23.46 -49.19 -9.48
O3 MAN M . -23.88 -51.14 -11.38
O4 MAN M . -26.63 -51.52 -10.92
O5 MAN M . -26.21 -48.05 -9.80
O6 MAN M . -27.58 -49.77 -8.11
C1 MAN M . -22.23 -46.74 -16.81
C2 MAN M . -23.56 -47.51 -16.95
C3 MAN M . -23.45 -48.90 -16.29
C4 MAN M . -22.20 -49.66 -16.78
C5 MAN M . -20.96 -48.80 -16.51
C6 MAN M . -19.68 -49.43 -17.00
O2 MAN M . -23.89 -47.75 -18.31
O3 MAN M . -24.61 -49.68 -16.49
O4 MAN M . -22.08 -50.90 -16.10
O5 MAN M . -21.11 -47.52 -17.19
O6 MAN M . -18.66 -48.44 -16.97
C1 NAG N . -29.00 0.80 15.13
C2 NAG N . -30.19 0.65 14.14
C3 NAG N . -31.26 -0.28 14.69
C4 NAG N . -30.65 -1.61 15.11
C5 NAG N . -29.57 -1.36 16.16
C6 NAG N . -28.85 -2.62 16.61
C7 NAG N . -30.73 2.51 12.58
C8 NAG N . -30.00 1.76 11.51
N2 NAG N . -30.77 1.95 13.79
O3 NAG N . -32.20 -0.53 13.65
O4 NAG N . -31.66 -2.54 15.51
O5 NAG N . -28.56 -0.51 15.58
O6 NAG N . -28.65 -2.62 18.01
O7 NAG N . -31.27 3.59 12.35
C1 NAG N . -32.47 -2.24 16.66
C2 NAG N . -33.96 -2.53 16.40
C3 NAG N . -34.77 -2.47 17.69
C4 NAG N . -34.16 -3.31 18.80
C5 NAG N . -32.70 -2.91 18.98
C6 NAG N . -31.97 -3.77 19.98
C7 NAG N . -34.72 -0.36 15.40
C8 NAG N . -35.38 0.23 14.20
N2 NAG N . -34.54 -1.69 15.35
O3 NAG N . -36.10 -2.90 17.40
O4 NAG N . -34.84 -3.06 20.03
O5 NAG N . -32.00 -3.05 17.74
O6 NAG N . -30.62 -4.01 19.58
O7 NAG N . -34.34 0.35 16.34
C1 BMA N . -35.76 -4.12 20.39
C2 BMA N . -36.09 -3.96 21.91
C3 BMA N . -37.26 -4.87 22.29
C4 BMA N . -38.45 -4.69 21.35
C5 BMA N . -37.99 -5.01 19.94
C6 BMA N . -39.10 -4.88 18.92
O2 BMA N . -36.49 -2.63 22.20
O3 BMA N . -37.64 -4.69 23.65
O4 BMA N . -39.52 -5.56 21.70
O5 BMA N . -36.95 -4.06 19.58
O6 BMA N . -39.50 -3.51 18.85
C1 MAN N . -37.54 -5.96 24.33
C2 MAN N . -38.20 -5.80 25.76
C3 MAN N . -37.19 -5.24 26.79
C4 MAN N . -35.87 -5.99 26.72
C5 MAN N . -35.29 -5.79 25.33
C6 MAN N . -33.93 -6.41 25.14
O2 MAN N . -38.62 -7.06 26.28
O3 MAN N . -37.70 -5.26 28.11
O4 MAN N . -34.97 -5.47 27.69
O5 MAN N . -36.18 -6.42 24.37
O6 MAN N . -33.55 -6.21 23.79
C1 NAG O . -4.24 30.70 0.61
C2 NAG O . -4.01 32.20 0.39
C3 NAG O . -5.29 32.87 -0.08
C4 NAG O . -6.46 32.52 0.83
C5 NAG O . -6.65 31.01 0.90
C6 NAG O . -7.95 30.55 0.29
C7 NAG O . -2.26 33.18 1.80
C8 NAG O . -1.94 33.82 3.11
N2 NAG O . -3.52 32.82 1.62
O3 NAG O . -5.59 32.46 -1.42
O4 NAG O . -6.16 32.98 2.14
O5 NAG O . -5.60 30.34 0.19
O6 NAG O . -8.35 31.40 -0.78
O7 NAG O . -1.40 33.02 0.94
C1 NAG O . -7.35 33.64 2.59
C2 NAG O . -7.08 34.18 4.00
C3 NAG O . -8.28 34.96 4.51
C4 NAG O . -8.70 36.04 3.51
C5 NAG O . -8.86 35.45 2.11
C6 NAG O . -9.07 36.50 1.05
C7 NAG O . -7.37 32.03 5.30
C8 NAG O . -6.68 31.13 6.27
N2 NAG O . -6.67 33.13 4.93
O3 NAG O . -7.94 35.55 5.76
O4 NAG O . -9.94 36.60 3.91
O5 NAG O . -7.67 34.73 1.73
O6 NAG O . -8.05 37.50 1.10
O7 NAG O . -8.50 31.79 4.88
C1 BMA O . -9.74 37.97 4.34
C2 BMA O . -10.85 38.85 3.65
C3 BMA O . -10.85 40.27 4.24
C4 BMA O . -10.79 40.27 5.78
C5 BMA O . -9.59 39.42 6.24
C6 BMA O . -9.43 39.40 7.74
O2 BMA O . -12.13 38.31 3.85
O3 BMA O . -11.99 41.00 3.80
O4 BMA O . -10.64 41.60 6.26
O5 BMA O . -9.81 38.08 5.77
O6 BMA O . -9.53 40.76 8.12
C1 MAN O . -8.91 41.02 9.40
C2 MAN O . -9.43 42.42 9.77
C3 MAN O . -8.88 43.43 8.76
C4 MAN O . -7.34 43.39 8.73
C5 MAN O . -6.86 41.97 8.40
C6 MAN O . -5.35 41.81 8.53
O2 MAN O . -8.96 42.84 11.03
O3 MAN O . -9.33 44.74 9.05
O4 MAN O . -6.86 44.29 7.75
O5 MAN O . -7.49 41.01 9.31
O6 MAN O . -5.07 41.05 9.71
C1 MAN O . -4.44 41.91 10.68
C2 MAN O . -3.20 41.16 11.26
C3 MAN O . -3.35 40.99 12.79
C4 MAN O . -4.72 40.42 13.21
C5 MAN O . -5.88 41.12 12.44
C6 MAN O . -6.96 41.63 13.36
O2 MAN O . -1.97 41.89 11.06
O3 MAN O . -3.09 42.22 13.47
O4 MAN O . -4.76 39.02 12.96
O5 MAN O . -5.36 42.24 11.69
O6 MAN O . -6.79 43.03 13.52
C1 MAN O . -0.88 40.96 11.23
C2 MAN O . 0.35 41.71 11.84
C3 MAN O . 1.69 41.07 11.39
C4 MAN O . 1.58 39.56 11.14
C5 MAN O . 0.56 39.32 9.99
C6 MAN O . -0.06 37.93 9.98
O2 MAN O . 0.35 41.65 13.26
O3 MAN O . 2.74 41.34 12.32
O4 MAN O . 2.84 39.01 10.79
O5 MAN O . -0.54 40.33 9.98
O6 MAN O . -0.55 37.65 11.29
C1 MAN P . 19.74 28.33 -39.77
C2 MAN P . 20.44 29.75 -39.91
C3 MAN P . 19.45 30.87 -40.30
C4 MAN P . 18.48 30.41 -41.38
C5 MAN P . 17.74 29.17 -40.91
C6 MAN P . 16.70 28.68 -41.89
O2 MAN P . 21.45 29.73 -40.92
O3 MAN P . 20.11 32.08 -40.69
O4 MAN P . 17.56 31.45 -41.63
O5 MAN P . 18.71 28.12 -40.75
O6 MAN P . 16.16 27.45 -41.40
C1 MAN Q . 22.78 29.71 -40.34
C2 MAN Q . 23.64 28.72 -41.19
C3 MAN Q . 24.66 27.97 -40.31
C4 MAN Q . 25.25 28.88 -39.22
C5 MAN Q . 24.12 29.32 -38.26
C6 MAN Q . 24.33 30.68 -37.64
O2 MAN Q . 24.41 29.41 -42.17
O3 MAN Q . 25.70 27.39 -41.09
O4 MAN Q . 26.27 28.21 -38.49
O5 MAN Q . 22.81 29.35 -38.94
O6 MAN Q . 25.72 30.97 -37.64
C1 BMA R . 20.07 24.70 -37.29
C2 BMA R . 19.18 25.86 -37.91
C3 BMA R . 19.98 27.15 -37.86
C4 BMA R . 20.46 27.46 -36.42
C5 BMA R . 21.29 26.24 -35.91
C6 BMA R . 21.93 26.42 -34.55
O2 BMA R . 18.00 26.09 -37.18
O3 BMA R . 19.26 28.22 -38.40
O4 BMA R . 21.25 28.63 -36.41
O5 BMA R . 20.43 25.07 -35.92
O6 BMA R . 23.07 27.28 -34.74
C1 MAN S . 27.03 24.97 -30.74
C2 MAN S . 26.87 25.88 -29.47
C3 MAN S . 27.50 27.26 -29.70
C4 MAN S . 28.91 27.16 -30.31
C5 MAN S . 28.87 26.31 -31.59
C6 MAN S . 30.23 26.11 -32.20
O2 MAN S . 27.56 25.34 -28.35
O3 MAN S . 27.55 28.02 -28.50
O4 MAN S . 29.39 28.45 -30.63
O5 MAN S . 28.35 25.00 -31.25
O6 MAN S . 30.07 25.25 -33.32
C1 NAG T . 16.37 16.13 -33.01
C2 NAG T . 17.59 17.02 -32.70
C3 NAG T . 17.23 18.48 -32.95
C4 NAG T . 16.64 18.69 -34.34
C5 NAG T . 15.47 17.73 -34.58
C6 NAG T . 14.92 17.76 -35.98
C7 NAG T . 19.34 16.70 -30.98
C8 NAG T . 20.36 16.68 -32.09
N2 NAG T . 18.06 16.85 -31.34
O3 NAG T . 18.41 19.28 -32.79
O4 NAG T . 16.17 20.03 -34.47
O5 NAG T . 15.91 16.37 -34.34
O6 NAG T . 14.29 19.00 -36.28
O7 NAG T . 19.67 16.56 -29.80
C1 NAG U . 17.01 20.73 -35.40
C2 NAG U . 16.30 22.02 -35.81
C3 NAG U . 17.17 22.80 -36.79
C4 NAG U . 18.58 23.00 -36.26
C5 NAG U . 19.18 21.69 -35.70
C6 NAG U . 20.46 21.89 -34.92
C7 NAG U . 13.82 22.09 -35.85
C8 NAG U . 13.89 22.86 -34.55
N2 NAG U . 15.00 21.73 -36.39
O3 NAG U . 16.55 24.06 -37.03
O4 NAG U . 19.37 23.42 -37.37
O5 NAG U . 18.26 21.06 -34.80
O6 NAG U . 20.30 21.45 -33.57
O7 NAG U . 12.75 21.81 -36.38
C1 MAN V . 24.32 26.60 -34.40
C2 MAN V . 25.35 26.89 -35.56
C3 MAN V . 26.32 25.71 -35.78
C4 MAN V . 26.68 25.01 -34.46
C5 MAN V . 25.39 24.42 -33.83
C6 MAN V . 25.45 24.28 -32.30
O2 MAN V . 26.17 28.03 -35.25
O3 MAN V . 27.50 26.13 -36.46
O4 MAN V . 27.60 23.98 -34.71
O5 MAN V . 24.16 25.19 -34.19
O6 MAN V . 26.10 25.43 -31.75
#